data_6AJL
#
_entry.id   6AJL
#
_cell.length_a   194.550
_cell.length_b   105.290
_cell.length_c   117.890
_cell.angle_alpha   90.00
_cell.angle_beta   90.00
_cell.angle_gamma   90.00
#
_symmetry.space_group_name_H-M   'P 21 21 2'
#
loop_
_entity.id
_entity.type
_entity.pdbx_description
1 polymer 'Dedicator of cytokinesis protein 7'
2 polymer 'Cell division control protein 42 homolog'
#
loop_
_entity_poly.entity_id
_entity_poly.type
_entity_poly.pdbx_seq_one_letter_code
_entity_poly.pdbx_strand_id
1 'polypeptide(L)'
;GSSGSSGSTGWERMFGTYFRVGFYGTKFGDLDEQEFVYKEPAYTKLAEISHRLEGFYGERFGEDVVEVIKDSNPVDKCKL
DPNKAYIQITYVEPYFDTYEMKDRITYFDKNYNLRRFMYCTPFTLDGRAHGELHEQFKRKTILTTSHAFPYIKTRVNVTH
KEEIILTPIEVAIEDMQKKTQELAFATHQDPADPKMLQMVLQGSVGTTVNQGPLEVAQVFLSEIPSDPKLFRHHNKLRLC
FKDFTKRCEDALRKNKSLIGPDQKEYQRELERNYHRLKEALQPLINRKIP
;
A,C,E,G
2 'polypeptide(L)'
;GSSGSSGMQTIKCVVVGDGAVGKTCLLISYTTNKFPSEYVPTVFDNYAVTVMIGGEPYTLGLFDTAGQEDYDRLRPLSYP
QTDVFLVCFSVVSPSSFENVKEKWVPEITHHCPKTPFLLVGTQIDLRDDPSTIEKLAKNKQKPITPETAEKLARDLKAVK
YVECSALTQKGLKNVFDEAILAALEPPEPKKSRRS
;
B,D,F,H
#
# COMPACT_ATOMS: atom_id res chain seq x y z
N GLU A 12 -33.49 -7.07 -5.57
CA GLU A 12 -34.93 -7.32 -5.86
C GLU A 12 -35.55 -6.20 -6.70
N ARG A 13 -34.72 -5.56 -7.51
CA ARG A 13 -35.25 -4.79 -8.62
C ARG A 13 -34.73 -5.47 -9.89
N MET A 14 -35.10 -6.76 -9.97
CA MET A 14 -35.66 -7.33 -11.18
C MET A 14 -37.06 -6.81 -11.43
N PHE A 15 -37.77 -6.42 -10.37
CA PHE A 15 -39.14 -5.93 -10.49
C PHE A 15 -39.26 -4.45 -10.80
N GLY A 16 -38.25 -3.66 -10.45
CA GLY A 16 -38.36 -2.21 -10.54
C GLY A 16 -38.73 -1.60 -9.20
N THR A 17 -38.81 -0.28 -9.20
CA THR A 17 -38.91 0.46 -7.95
C THR A 17 -40.29 1.10 -7.84
N TYR A 18 -40.95 0.92 -6.68
CA TYR A 18 -42.35 1.30 -6.54
C TYR A 18 -42.52 2.23 -5.35
N PHE A 19 -43.22 3.33 -5.55
CA PHE A 19 -43.64 4.20 -4.45
C PHE A 19 -45.16 4.38 -4.45
N ARG A 20 -45.70 4.49 -3.23
CA ARG A 20 -47.05 5.02 -3.04
C ARG A 20 -47.03 6.52 -3.18
N VAL A 21 -48.07 7.07 -3.81
CA VAL A 21 -48.20 8.51 -3.95
C VAL A 21 -49.63 8.90 -3.63
N GLY A 22 -49.80 9.72 -2.59
CA GLY A 22 -51.10 10.23 -2.19
C GLY A 22 -51.20 11.71 -2.53
N PHE A 23 -52.35 12.09 -3.11
CA PHE A 23 -52.62 13.47 -3.48
C PHE A 23 -53.70 14.05 -2.56
N TYR A 24 -53.35 15.13 -1.87
CA TYR A 24 -54.15 15.72 -0.80
C TYR A 24 -54.28 17.21 -1.07
N GLY A 25 -55.52 17.65 -1.30
CA GLY A 25 -55.78 19.04 -1.60
C GLY A 25 -56.69 19.27 -2.78
N THR A 26 -57.57 20.27 -2.63
CA THR A 26 -58.51 20.66 -3.69
C THR A 26 -57.79 21.21 -4.92
N LYS A 27 -56.58 21.75 -4.73
CA LYS A 27 -55.86 22.30 -5.87
C LYS A 27 -55.36 21.23 -6.83
N PHE A 28 -55.50 19.94 -6.49
CA PHE A 28 -55.13 18.85 -7.37
C PHE A 28 -56.26 18.43 -8.32
N GLY A 29 -57.40 19.11 -8.25
CA GLY A 29 -58.50 18.79 -9.12
C GLY A 29 -58.92 17.37 -8.90
N ASP A 30 -58.83 16.56 -9.94
CA ASP A 30 -59.36 15.20 -9.84
C ASP A 30 -58.42 14.24 -9.14
N LEU A 31 -57.22 14.67 -8.78
CA LEU A 31 -56.31 13.78 -8.06
C LEU A 31 -56.60 13.74 -6.55
N ASP A 32 -57.09 14.84 -5.98
CA ASP A 32 -57.40 14.93 -4.55
C ASP A 32 -58.02 13.64 -4.04
N GLU A 33 -57.53 13.15 -2.91
CA GLU A 33 -57.97 11.90 -2.26
C GLU A 33 -57.85 10.69 -3.18
N GLN A 34 -57.00 10.76 -4.19
CA GLN A 34 -56.59 9.56 -4.92
C GLN A 34 -55.16 9.19 -4.53
N GLU A 35 -54.86 7.90 -4.65
CA GLU A 35 -53.61 7.38 -4.11
C GLU A 35 -53.08 6.34 -5.08
N PHE A 36 -51.93 6.60 -5.65
CA PHE A 36 -51.39 5.68 -6.64
C PHE A 36 -50.20 4.89 -6.07
N VAL A 37 -49.84 3.85 -6.80
CA VAL A 37 -48.54 3.21 -6.70
C VAL A 37 -47.82 3.46 -8.02
N TYR A 38 -46.75 4.26 -7.96
CA TYR A 38 -45.95 4.59 -9.12
C TYR A 38 -44.91 3.50 -9.36
N LYS A 39 -44.58 3.26 -10.64
CA LYS A 39 -43.55 2.29 -11.01
C LYS A 39 -42.41 3.03 -11.71
N GLU A 40 -41.30 3.17 -11.00
CA GLU A 40 -40.10 3.79 -11.52
C GLU A 40 -39.10 2.74 -12.00
N PRO A 41 -38.10 3.17 -12.78
CA PRO A 41 -36.97 2.29 -13.09
C PRO A 41 -36.26 1.78 -11.84
N ALA A 42 -35.51 0.70 -12.03
CA ALA A 42 -34.83 0.06 -10.92
C ALA A 42 -33.81 1.00 -10.28
N TYR A 43 -33.68 0.89 -8.96
CA TYR A 43 -32.77 1.69 -8.13
C TYR A 43 -33.10 3.17 -8.13
N THR A 44 -34.32 3.55 -8.50
CA THR A 44 -34.73 4.94 -8.32
C THR A 44 -34.87 5.24 -6.82
N LYS A 45 -34.30 6.37 -6.40
CA LYS A 45 -34.17 6.71 -4.99
C LYS A 45 -35.28 7.67 -4.60
N LEU A 46 -35.62 7.66 -3.31
CA LEU A 46 -36.68 8.53 -2.77
C LEU A 46 -36.44 9.99 -3.09
N ALA A 47 -35.19 10.45 -2.98
CA ALA A 47 -34.90 11.82 -3.40
C ALA A 47 -35.42 12.08 -4.81
N GLU A 48 -35.17 11.15 -5.73
CA GLU A 48 -35.44 11.42 -7.15
C GLU A 48 -36.91 11.74 -7.39
N ILE A 49 -37.81 10.79 -7.09
CA ILE A 49 -39.23 11.00 -7.35
C ILE A 49 -39.74 12.21 -6.58
N SER A 50 -39.32 12.37 -5.33
CA SER A 50 -39.82 13.46 -4.52
C SER A 50 -39.33 14.80 -5.02
N HIS A 51 -38.11 14.85 -5.57
CA HIS A 51 -37.69 16.04 -6.29
C HIS A 51 -38.67 16.33 -7.44
N ARG A 52 -38.97 15.31 -8.25
CA ARG A 52 -39.80 15.52 -9.44
C ARG A 52 -41.21 15.98 -9.10
N LEU A 53 -41.92 15.25 -8.24
CA LEU A 53 -43.30 15.61 -7.93
C LEU A 53 -43.42 16.94 -7.20
N GLU A 54 -42.41 17.33 -6.42
CA GLU A 54 -42.46 18.67 -5.87
C GLU A 54 -42.07 19.70 -6.91
N GLY A 55 -41.08 19.37 -7.73
CA GLY A 55 -40.67 20.25 -8.80
C GLY A 55 -41.77 20.53 -9.80
N PHE A 56 -42.65 19.56 -10.04
CA PHE A 56 -43.65 19.72 -11.10
C PHE A 56 -44.87 20.50 -10.63
N TYR A 57 -45.30 20.29 -9.38
CA TYR A 57 -46.34 21.09 -8.78
C TYR A 57 -45.81 22.36 -8.14
N GLY A 58 -44.48 22.48 -8.00
CA GLY A 58 -43.90 23.78 -7.76
C GLY A 58 -44.09 24.71 -8.94
N GLU A 59 -43.62 24.29 -10.12
CA GLU A 59 -43.76 25.08 -11.35
C GLU A 59 -45.17 25.55 -11.61
N ARG A 60 -46.17 24.99 -10.94
CA ARG A 60 -47.55 25.27 -11.31
C ARG A 60 -48.31 26.01 -10.23
N PHE A 61 -48.24 25.57 -8.99
CA PHE A 61 -49.03 26.26 -7.98
C PHE A 61 -48.23 27.36 -7.27
N GLY A 62 -46.90 27.41 -7.46
CA GLY A 62 -46.03 28.27 -6.68
C GLY A 62 -45.25 27.49 -5.63
N GLU A 63 -43.92 27.63 -5.64
CA GLU A 63 -43.02 26.80 -4.84
C GLU A 63 -43.51 26.60 -3.40
N ASP A 64 -44.13 27.62 -2.85
CA ASP A 64 -44.46 27.73 -1.44
C ASP A 64 -45.79 27.11 -1.02
N VAL A 65 -46.52 26.45 -1.94
CA VAL A 65 -47.74 25.71 -1.57
C VAL A 65 -47.57 24.21 -1.76
N VAL A 66 -46.51 23.77 -2.44
CA VAL A 66 -46.17 22.36 -2.61
C VAL A 66 -45.49 21.91 -1.32
N GLU A 67 -46.25 21.33 -0.41
CA GLU A 67 -45.66 20.73 0.78
C GLU A 67 -45.74 19.22 0.68
N VAL A 68 -44.65 18.57 1.09
CA VAL A 68 -44.40 17.14 0.89
C VAL A 68 -44.44 16.45 2.24
N ILE A 69 -45.39 15.53 2.42
CA ILE A 69 -45.59 14.84 3.68
C ILE A 69 -44.47 13.83 3.91
N LYS A 70 -43.45 14.23 4.67
CA LYS A 70 -42.30 13.38 4.96
C LYS A 70 -42.66 12.40 6.09
N ASP A 71 -43.54 11.45 5.74
CA ASP A 71 -44.25 10.62 6.71
C ASP A 71 -44.62 9.31 6.02
N SER A 72 -45.37 8.46 6.73
CA SER A 72 -45.96 7.24 6.18
C SER A 72 -47.17 6.78 6.99
N ASN A 73 -47.38 7.39 8.15
CA ASN A 73 -48.62 7.19 8.88
C ASN A 73 -49.78 7.66 8.02
N PRO A 74 -50.90 6.95 8.02
CA PRO A 74 -52.04 7.33 7.17
C PRO A 74 -52.41 8.79 7.37
N VAL A 75 -52.74 9.45 6.26
CA VAL A 75 -53.03 10.86 6.33
C VAL A 75 -54.39 11.03 7.00
N ASP A 76 -54.41 11.75 8.10
CA ASP A 76 -55.67 12.23 8.67
C ASP A 76 -55.98 13.57 8.01
N LYS A 77 -57.19 13.68 7.47
CA LYS A 77 -57.50 14.79 6.57
C LYS A 77 -57.49 16.12 7.29
N CYS A 78 -57.77 16.12 8.60
CA CYS A 78 -57.97 17.35 9.36
C CYS A 78 -56.69 18.17 9.49
N LYS A 79 -55.64 17.57 10.05
CA LYS A 79 -54.40 18.25 10.47
C LYS A 79 -53.82 19.07 9.33
N LEU A 80 -54.36 18.86 8.13
CA LEU A 80 -53.82 19.42 6.89
C LEU A 80 -54.48 20.76 6.62
N ASP A 81 -53.66 21.81 6.53
CA ASP A 81 -54.02 23.11 5.99
C ASP A 81 -54.74 22.88 4.68
N PRO A 82 -56.04 23.18 4.58
CA PRO A 82 -56.75 23.00 3.30
C PRO A 82 -56.31 23.94 2.18
N ASN A 83 -55.55 24.99 2.48
CA ASN A 83 -55.01 25.86 1.44
C ASN A 83 -53.85 25.21 0.68
N LYS A 84 -53.10 24.31 1.31
CA LYS A 84 -51.88 23.74 0.74
C LYS A 84 -52.15 22.43 0.01
N ALA A 85 -51.23 22.10 -0.93
CA ALA A 85 -51.30 20.90 -1.75
C ALA A 85 -50.26 19.89 -1.26
N TYR A 86 -50.74 18.79 -0.69
CA TYR A 86 -49.91 17.85 0.04
C TYR A 86 -49.71 16.58 -0.79
N ILE A 87 -48.45 16.16 -0.93
CA ILE A 87 -48.07 14.90 -1.55
C ILE A 87 -47.35 14.05 -0.53
N GLN A 88 -47.92 12.89 -0.20
CA GLN A 88 -47.24 11.90 0.61
C GLN A 88 -46.55 10.92 -0.33
N ILE A 89 -45.26 10.64 -0.09
CA ILE A 89 -44.50 9.67 -0.89
C ILE A 89 -43.84 8.63 0.00
N THR A 90 -44.06 7.36 -0.32
CA THR A 90 -43.51 6.28 0.49
C THR A 90 -43.00 5.15 -0.40
N TYR A 91 -41.75 4.76 -0.20
CA TYR A 91 -41.19 3.63 -0.92
C TYR A 91 -41.92 2.38 -0.50
N VAL A 92 -42.17 1.50 -1.47
CA VAL A 92 -42.88 0.25 -1.21
C VAL A 92 -42.22 -0.89 -1.97
N GLU A 93 -42.46 -2.10 -1.48
CA GLU A 93 -42.00 -3.33 -2.07
C GLU A 93 -43.16 -4.23 -2.44
N PRO A 94 -43.08 -4.90 -3.58
CA PRO A 94 -44.09 -5.92 -3.95
C PRO A 94 -44.28 -6.99 -2.86
N TYR A 95 -45.54 -7.18 -2.44
CA TYR A 95 -45.92 -8.10 -1.36
C TYR A 95 -46.55 -9.36 -1.94
N PHE A 96 -46.09 -10.53 -1.46
CA PHE A 96 -46.40 -11.84 -2.02
C PHE A 96 -46.96 -12.81 -0.98
N ASP A 97 -47.83 -13.73 -1.42
CA ASP A 97 -48.10 -14.94 -0.63
C ASP A 97 -46.83 -15.73 -0.39
N THR A 98 -46.88 -16.61 0.61
CA THR A 98 -45.83 -17.61 0.72
C THR A 98 -45.91 -18.59 -0.46
N TYR A 99 -47.12 -18.75 -1.01
CA TYR A 99 -47.32 -19.54 -2.22
C TYR A 99 -46.89 -18.77 -3.47
N GLU A 100 -47.36 -17.50 -3.60
CA GLU A 100 -46.87 -16.58 -4.64
C GLU A 100 -45.34 -16.51 -4.69
N MET A 101 -44.69 -16.42 -3.52
CA MET A 101 -43.24 -16.26 -3.51
C MET A 101 -42.55 -17.51 -4.00
N LYS A 102 -42.97 -18.68 -3.48
CA LYS A 102 -42.35 -19.96 -3.84
C LYS A 102 -42.21 -20.14 -5.35
N ASP A 103 -43.26 -19.79 -6.10
CA ASP A 103 -43.20 -19.92 -7.55
C ASP A 103 -42.30 -18.88 -8.19
N ARG A 104 -42.12 -17.71 -7.54
CA ARG A 104 -41.12 -16.77 -8.05
C ARG A 104 -39.68 -17.27 -7.85
N ILE A 105 -39.50 -18.44 -7.24
CA ILE A 105 -38.19 -19.07 -7.07
C ILE A 105 -37.85 -19.95 -8.26
N THR A 106 -38.76 -20.83 -8.63
CA THR A 106 -38.43 -21.95 -9.48
C THR A 106 -38.66 -21.70 -10.97
N TYR A 107 -39.57 -20.82 -11.37
CA TYR A 107 -39.74 -20.49 -12.79
C TYR A 107 -39.12 -19.12 -13.08
N PHE A 108 -38.61 -18.94 -14.31
CA PHE A 108 -37.62 -17.89 -14.56
C PHE A 108 -38.22 -16.50 -14.64
N ASP A 109 -39.46 -16.40 -15.14
CA ASP A 109 -40.14 -15.10 -15.23
C ASP A 109 -40.91 -14.86 -13.95
N LYS A 110 -40.72 -13.69 -13.37
CA LYS A 110 -41.22 -13.43 -12.04
C LYS A 110 -42.02 -12.15 -11.95
N ASN A 111 -42.10 -11.36 -13.03
CA ASN A 111 -42.70 -10.02 -12.98
C ASN A 111 -44.10 -10.10 -13.60
N TYR A 112 -45.03 -10.74 -12.87
CA TYR A 112 -46.27 -11.01 -13.56
C TYR A 112 -47.56 -10.84 -12.76
N ASN A 113 -47.58 -10.55 -11.48
CA ASN A 113 -48.91 -10.24 -10.96
C ASN A 113 -48.78 -9.27 -9.80
N LEU A 114 -48.17 -8.13 -10.07
CA LEU A 114 -47.77 -7.26 -8.97
C LEU A 114 -48.95 -6.35 -8.64
N ARG A 115 -49.75 -6.79 -7.68
CA ARG A 115 -50.89 -6.02 -7.23
C ARG A 115 -50.88 -5.70 -5.75
N ARG A 116 -49.97 -6.30 -4.96
CA ARG A 116 -49.89 -6.04 -3.53
C ARG A 116 -48.54 -5.43 -3.19
N PHE A 117 -48.55 -4.35 -2.40
CA PHE A 117 -47.33 -3.61 -2.11
C PHE A 117 -47.26 -3.24 -0.64
N MET A 118 -46.09 -3.48 -0.05
CA MET A 118 -45.89 -3.43 1.39
C MET A 118 -44.97 -2.28 1.76
N TYR A 119 -45.30 -1.62 2.88
CA TYR A 119 -44.42 -0.67 3.55
C TYR A 119 -44.56 -0.86 5.05
N CYS A 120 -43.52 -0.45 5.77
CA CYS A 120 -43.46 -0.53 7.23
C CYS A 120 -43.31 0.88 7.77
N THR A 121 -44.06 1.18 8.84
CA THR A 121 -43.98 2.45 9.54
C THR A 121 -43.79 2.18 11.03
N PRO A 122 -42.79 2.78 11.65
CA PRO A 122 -42.44 2.43 13.04
C PRO A 122 -43.03 3.34 14.08
N PHE A 123 -43.41 2.84 15.25
CA PHE A 123 -44.02 3.73 16.23
C PHE A 123 -43.83 3.25 17.64
N THR A 124 -44.15 4.13 18.59
CA THR A 124 -44.38 3.75 19.97
C THR A 124 -45.84 4.06 20.31
N LEU A 125 -46.35 3.38 21.34
CA LEU A 125 -47.64 3.77 21.89
C LEU A 125 -47.60 5.24 22.30
N ASP A 126 -46.40 5.71 22.65
CA ASP A 126 -46.11 7.10 23.01
C ASP A 126 -46.51 8.10 21.91
N GLY A 127 -46.64 7.68 20.66
CA GLY A 127 -46.82 8.65 19.58
C GLY A 127 -45.53 9.17 18.98
N ARG A 128 -44.40 8.58 19.34
CA ARG A 128 -43.12 8.78 18.67
C ARG A 128 -42.96 7.77 17.54
N ALA A 129 -41.98 8.04 16.69
CA ALA A 129 -41.66 7.10 15.63
C ALA A 129 -40.79 5.96 16.14
N HIS A 130 -39.77 6.30 16.90
CA HIS A 130 -38.79 5.35 17.37
C HIS A 130 -38.72 5.40 18.89
N GLY A 131 -38.46 4.25 19.50
CA GLY A 131 -38.34 4.17 20.95
C GLY A 131 -37.16 3.35 21.42
N GLU A 132 -37.28 2.74 22.60
CA GLU A 132 -36.27 1.79 23.05
C GLU A 132 -36.59 0.41 22.51
N LEU A 133 -35.62 -0.51 22.68
CA LEU A 133 -35.80 -1.84 22.13
C LEU A 133 -37.13 -2.46 22.53
N HIS A 134 -37.65 -2.11 23.72
CA HIS A 134 -38.90 -2.65 24.24
C HIS A 134 -40.09 -1.74 23.93
N GLU A 135 -39.84 -0.53 23.47
CA GLU A 135 -40.90 0.39 23.10
C GLU A 135 -41.24 0.37 21.62
N GLN A 136 -40.45 -0.31 20.78
CA GLN A 136 -40.52 -0.13 19.32
C GLN A 136 -41.58 -1.02 18.68
N PHE A 137 -42.56 -0.39 18.04
CA PHE A 137 -43.60 -1.06 17.28
C PHE A 137 -43.45 -0.79 15.81
N LYS A 138 -44.09 -1.64 15.02
CA LYS A 138 -43.98 -1.53 13.58
C LYS A 138 -45.34 -1.84 13.01
N ARG A 139 -45.81 -1.03 12.07
CA ARG A 139 -47.03 -1.34 11.34
C ARG A 139 -46.64 -1.70 9.90
N LYS A 140 -46.73 -3.00 9.57
CA LYS A 140 -46.69 -3.49 8.19
C LYS A 140 -48.05 -3.19 7.56
N THR A 141 -48.04 -2.39 6.49
CA THR A 141 -49.24 -2.07 5.73
C THR A 141 -49.16 -2.74 4.38
N ILE A 142 -50.27 -3.32 3.90
CA ILE A 142 -50.31 -3.91 2.56
C ILE A 142 -51.33 -3.16 1.70
N LEU A 143 -50.85 -2.54 0.61
CA LEU A 143 -51.69 -1.86 -0.36
C LEU A 143 -52.04 -2.79 -1.50
N THR A 144 -53.33 -2.83 -1.88
CA THR A 144 -53.76 -3.55 -3.06
C THR A 144 -54.16 -2.55 -4.14
N THR A 145 -53.58 -2.68 -5.32
CA THR A 145 -53.93 -1.79 -6.41
C THR A 145 -55.07 -2.37 -7.20
N SER A 146 -55.72 -1.49 -7.97
CA SER A 146 -56.88 -1.87 -8.77
C SER A 146 -56.49 -2.78 -9.93
N HIS A 147 -55.61 -2.32 -10.80
CA HIS A 147 -54.98 -3.20 -11.77
C HIS A 147 -53.59 -3.59 -11.27
N ALA A 148 -52.87 -4.35 -12.09
CA ALA A 148 -51.65 -4.95 -11.63
C ALA A 148 -50.53 -4.72 -12.62
N PHE A 149 -49.33 -4.65 -12.11
CA PHE A 149 -48.18 -4.44 -12.93
C PHE A 149 -47.67 -5.77 -13.46
N PRO A 150 -46.94 -5.79 -14.59
CA PRO A 150 -46.83 -4.65 -15.49
C PRO A 150 -48.12 -4.37 -16.25
N TYR A 151 -48.30 -3.10 -16.61
CA TYR A 151 -49.58 -2.48 -16.95
C TYR A 151 -49.38 -1.51 -18.11
N ILE A 152 -50.48 -0.93 -18.58
CA ILE A 152 -50.41 -0.03 -19.72
C ILE A 152 -49.92 1.36 -19.28
N LYS A 153 -50.41 1.84 -18.13
CA LYS A 153 -49.92 3.05 -17.45
C LYS A 153 -48.81 2.68 -16.45
N THR A 154 -48.13 3.70 -15.91
CA THR A 154 -47.07 3.43 -14.93
C THR A 154 -47.51 3.63 -13.50
N ARG A 155 -48.56 4.40 -13.26
CA ARG A 155 -49.17 4.41 -11.96
C ARG A 155 -50.51 3.70 -12.07
N VAL A 156 -50.90 3.04 -10.99
CA VAL A 156 -52.23 2.46 -10.88
C VAL A 156 -52.63 2.66 -9.42
N ASN A 157 -53.90 3.00 -9.18
CA ASN A 157 -54.22 3.45 -7.83
C ASN A 157 -54.66 2.30 -6.90
N VAL A 158 -54.73 2.63 -5.61
CA VAL A 158 -54.88 1.67 -4.53
C VAL A 158 -56.36 1.54 -4.20
N THR A 159 -56.85 0.31 -4.20
CA THR A 159 -58.26 0.09 -3.87
C THR A 159 -58.50 -0.41 -2.46
N HIS A 160 -57.68 -1.31 -1.92
CA HIS A 160 -57.82 -1.78 -0.55
C HIS A 160 -56.55 -1.43 0.23
N LYS A 161 -56.50 -1.90 1.46
CA LYS A 161 -55.41 -1.58 2.37
C LYS A 161 -55.56 -2.46 3.61
N GLU A 162 -54.46 -3.07 4.07
CA GLU A 162 -54.45 -3.96 5.23
C GLU A 162 -53.32 -3.53 6.14
N GLU A 163 -53.60 -3.33 7.42
CA GLU A 163 -52.58 -3.04 8.41
C GLU A 163 -52.34 -4.27 9.28
N ILE A 164 -51.07 -4.49 9.62
CA ILE A 164 -50.66 -5.53 10.57
C ILE A 164 -49.77 -4.87 11.59
N ILE A 165 -49.87 -5.33 12.84
CA ILE A 165 -49.01 -4.78 13.89
C ILE A 165 -48.14 -5.86 14.49
N LEU A 166 -46.86 -5.52 14.64
CA LEU A 166 -45.84 -6.39 15.21
C LEU A 166 -45.53 -5.87 16.61
N THR A 167 -45.76 -6.70 17.62
CA THR A 167 -45.28 -6.38 18.95
C THR A 167 -43.76 -6.27 18.93
N PRO A 168 -43.19 -5.32 19.66
CA PRO A 168 -41.72 -5.14 19.73
C PRO A 168 -40.85 -6.39 19.67
N ILE A 169 -41.30 -7.52 20.22
CA ILE A 169 -40.50 -8.74 20.10
C ILE A 169 -40.59 -9.30 18.69
N GLU A 170 -41.75 -9.19 18.04
CA GLU A 170 -41.86 -9.57 16.64
C GLU A 170 -40.94 -8.71 15.78
N VAL A 171 -40.78 -7.43 16.15
CA VAL A 171 -39.86 -6.52 15.45
C VAL A 171 -38.42 -6.96 15.63
N ALA A 172 -38.06 -7.38 16.86
CA ALA A 172 -36.70 -7.87 17.13
C ALA A 172 -36.40 -9.08 16.25
N ILE A 173 -37.38 -9.97 16.10
CA ILE A 173 -37.19 -11.16 15.29
C ILE A 173 -36.92 -10.77 13.85
N GLU A 174 -37.75 -9.89 13.26
CA GLU A 174 -37.55 -9.54 11.86
C GLU A 174 -36.19 -8.89 11.67
N ASP A 175 -35.74 -8.08 12.63
CA ASP A 175 -34.40 -7.53 12.52
C ASP A 175 -33.36 -8.65 12.52
N MET A 176 -33.47 -9.59 13.45
CA MET A 176 -32.48 -10.66 13.53
C MET A 176 -32.50 -11.51 12.26
N GLN A 177 -33.69 -11.95 11.84
CA GLN A 177 -33.80 -12.81 10.66
C GLN A 177 -33.14 -12.19 9.44
N LYS A 178 -33.39 -10.90 9.19
CA LYS A 178 -32.86 -10.29 7.97
C LYS A 178 -31.33 -10.29 7.98
N LYS A 179 -30.72 -10.07 9.15
CA LYS A 179 -29.27 -9.98 9.26
C LYS A 179 -28.63 -11.36 9.38
N THR A 180 -29.35 -12.34 9.93
CA THR A 180 -28.88 -13.73 9.84
C THR A 180 -28.76 -14.15 8.38
N GLN A 181 -29.75 -13.78 7.57
CA GLN A 181 -29.73 -14.10 6.15
C GLN A 181 -28.73 -13.25 5.39
N GLU A 182 -28.51 -11.99 5.80
CA GLU A 182 -27.51 -11.15 5.14
C GLU A 182 -26.13 -11.76 5.27
N LEU A 183 -25.78 -12.26 6.47
CA LEU A 183 -24.58 -13.08 6.66
C LEU A 183 -24.62 -14.30 5.74
N ALA A 184 -25.63 -15.15 5.96
CA ALA A 184 -25.84 -16.36 5.17
C ALA A 184 -25.57 -16.16 3.69
N PHE A 185 -26.02 -15.03 3.15
CA PHE A 185 -25.83 -14.80 1.73
C PHE A 185 -24.39 -14.37 1.44
N ALA A 186 -23.84 -13.52 2.30
CA ALA A 186 -22.51 -12.97 2.02
C ALA A 186 -21.44 -14.01 2.25
N THR A 187 -21.77 -15.08 2.96
CA THR A 187 -20.86 -16.20 3.11
C THR A 187 -20.91 -17.11 1.88
N HIS A 188 -22.07 -17.70 1.58
CA HIS A 188 -22.14 -18.71 0.53
C HIS A 188 -22.14 -18.15 -0.89
N GLN A 189 -21.28 -17.18 -1.24
CA GLN A 189 -21.46 -16.58 -2.55
C GLN A 189 -20.16 -16.44 -3.35
N ASP A 190 -20.24 -16.71 -4.67
CA ASP A 190 -19.16 -16.94 -5.65
C ASP A 190 -19.20 -15.95 -6.80
N PRO A 191 -18.08 -15.26 -7.11
CA PRO A 191 -16.91 -15.23 -6.24
C PRO A 191 -17.23 -14.47 -4.96
N ALA A 192 -16.54 -14.76 -3.86
CA ALA A 192 -16.84 -14.11 -2.59
C ALA A 192 -16.66 -12.60 -2.73
N ASP A 193 -17.37 -11.87 -1.86
CA ASP A 193 -17.19 -10.43 -1.77
C ASP A 193 -16.65 -10.21 -0.37
N PRO A 194 -15.36 -9.92 -0.23
CA PRO A 194 -14.82 -9.78 1.12
C PRO A 194 -15.28 -8.52 1.80
N LYS A 195 -15.26 -7.38 1.08
CA LYS A 195 -15.69 -6.10 1.66
C LYS A 195 -17.16 -6.14 2.08
N MET A 196 -18.03 -6.71 1.23
CA MET A 196 -19.43 -6.86 1.63
C MET A 196 -19.54 -7.80 2.83
N LEU A 197 -18.72 -8.87 2.85
CA LEU A 197 -18.77 -9.83 3.95
C LEU A 197 -18.30 -9.22 5.27
N GLN A 198 -17.14 -8.56 5.25
CA GLN A 198 -16.65 -7.92 6.47
C GLN A 198 -17.59 -6.82 6.92
N MET A 199 -18.21 -6.12 5.95
CA MET A 199 -19.19 -5.09 6.31
C MET A 199 -20.36 -5.70 7.07
N VAL A 200 -20.95 -6.76 6.52
CA VAL A 200 -22.01 -7.43 7.26
C VAL A 200 -21.46 -7.96 8.58
N LEU A 201 -20.35 -8.70 8.53
CA LEU A 201 -19.84 -9.36 9.72
C LEU A 201 -19.54 -8.37 10.83
N GLN A 202 -18.75 -7.33 10.55
CA GLN A 202 -18.38 -6.39 11.63
C GLN A 202 -19.63 -5.76 12.26
N GLY A 203 -20.56 -5.32 11.43
CA GLY A 203 -21.80 -4.79 11.93
C GLY A 203 -22.67 -5.79 12.66
N SER A 204 -22.24 -7.04 12.80
CA SER A 204 -23.05 -8.02 13.53
C SER A 204 -22.46 -8.31 14.90
N VAL A 205 -21.16 -8.59 14.93
CA VAL A 205 -20.48 -9.03 16.14
C VAL A 205 -19.69 -7.86 16.76
N GLY A 206 -19.15 -6.98 15.92
CA GLY A 206 -18.38 -5.83 16.38
C GLY A 206 -19.01 -4.47 16.11
N THR A 207 -20.19 -4.24 16.71
CA THR A 207 -20.91 -3.00 16.50
C THR A 207 -20.42 -1.96 17.48
N THR A 208 -20.32 -0.72 17.00
CA THR A 208 -19.77 0.42 17.72
C THR A 208 -20.78 1.51 17.98
N VAL A 209 -21.85 1.57 17.19
CA VAL A 209 -22.74 2.73 17.12
C VAL A 209 -24.14 2.39 17.61
N ASN A 210 -24.77 1.38 17.01
CA ASN A 210 -26.11 0.96 17.41
C ASN A 210 -26.02 0.03 18.61
N GLN A 211 -27.14 -0.61 18.93
CA GLN A 211 -27.34 -1.26 20.21
C GLN A 211 -26.68 -2.63 20.29
N GLY A 212 -26.25 -3.21 19.17
CA GLY A 212 -25.74 -4.56 19.14
C GLY A 212 -26.79 -5.62 19.37
N PRO A 213 -26.52 -6.85 18.94
CA PRO A 213 -27.53 -7.91 19.08
C PRO A 213 -27.69 -8.45 20.50
N LEU A 214 -26.71 -8.25 21.37
CA LEU A 214 -26.82 -8.81 22.71
C LEU A 214 -28.02 -8.21 23.43
N GLU A 215 -28.11 -6.87 23.43
CA GLU A 215 -29.21 -6.19 24.08
C GLU A 215 -30.58 -6.71 23.68
N VAL A 216 -30.69 -7.34 22.50
CA VAL A 216 -31.97 -7.93 22.10
C VAL A 216 -32.30 -9.16 22.93
N ALA A 217 -31.34 -10.09 23.00
CA ALA A 217 -31.50 -11.25 23.87
C ALA A 217 -31.83 -10.79 25.28
N GLN A 218 -31.03 -9.85 25.81
CA GLN A 218 -31.23 -9.32 27.15
C GLN A 218 -32.64 -8.78 27.36
N VAL A 219 -33.16 -7.96 26.43
CA VAL A 219 -34.45 -7.30 26.70
C VAL A 219 -35.62 -8.27 26.58
N PHE A 220 -35.49 -9.31 25.77
CA PHE A 220 -36.62 -10.21 25.51
C PHE A 220 -36.45 -11.62 26.06
N LEU A 221 -35.25 -12.20 25.95
CA LEU A 221 -34.99 -13.58 26.33
C LEU A 221 -34.60 -13.77 27.79
N SER A 222 -34.73 -12.73 28.63
CA SER A 222 -34.24 -12.85 30.01
C SER A 222 -35.22 -13.59 30.90
N GLU A 223 -36.51 -13.39 30.69
CA GLU A 223 -37.53 -14.05 31.50
C GLU A 223 -38.41 -14.89 30.60
N ILE A 224 -38.64 -16.13 31.02
CA ILE A 224 -39.52 -17.05 30.28
C ILE A 224 -40.95 -16.63 30.56
N PRO A 225 -41.70 -16.17 29.56
CA PRO A 225 -43.03 -15.62 29.84
C PRO A 225 -44.01 -16.70 30.25
N SER A 226 -44.99 -16.29 31.03
CA SER A 226 -46.08 -17.20 31.41
C SER A 226 -47.02 -17.41 30.24
N ASP A 227 -47.86 -16.40 29.96
CA ASP A 227 -48.79 -16.36 28.83
C ASP A 227 -48.22 -17.01 27.58
N PRO A 228 -48.50 -18.29 27.32
CA PRO A 228 -47.82 -18.99 26.23
C PRO A 228 -48.17 -18.50 24.83
N LYS A 229 -49.17 -17.62 24.68
CA LYS A 229 -49.33 -16.95 23.39
C LYS A 229 -48.11 -16.09 23.11
N LEU A 230 -47.51 -15.53 24.16
CA LEU A 230 -46.23 -14.83 24.05
C LEU A 230 -45.03 -15.77 24.08
N PHE A 231 -45.22 -17.03 24.47
CA PHE A 231 -44.12 -17.99 24.45
C PHE A 231 -43.71 -18.33 23.02
N ARG A 232 -44.69 -18.49 22.10
CA ARG A 232 -44.39 -18.74 20.69
C ARG A 232 -43.57 -17.63 20.08
N HIS A 233 -43.51 -16.46 20.71
CA HIS A 233 -42.58 -15.38 20.38
C HIS A 233 -41.24 -15.57 21.07
N HIS A 234 -41.25 -15.76 22.39
CA HIS A 234 -40.00 -15.91 23.13
C HIS A 234 -39.14 -16.99 22.51
N ASN A 235 -39.75 -18.14 22.20
CA ASN A 235 -38.99 -19.24 21.66
C ASN A 235 -38.36 -18.85 20.33
N LYS A 236 -39.18 -18.36 19.39
CA LYS A 236 -38.69 -18.02 18.06
C LYS A 236 -37.46 -17.11 18.12
N LEU A 237 -37.50 -16.10 18.99
CA LEU A 237 -36.32 -15.25 19.13
C LEU A 237 -35.15 -16.06 19.68
N ARG A 238 -35.44 -17.00 20.58
CA ARG A 238 -34.38 -17.84 21.11
C ARG A 238 -33.74 -18.67 20.01
N LEU A 239 -34.55 -19.21 19.10
CA LEU A 239 -34.01 -20.03 18.03
C LEU A 239 -33.35 -19.19 16.94
N CYS A 240 -33.83 -17.96 16.74
CA CYS A 240 -33.22 -17.09 15.74
C CYS A 240 -31.83 -16.65 16.15
N PHE A 241 -31.59 -16.50 17.46
CA PHE A 241 -30.23 -16.26 17.92
C PHE A 241 -29.35 -17.47 17.70
N LYS A 242 -29.91 -18.67 17.85
CA LYS A 242 -29.14 -19.86 17.54
C LYS A 242 -28.72 -19.89 16.07
N ASP A 243 -29.67 -19.73 15.13
CA ASP A 243 -29.25 -19.56 13.73
C ASP A 243 -28.31 -18.38 13.53
N PHE A 244 -28.52 -17.27 14.24
CA PHE A 244 -27.63 -16.13 14.03
C PHE A 244 -26.22 -16.50 14.46
N THR A 245 -26.10 -17.14 15.62
CA THR A 245 -24.77 -17.36 16.15
C THR A 245 -24.03 -18.42 15.32
N LYS A 246 -24.79 -19.32 14.67
CA LYS A 246 -24.22 -20.26 13.72
C LYS A 246 -23.79 -19.58 12.42
N ARG A 247 -24.48 -18.53 12.00
CA ARG A 247 -24.07 -17.89 10.75
C ARG A 247 -22.89 -16.95 10.94
N CYS A 248 -22.62 -16.52 12.18
CA CYS A 248 -21.49 -15.62 12.44
C CYS A 248 -20.17 -16.38 12.45
N GLU A 249 -20.19 -17.57 13.04
CA GLU A 249 -19.09 -18.51 13.00
C GLU A 249 -18.69 -18.73 11.54
N ASP A 250 -19.56 -19.38 10.75
CA ASP A 250 -19.41 -19.59 9.31
C ASP A 250 -18.82 -18.36 8.59
N ALA A 251 -19.36 -17.19 8.90
CA ALA A 251 -18.86 -15.98 8.27
C ALA A 251 -17.46 -15.64 8.77
N LEU A 252 -17.24 -15.81 10.07
CA LEU A 252 -15.92 -15.56 10.64
C LEU A 252 -14.87 -16.45 9.98
N ARG A 253 -15.11 -17.77 10.03
CA ARG A 253 -14.34 -18.78 9.31
C ARG A 253 -14.03 -18.35 7.88
N LYS A 254 -15.09 -18.00 7.13
CA LYS A 254 -14.93 -17.66 5.72
C LYS A 254 -14.13 -16.39 5.54
N ASN A 255 -14.22 -15.44 6.47
CA ASN A 255 -13.40 -14.26 6.27
C ASN A 255 -11.92 -14.56 6.51
N LYS A 256 -11.63 -15.51 7.40
CA LYS A 256 -10.23 -15.92 7.62
C LYS A 256 -9.56 -16.39 6.32
N SER A 257 -10.29 -17.09 5.45
CA SER A 257 -9.80 -17.44 4.12
C SER A 257 -9.41 -16.22 3.29
N LEU A 258 -10.27 -15.19 3.30
CA LEU A 258 -10.23 -14.16 2.28
C LEU A 258 -9.25 -13.04 2.59
N ILE A 259 -8.75 -12.95 3.79
CA ILE A 259 -8.01 -11.78 4.17
C ILE A 259 -6.53 -11.97 3.91
N GLY A 260 -5.82 -10.85 3.82
CA GLY A 260 -4.40 -10.86 3.72
C GLY A 260 -3.82 -10.39 5.03
N PRO A 261 -2.56 -9.97 5.01
CA PRO A 261 -1.87 -9.68 6.26
C PRO A 261 -2.36 -8.43 6.95
N ASP A 262 -2.77 -7.40 6.18
CA ASP A 262 -3.13 -6.09 6.74
C ASP A 262 -4.36 -6.19 7.62
N GLN A 263 -5.24 -7.14 7.30
CA GLN A 263 -6.49 -7.29 8.03
C GLN A 263 -6.42 -8.38 9.09
N LYS A 264 -5.21 -8.76 9.50
CA LYS A 264 -5.10 -9.85 10.46
C LYS A 264 -5.52 -9.38 11.84
N GLU A 265 -5.07 -8.19 12.26
CA GLU A 265 -5.57 -7.69 13.53
C GLU A 265 -7.07 -7.43 13.45
N TYR A 266 -7.55 -7.04 12.26
CA TYR A 266 -8.98 -6.83 12.06
C TYR A 266 -9.75 -8.10 12.36
N GLN A 267 -9.35 -9.21 11.74
CA GLN A 267 -10.05 -10.46 11.96
C GLN A 267 -9.92 -10.92 13.40
N ARG A 268 -8.73 -10.73 13.99
CA ARG A 268 -8.51 -11.14 15.37
C ARG A 268 -9.54 -10.49 16.29
N GLU A 269 -9.81 -9.20 16.06
CA GLU A 269 -10.81 -8.47 16.86
C GLU A 269 -12.23 -8.93 16.54
N LEU A 270 -12.55 -9.09 15.26
CA LEU A 270 -13.84 -9.65 14.90
C LEU A 270 -14.07 -11.01 15.57
N GLU A 271 -13.05 -11.87 15.56
CA GLU A 271 -13.16 -13.13 16.28
C GLU A 271 -13.36 -12.89 17.77
N ARG A 272 -12.45 -12.12 18.37
CA ARG A 272 -12.52 -11.86 19.80
C ARG A 272 -13.89 -11.28 20.15
N ASN A 273 -14.39 -10.35 19.33
CA ASN A 273 -15.72 -9.78 19.54
C ASN A 273 -16.80 -10.86 19.53
N TYR A 274 -16.63 -11.90 18.72
CA TYR A 274 -17.69 -12.90 18.64
C TYR A 274 -17.74 -13.75 19.89
N HIS A 275 -16.63 -14.38 20.26
CA HIS A 275 -16.67 -15.26 21.42
C HIS A 275 -17.01 -14.49 22.69
N ARG A 276 -16.68 -13.21 22.72
CA ARG A 276 -17.11 -12.41 23.85
C ARG A 276 -18.64 -12.39 23.92
N LEU A 277 -19.29 -12.38 22.75
CA LEU A 277 -20.75 -12.25 22.66
C LEU A 277 -21.44 -13.59 22.90
N LYS A 278 -20.98 -14.65 22.21
CA LYS A 278 -21.58 -15.98 22.36
C LYS A 278 -21.53 -16.41 23.82
N GLU A 279 -20.40 -16.11 24.48
CA GLU A 279 -20.27 -16.16 25.93
C GLU A 279 -21.52 -15.60 26.57
N ALA A 280 -21.69 -14.28 26.47
CA ALA A 280 -22.82 -13.63 27.11
C ALA A 280 -24.14 -14.24 26.67
N LEU A 281 -24.26 -14.54 25.38
CA LEU A 281 -25.52 -15.04 24.85
C LEU A 281 -25.96 -16.33 25.54
N GLN A 282 -25.03 -17.28 25.74
CA GLN A 282 -25.39 -18.66 26.05
C GLN A 282 -26.40 -18.83 27.18
N PRO A 283 -26.31 -18.13 28.33
CA PRO A 283 -27.41 -18.18 29.31
C PRO A 283 -28.80 -17.98 28.70
N LEU A 284 -28.99 -16.94 27.89
CA LEU A 284 -30.32 -16.60 27.39
C LEU A 284 -30.78 -17.51 26.26
N ILE A 285 -29.87 -18.13 25.53
CA ILE A 285 -30.24 -18.99 24.42
C ILE A 285 -30.72 -20.36 24.91
N ASN A 286 -30.23 -20.80 26.07
CA ASN A 286 -30.43 -22.19 26.48
C ASN A 286 -31.25 -22.32 27.77
N MET B 8 -18.06 -5.22 -11.74
CA MET B 8 -17.11 -5.43 -10.64
C MET B 8 -17.78 -5.72 -9.28
N GLN B 9 -17.22 -5.16 -8.18
CA GLN B 9 -17.61 -5.57 -6.83
C GLN B 9 -17.87 -4.43 -5.85
N THR B 10 -18.04 -4.77 -4.58
CA THR B 10 -18.50 -3.81 -3.58
C THR B 10 -17.45 -2.74 -3.32
N ILE B 11 -17.92 -1.53 -3.08
CA ILE B 11 -17.05 -0.41 -2.74
C ILE B 11 -17.07 -0.18 -1.25
N LYS B 12 -15.89 -0.28 -0.64
CA LYS B 12 -15.72 -0.02 0.80
C LYS B 12 -15.61 1.49 1.01
N CYS B 13 -16.65 2.06 1.61
CA CYS B 13 -16.70 3.47 1.96
C CYS B 13 -16.88 3.58 3.46
N VAL B 14 -15.87 4.11 4.13
CA VAL B 14 -15.88 4.21 5.59
C VAL B 14 -16.30 5.61 5.96
N VAL B 15 -17.17 5.73 6.96
CA VAL B 15 -17.81 7.01 7.25
C VAL B 15 -17.44 7.37 8.69
N VAL B 16 -16.67 8.45 8.86
CA VAL B 16 -16.15 8.86 10.16
C VAL B 16 -16.65 10.27 10.46
N GLY B 17 -16.86 10.55 11.73
CA GLY B 17 -17.33 11.86 12.12
C GLY B 17 -17.93 11.80 13.50
N ASP B 18 -18.18 12.98 14.06
CA ASP B 18 -18.69 13.01 15.42
C ASP B 18 -20.10 12.47 15.49
N GLY B 19 -20.37 11.68 16.51
CA GLY B 19 -21.75 11.35 16.83
C GLY B 19 -22.54 12.62 17.00
N ALA B 20 -23.81 12.58 16.59
CA ALA B 20 -24.81 13.65 16.70
C ALA B 20 -24.61 14.74 15.67
N VAL B 21 -23.79 14.50 14.64
CA VAL B 21 -23.95 15.25 13.40
C VAL B 21 -25.03 14.53 12.59
N GLY B 22 -25.68 13.55 13.21
CA GLY B 22 -26.65 12.71 12.50
C GLY B 22 -25.99 11.98 11.36
N LYS B 23 -24.78 11.48 11.58
CA LYS B 23 -24.01 10.79 10.55
C LYS B 23 -24.68 9.49 10.17
N THR B 24 -25.05 8.71 11.19
CA THR B 24 -25.79 7.47 11.00
C THR B 24 -27.19 7.72 10.51
N CYS B 25 -27.87 8.71 11.11
CA CYS B 25 -29.22 9.05 10.67
C CYS B 25 -29.32 9.14 9.15
N LEU B 26 -28.30 9.66 8.49
CA LEU B 26 -28.49 9.76 7.06
C LEU B 26 -28.09 8.50 6.35
N LEU B 27 -27.08 7.77 6.84
CA LEU B 27 -26.74 6.50 6.22
C LEU B 27 -27.96 5.59 6.11
N ILE B 28 -28.66 5.37 7.22
CA ILE B 28 -29.81 4.47 7.25
C ILE B 28 -30.99 4.98 6.43
N SER B 29 -31.08 6.29 6.20
CA SER B 29 -32.23 6.87 5.48
C SER B 29 -32.05 6.92 3.97
N TYR B 30 -30.84 7.19 3.48
CA TYR B 30 -30.59 7.04 2.06
C TYR B 30 -30.74 5.60 1.64
N THR B 31 -30.14 4.70 2.40
CA THR B 31 -30.05 3.31 1.96
C THR B 31 -31.42 2.63 1.99
N THR B 32 -32.33 3.06 2.85
CA THR B 32 -33.62 2.40 2.94
C THR B 32 -34.75 3.13 2.21
N ASN B 33 -34.46 4.26 1.56
CA ASN B 33 -35.46 5.09 0.92
C ASN B 33 -36.55 5.49 1.90
N LYS B 34 -36.11 6.06 3.01
CA LYS B 34 -36.98 6.51 4.08
C LYS B 34 -36.62 7.95 4.45
N PHE B 35 -37.62 8.67 4.99
CA PHE B 35 -37.32 9.96 5.61
C PHE B 35 -36.81 9.71 7.02
N PRO B 36 -36.05 10.64 7.60
CA PRO B 36 -35.50 10.41 8.95
C PRO B 36 -36.58 10.16 9.99
N SER B 37 -37.84 10.34 9.64
CA SER B 37 -38.94 10.09 10.54
C SER B 37 -39.50 8.67 10.46
N GLU B 38 -39.14 7.87 9.44
CA GLU B 38 -39.89 6.66 9.18
C GLU B 38 -39.00 5.46 8.88
N TYR B 39 -37.71 5.55 9.16
CA TYR B 39 -36.82 4.41 8.93
C TYR B 39 -37.02 3.39 10.03
N VAL B 40 -37.01 2.12 9.66
CA VAL B 40 -37.21 1.13 10.71
C VAL B 40 -35.90 0.91 11.45
N PRO B 41 -35.85 1.26 12.73
CA PRO B 41 -34.57 1.35 13.42
C PRO B 41 -34.01 -0.04 13.63
N THR B 42 -32.69 -0.10 13.79
CA THR B 42 -32.09 -1.41 13.97
C THR B 42 -31.16 -1.45 15.18
N VAL B 43 -30.47 -2.58 15.35
CA VAL B 43 -29.40 -2.71 16.34
C VAL B 43 -28.06 -2.98 15.72
N PHE B 44 -28.02 -3.37 14.46
CA PHE B 44 -26.77 -3.67 13.78
C PHE B 44 -26.20 -2.42 13.12
N ASP B 45 -24.95 -2.52 12.66
CA ASP B 45 -24.30 -1.39 12.04
C ASP B 45 -23.93 -1.71 10.59
N ASN B 46 -23.60 -0.65 9.86
CA ASN B 46 -23.28 -0.69 8.44
C ASN B 46 -24.50 -0.92 7.56
N TYR B 47 -24.46 -0.37 6.34
CA TYR B 47 -25.60 -0.30 5.42
C TYR B 47 -25.09 -0.48 3.99
N ALA B 48 -25.83 -1.25 3.17
CA ALA B 48 -25.49 -1.46 1.77
C ALA B 48 -26.49 -0.77 0.85
N VAL B 49 -26.04 -0.33 -0.32
CA VAL B 49 -26.90 0.42 -1.23
C VAL B 49 -26.38 0.28 -2.65
N THR B 50 -27.30 0.16 -3.61
CA THR B 50 -26.94 0.16 -5.01
C THR B 50 -27.35 1.48 -5.62
N VAL B 51 -26.37 2.20 -6.16
CA VAL B 51 -26.59 3.44 -6.89
C VAL B 51 -26.31 3.16 -8.35
N MET B 52 -27.10 3.76 -9.25
CA MET B 52 -26.81 3.68 -10.68
C MET B 52 -26.04 4.92 -11.11
N ILE B 53 -25.13 4.73 -12.06
CA ILE B 53 -24.18 5.77 -12.44
C ILE B 53 -23.75 5.53 -13.87
N GLY B 54 -24.21 6.40 -14.77
CA GLY B 54 -23.98 6.14 -16.19
C GLY B 54 -24.63 4.88 -16.69
N GLY B 55 -25.79 4.51 -16.14
CA GLY B 55 -26.47 3.29 -16.52
C GLY B 55 -25.91 2.00 -15.95
N GLU B 56 -24.74 2.02 -15.33
CA GLU B 56 -24.14 0.87 -14.66
C GLU B 56 -24.44 0.90 -13.17
N PRO B 57 -24.76 -0.23 -12.52
CA PRO B 57 -25.12 -0.16 -11.10
C PRO B 57 -24.02 -0.61 -10.15
N TYR B 58 -23.53 0.31 -9.32
CA TYR B 58 -22.46 0.06 -8.38
C TYR B 58 -23.04 -0.10 -6.97
N THR B 59 -22.47 -1.01 -6.20
CA THR B 59 -22.89 -1.26 -4.84
C THR B 59 -21.86 -0.69 -3.87
N LEU B 60 -22.34 -0.05 -2.83
CA LEU B 60 -21.53 0.80 -1.97
C LEU B 60 -21.64 0.28 -0.54
N GLY B 61 -20.58 -0.31 -0.02
CA GLY B 61 -20.62 -0.76 1.36
C GLY B 61 -20.34 0.37 2.33
N LEU B 62 -21.28 0.69 3.20
CA LEU B 62 -21.18 1.88 4.05
C LEU B 62 -20.83 1.46 5.48
N PHE B 63 -19.57 1.75 5.88
CA PHE B 63 -19.02 1.38 7.19
C PHE B 63 -19.14 2.54 8.18
N ASP B 64 -19.97 2.35 9.20
CA ASP B 64 -20.33 3.37 10.18
C ASP B 64 -19.47 3.24 11.42
N THR B 65 -18.85 4.35 11.85
CA THR B 65 -17.84 4.34 12.92
C THR B 65 -18.20 5.31 14.04
N ALA B 66 -18.06 4.84 15.28
CA ALA B 66 -18.31 5.70 16.44
C ALA B 66 -17.35 6.88 16.45
N GLY B 67 -17.88 8.04 16.78
CA GLY B 67 -17.02 9.21 16.88
C GLY B 67 -16.39 9.44 18.24
N GLN B 68 -16.56 8.50 19.17
CA GLN B 68 -16.07 8.68 20.53
C GLN B 68 -14.55 8.50 20.59
N GLU B 69 -13.95 9.18 21.55
CA GLU B 69 -12.56 8.85 21.90
C GLU B 69 -12.47 7.40 22.31
N ASP B 70 -13.46 6.91 23.07
CA ASP B 70 -13.45 5.58 23.64
C ASP B 70 -13.12 4.49 22.62
N TYR B 71 -13.26 4.78 21.34
CA TYR B 71 -12.99 3.80 20.31
C TYR B 71 -11.76 4.15 19.49
N ASP B 72 -10.98 5.13 19.92
CA ASP B 72 -9.82 5.55 19.14
C ASP B 72 -8.92 4.36 18.86
N ARG B 73 -8.89 3.41 19.79
CA ARG B 73 -8.02 2.24 19.63
C ARG B 73 -8.61 1.26 18.65
N LEU B 74 -9.91 1.00 18.72
CA LEU B 74 -10.46 -0.06 17.88
C LEU B 74 -10.76 0.40 16.43
N ARG B 75 -11.29 1.62 16.26
CA ARG B 75 -11.84 2.07 14.98
C ARG B 75 -10.93 1.87 13.76
N PRO B 76 -9.64 2.33 13.75
CA PRO B 76 -8.83 2.16 12.52
C PRO B 76 -8.64 0.72 12.05
N LEU B 77 -9.27 -0.26 12.73
CA LEU B 77 -9.21 -1.62 12.22
C LEU B 77 -10.04 -1.77 10.95
N SER B 78 -11.06 -0.94 10.78
CA SER B 78 -11.80 -0.97 9.54
C SER B 78 -11.07 -0.26 8.41
N TYR B 79 -10.11 0.59 8.73
CA TYR B 79 -9.53 1.45 7.70
C TYR B 79 -8.81 0.69 6.61
N PRO B 80 -8.10 -0.42 6.85
CA PRO B 80 -7.41 -1.10 5.73
C PRO B 80 -8.42 -1.53 4.66
N GLN B 81 -7.97 -1.47 3.40
CA GLN B 81 -8.77 -1.87 2.23
C GLN B 81 -9.98 -0.97 1.97
N THR B 82 -10.05 0.18 2.63
CA THR B 82 -11.03 1.19 2.28
C THR B 82 -10.77 1.72 0.88
N ASP B 83 -11.85 2.12 0.21
CA ASP B 83 -11.78 2.69 -1.14
C ASP B 83 -11.97 4.19 -1.15
N VAL B 84 -12.66 4.73 -0.16
CA VAL B 84 -13.01 6.14 -0.13
C VAL B 84 -13.62 6.47 1.22
N PHE B 85 -13.37 7.68 1.70
CA PHE B 85 -13.82 8.08 3.03
C PHE B 85 -14.85 9.20 2.94
N LEU B 86 -15.86 9.12 3.78
CA LEU B 86 -16.79 10.22 3.97
C LEU B 86 -16.48 10.78 5.34
N VAL B 87 -15.84 11.93 5.40
CA VAL B 87 -15.64 12.64 6.66
C VAL B 87 -16.81 13.60 6.89
N CYS B 88 -17.49 13.49 8.04
CA CYS B 88 -18.80 14.11 8.24
C CYS B 88 -18.80 15.12 9.38
N PHE B 89 -19.44 16.25 9.13
CA PHE B 89 -19.75 17.23 10.16
C PHE B 89 -21.14 17.82 9.87
N SER B 90 -21.79 18.28 10.92
CA SER B 90 -23.06 18.99 10.81
C SER B 90 -22.78 20.49 10.74
N VAL B 91 -23.42 21.16 9.79
CA VAL B 91 -23.09 22.56 9.50
C VAL B 91 -23.64 23.48 10.58
N VAL B 92 -24.29 22.90 11.59
CA VAL B 92 -24.76 23.69 12.72
C VAL B 92 -24.21 23.12 14.03
N SER B 93 -23.01 22.56 13.97
CA SER B 93 -22.30 22.02 15.13
C SER B 93 -20.82 22.31 14.96
N PRO B 94 -20.39 23.53 15.26
CA PRO B 94 -18.99 23.90 14.99
C PRO B 94 -18.01 23.22 15.90
N SER B 95 -18.47 22.52 16.92
CA SER B 95 -17.60 21.57 17.59
C SER B 95 -17.14 20.47 16.63
N SER B 96 -18.02 20.05 15.73
CA SER B 96 -17.74 18.90 14.87
C SER B 96 -16.93 19.27 13.65
N PHE B 97 -17.01 20.53 13.23
CA PHE B 97 -16.23 21.02 12.11
C PHE B 97 -14.82 21.32 12.52
N GLU B 98 -14.58 21.53 13.81
CA GLU B 98 -13.20 21.62 14.23
C GLU B 98 -12.58 20.23 14.32
N ASN B 99 -13.36 19.25 14.80
CA ASN B 99 -12.82 17.89 14.86
C ASN B 99 -12.59 17.28 13.51
N VAL B 100 -12.87 18.00 12.42
CA VAL B 100 -12.50 17.53 11.08
C VAL B 100 -11.07 17.93 10.74
N LYS B 101 -10.67 19.17 11.05
CA LYS B 101 -9.28 19.60 10.84
C LYS B 101 -8.32 18.79 11.72
N GLU B 102 -8.68 18.59 12.98
CA GLU B 102 -7.71 18.24 14.00
C GLU B 102 -7.99 16.90 14.69
N LYS B 103 -8.85 16.06 14.12
CA LYS B 103 -9.00 14.68 14.60
C LYS B 103 -9.13 13.73 13.42
N TRP B 104 -10.18 13.95 12.63
CA TRP B 104 -10.63 12.99 11.63
C TRP B 104 -9.72 12.94 10.42
N VAL B 105 -9.61 14.05 9.66
CA VAL B 105 -8.75 14.05 8.47
C VAL B 105 -7.31 13.64 8.81
N PRO B 106 -6.71 14.07 9.93
CA PRO B 106 -5.41 13.50 10.31
C PRO B 106 -5.44 12.00 10.49
N GLU B 107 -6.54 11.45 11.02
CA GLU B 107 -6.57 10.04 11.38
C GLU B 107 -6.63 9.15 10.14
N ILE B 108 -7.59 9.41 9.26
CA ILE B 108 -7.66 8.57 8.07
C ILE B 108 -6.46 8.81 7.15
N THR B 109 -5.89 10.01 7.14
CA THR B 109 -4.71 10.20 6.31
C THR B 109 -3.43 9.63 6.94
N HIS B 110 -3.45 9.31 8.24
CA HIS B 110 -2.28 8.67 8.86
C HIS B 110 -2.23 7.17 8.57
N HIS B 111 -3.38 6.50 8.57
CA HIS B 111 -3.40 5.09 8.18
C HIS B 111 -3.59 4.90 6.69
N CYS B 112 -4.13 5.89 5.98
CA CYS B 112 -4.49 5.75 4.57
C CYS B 112 -4.12 7.02 3.82
N PRO B 113 -2.83 7.21 3.52
CA PRO B 113 -2.40 8.45 2.86
C PRO B 113 -2.82 8.54 1.40
N LYS B 114 -2.93 7.42 0.72
CA LYS B 114 -3.32 7.42 -0.68
C LYS B 114 -4.84 7.28 -0.86
N THR B 115 -5.61 7.26 0.23
CA THR B 115 -7.00 6.99 -0.08
C THR B 115 -7.81 8.28 -0.12
N PRO B 116 -8.69 8.41 -1.12
CA PRO B 116 -9.51 9.62 -1.25
C PRO B 116 -10.50 9.79 -0.11
N PHE B 117 -10.74 11.03 0.27
CA PHE B 117 -11.81 11.32 1.21
C PHE B 117 -12.62 12.52 0.71
N LEU B 118 -13.85 12.64 1.22
CA LEU B 118 -14.79 13.71 0.91
C LEU B 118 -15.21 14.42 2.20
N LEU B 119 -15.43 15.73 2.10
CA LEU B 119 -16.03 16.50 3.19
C LEU B 119 -17.54 16.55 3.00
N VAL B 120 -18.25 15.99 3.96
CA VAL B 120 -19.70 15.98 3.92
C VAL B 120 -20.19 16.84 5.05
N GLY B 121 -20.87 17.94 4.70
CA GLY B 121 -21.67 18.68 5.65
C GLY B 121 -23.08 18.11 5.69
N THR B 122 -23.66 18.08 6.86
CA THR B 122 -24.97 17.47 6.98
C THR B 122 -25.88 18.32 7.84
N GLN B 123 -27.16 17.99 7.78
CA GLN B 123 -28.21 18.74 8.48
C GLN B 123 -28.27 20.18 7.98
N ILE B 124 -28.10 20.38 6.67
CA ILE B 124 -28.09 21.74 6.14
C ILE B 124 -29.47 22.39 6.15
N ASP B 125 -30.54 21.65 6.48
CA ASP B 125 -31.84 22.29 6.68
C ASP B 125 -31.85 23.20 7.91
N LEU B 126 -31.04 22.89 8.92
CA LEU B 126 -31.07 23.68 10.14
C LEU B 126 -30.18 24.91 10.02
N ARG B 127 -29.45 25.04 8.89
CA ARG B 127 -28.69 26.25 8.61
C ARG B 127 -29.70 27.37 8.40
N ASP B 128 -30.33 27.39 7.24
CA ASP B 128 -31.40 28.33 6.97
C ASP B 128 -32.65 27.98 7.80
N ASP B 129 -32.47 27.79 9.10
CA ASP B 129 -33.58 27.63 10.06
C ASP B 129 -33.48 28.71 11.12
N PRO B 130 -34.54 29.52 11.33
CA PRO B 130 -34.42 30.66 12.26
C PRO B 130 -34.11 30.28 13.70
N SER B 131 -34.74 29.22 14.23
CA SER B 131 -34.63 28.91 15.64
C SER B 131 -33.27 28.40 16.05
N THR B 132 -32.51 27.81 15.14
CA THR B 132 -31.18 27.35 15.48
C THR B 132 -30.11 28.38 15.19
N ILE B 133 -30.32 29.30 14.24
CA ILE B 133 -29.23 30.23 13.88
C ILE B 133 -28.88 31.14 15.05
N GLU B 134 -29.88 31.80 15.62
CA GLU B 134 -29.62 32.64 16.76
C GLU B 134 -29.50 31.83 18.04
N LYS B 135 -29.92 30.56 18.01
CA LYS B 135 -29.68 29.66 19.13
C LYS B 135 -28.19 29.37 19.31
N LEU B 136 -27.46 29.21 18.20
CA LEU B 136 -26.02 29.03 18.27
C LEU B 136 -25.28 30.34 18.41
N ALA B 137 -25.82 31.40 17.79
CA ALA B 137 -25.26 32.73 17.99
C ALA B 137 -25.39 33.17 19.44
N LYS B 138 -26.41 32.67 20.16
CA LYS B 138 -26.53 32.94 21.58
C LYS B 138 -25.54 32.13 22.43
N ASN B 139 -24.43 31.68 21.81
CA ASN B 139 -23.14 31.32 22.40
C ASN B 139 -22.00 31.70 21.47
N LYS B 140 -22.16 32.83 20.76
CA LYS B 140 -21.16 33.38 19.85
C LYS B 140 -20.71 32.35 18.82
N GLN B 141 -21.66 31.86 18.01
CA GLN B 141 -21.36 30.92 16.91
C GLN B 141 -22.39 31.02 15.80
N LYS B 142 -21.91 31.14 14.60
CA LYS B 142 -22.65 31.07 13.35
C LYS B 142 -22.47 29.69 12.73
N PRO B 143 -23.48 29.14 12.05
CA PRO B 143 -23.27 27.91 11.30
C PRO B 143 -22.22 28.06 10.20
N ILE B 144 -21.86 26.92 9.59
CA ILE B 144 -20.78 26.84 8.61
C ILE B 144 -21.36 27.14 7.23
N THR B 145 -20.91 28.23 6.63
CA THR B 145 -21.24 28.53 5.24
C THR B 145 -20.49 27.56 4.32
N PRO B 146 -21.10 27.19 3.18
CA PRO B 146 -20.36 26.33 2.23
C PRO B 146 -19.02 26.92 1.82
N GLU B 147 -18.91 28.25 1.77
CA GLU B 147 -17.63 28.88 1.50
C GLU B 147 -16.57 28.42 2.48
N THR B 148 -16.83 28.62 3.78
CA THR B 148 -15.83 28.33 4.81
C THR B 148 -15.51 26.84 4.91
N ALA B 149 -16.32 25.96 4.30
CA ALA B 149 -16.05 24.53 4.22
C ALA B 149 -15.40 24.13 2.91
N GLU B 150 -15.80 24.76 1.81
CA GLU B 150 -15.17 24.46 0.53
C GLU B 150 -13.67 24.71 0.59
N LYS B 151 -13.25 25.80 1.23
CA LYS B 151 -11.81 26.03 1.33
C LYS B 151 -11.15 25.02 2.27
N LEU B 152 -11.80 24.72 3.38
CA LEU B 152 -11.26 23.73 4.30
C LEU B 152 -10.91 22.43 3.58
N ALA B 153 -11.74 22.05 2.61
CA ALA B 153 -11.50 20.81 1.86
C ALA B 153 -10.38 20.99 0.84
N ARG B 154 -10.29 22.15 0.20
CA ARG B 154 -9.15 22.40 -0.67
C ARG B 154 -7.87 22.48 0.15
N ASP B 155 -7.94 23.14 1.30
CA ASP B 155 -6.81 23.15 2.22
C ASP B 155 -6.36 21.72 2.53
N LEU B 156 -7.31 20.82 2.79
CA LEU B 156 -7.01 19.47 3.26
C LEU B 156 -6.84 18.43 2.17
N LYS B 157 -6.90 18.81 0.89
CA LYS B 157 -6.78 17.88 -0.23
C LYS B 157 -7.84 16.79 -0.15
N ALA B 158 -9.06 17.17 0.21
CA ALA B 158 -10.25 16.36 -0.03
C ALA B 158 -10.63 16.35 -1.51
N VAL B 159 -11.39 15.34 -1.92
CA VAL B 159 -11.77 15.25 -3.32
C VAL B 159 -12.73 16.37 -3.70
N LYS B 160 -13.65 16.73 -2.80
CA LYS B 160 -14.49 17.93 -2.87
C LYS B 160 -15.32 18.01 -1.60
N TYR B 161 -16.07 19.10 -1.48
CA TYR B 161 -17.06 19.24 -0.40
C TYR B 161 -18.44 18.91 -0.94
N VAL B 162 -19.23 18.24 -0.13
CA VAL B 162 -20.63 18.01 -0.44
C VAL B 162 -21.40 18.27 0.85
N GLU B 163 -22.65 18.68 0.71
CA GLU B 163 -23.52 18.83 1.86
C GLU B 163 -24.91 18.37 1.46
N CYS B 164 -25.68 17.92 2.46
CA CYS B 164 -26.98 17.33 2.19
C CYS B 164 -27.88 17.51 3.41
N SER B 165 -29.16 17.27 3.21
CA SER B 165 -30.12 17.10 4.29
C SER B 165 -30.76 15.71 4.18
N ALA B 166 -30.69 14.95 5.28
CA ALA B 166 -31.42 13.69 5.32
C ALA B 166 -32.91 13.89 5.15
N LEU B 167 -33.41 15.06 5.59
CA LEU B 167 -34.82 15.40 5.75
C LEU B 167 -35.43 16.01 4.49
N THR B 168 -34.76 16.97 3.89
CA THR B 168 -35.20 17.47 2.59
C THR B 168 -34.49 16.79 1.43
N GLN B 169 -33.75 15.71 1.68
CA GLN B 169 -33.19 14.89 0.61
C GLN B 169 -32.26 15.68 -0.33
N LYS B 170 -32.20 17.01 -0.17
CA LYS B 170 -31.40 17.86 -1.04
C LYS B 170 -29.93 17.43 -1.00
N GLY B 171 -29.34 17.23 -2.19
CA GLY B 171 -27.94 16.88 -2.33
C GLY B 171 -27.60 15.56 -1.68
N LEU B 172 -28.64 14.83 -1.28
CA LEU B 172 -28.40 13.53 -0.69
C LEU B 172 -27.83 12.58 -1.72
N LYS B 173 -28.46 12.51 -2.89
CA LYS B 173 -27.95 11.62 -3.92
C LYS B 173 -26.57 12.03 -4.37
N ASN B 174 -26.28 13.33 -4.38
CA ASN B 174 -24.97 13.79 -4.84
C ASN B 174 -23.86 13.30 -3.91
N VAL B 175 -24.05 13.40 -2.59
CA VAL B 175 -23.06 12.88 -1.64
C VAL B 175 -22.55 11.53 -2.08
N PHE B 176 -23.48 10.60 -2.35
CA PHE B 176 -23.10 9.22 -2.61
C PHE B 176 -22.64 8.99 -4.05
N ASP B 177 -23.18 9.74 -5.01
CA ASP B 177 -22.63 9.64 -6.37
C ASP B 177 -21.17 10.02 -6.36
N GLU B 178 -20.80 11.12 -5.68
CA GLU B 178 -19.42 11.56 -5.69
C GLU B 178 -18.51 10.58 -4.97
N ALA B 179 -18.99 9.99 -3.87
CA ALA B 179 -18.19 9.00 -3.14
C ALA B 179 -17.85 7.81 -4.03
N ILE B 180 -18.84 7.24 -4.72
CA ILE B 180 -18.56 6.18 -5.68
C ILE B 180 -17.56 6.66 -6.72
N LEU B 181 -17.84 7.80 -7.34
CA LEU B 181 -16.96 8.30 -8.40
C LEU B 181 -15.55 8.43 -7.89
N ALA B 182 -15.39 9.07 -6.73
CA ALA B 182 -14.06 9.25 -6.16
C ALA B 182 -13.39 7.92 -5.90
N ALA B 183 -14.16 6.86 -5.65
CA ALA B 183 -13.52 5.56 -5.46
C ALA B 183 -12.96 4.99 -6.76
N LEU B 184 -13.51 5.38 -7.92
CA LEU B 184 -13.05 4.89 -9.22
C LEU B 184 -11.89 5.73 -9.81
N GLU B 185 -11.18 6.45 -8.94
CA GLU B 185 -9.99 7.22 -9.29
C GLU B 185 -9.07 7.41 -8.09
N GLU C 12 20.00 -22.66 -17.30
CA GLU C 12 21.00 -23.68 -17.72
C GLU C 12 21.58 -24.45 -16.54
N ARG C 13 20.75 -24.73 -15.53
CA ARG C 13 21.02 -25.83 -14.58
C ARG C 13 19.83 -26.78 -14.69
N MET C 14 19.52 -27.02 -15.96
CA MET C 14 19.17 -28.33 -16.43
C MET C 14 20.35 -29.28 -16.34
N PHE C 15 21.58 -28.75 -16.48
CA PHE C 15 22.77 -29.57 -16.42
C PHE C 15 23.42 -29.63 -15.06
N GLY C 16 23.18 -28.64 -14.19
CA GLY C 16 23.90 -28.51 -12.95
C GLY C 16 25.08 -27.57 -13.08
N THR C 17 25.85 -27.45 -12.01
CA THR C 17 26.87 -26.40 -11.93
C THR C 17 28.28 -26.97 -12.00
N TYR C 18 29.12 -26.33 -12.80
CA TYR C 18 30.45 -26.84 -13.15
C TYR C 18 31.54 -25.82 -12.81
N PHE C 19 32.51 -26.25 -12.01
CA PHE C 19 33.66 -25.42 -11.66
C PHE C 19 34.96 -26.09 -12.12
N ARG C 20 35.93 -25.25 -12.42
CA ARG C 20 37.27 -25.67 -12.80
C ARG C 20 38.18 -25.54 -11.58
N VAL C 21 38.80 -26.64 -11.18
CA VAL C 21 39.65 -26.69 -9.99
C VAL C 21 41.04 -27.12 -10.42
N GLY C 22 42.02 -26.26 -10.19
CA GLY C 22 43.40 -26.58 -10.43
C GLY C 22 44.13 -26.57 -9.09
N PHE C 23 44.83 -27.65 -8.82
CA PHE C 23 45.63 -27.71 -7.62
C PHE C 23 47.08 -27.40 -7.96
N TYR C 24 47.67 -26.45 -7.24
CA TYR C 24 49.06 -26.09 -7.39
C TYR C 24 49.78 -26.16 -6.05
N GLY C 25 50.99 -26.71 -6.08
CA GLY C 25 51.77 -26.91 -4.88
C GLY C 25 51.95 -28.39 -4.59
N THR C 26 53.07 -28.71 -3.91
CA THR C 26 53.49 -30.09 -3.72
C THR C 26 52.85 -30.72 -2.49
N LYS C 27 52.40 -29.92 -1.54
CA LYS C 27 51.70 -30.49 -0.39
C LYS C 27 50.47 -31.31 -0.80
N PHE C 28 49.97 -31.15 -2.04
CA PHE C 28 48.89 -31.99 -2.55
C PHE C 28 49.41 -33.32 -3.05
N GLY C 29 50.66 -33.34 -3.50
CA GLY C 29 51.28 -34.57 -3.91
C GLY C 29 50.81 -34.96 -5.28
N ASP C 30 50.10 -36.07 -5.37
CA ASP C 30 49.69 -36.54 -6.68
C ASP C 30 48.72 -35.58 -7.35
N LEU C 31 48.07 -34.70 -6.56
CA LEU C 31 47.18 -33.68 -7.12
C LEU C 31 47.91 -32.45 -7.67
N ASP C 32 49.23 -32.35 -7.49
CA ASP C 32 49.96 -31.20 -8.03
C ASP C 32 49.84 -31.19 -9.54
N GLU C 33 49.64 -30.00 -10.12
CA GLU C 33 49.59 -29.77 -11.56
C GLU C 33 48.42 -30.47 -12.25
N GLN C 34 47.32 -30.61 -11.51
CA GLN C 34 46.13 -31.35 -11.94
C GLN C 34 44.95 -30.39 -12.00
N GLU C 35 44.30 -30.31 -13.16
CA GLU C 35 43.19 -29.37 -13.35
C GLU C 35 41.92 -30.18 -13.62
N PHE C 36 40.94 -30.05 -12.75
CA PHE C 36 39.70 -30.80 -12.91
C PHE C 36 38.53 -29.87 -13.24
N VAL C 37 37.45 -30.47 -13.69
CA VAL C 37 36.16 -29.83 -13.78
C VAL C 37 35.23 -30.55 -12.83
N TYR C 38 34.76 -29.84 -11.82
CA TYR C 38 33.89 -30.39 -10.79
C TYR C 38 32.43 -30.24 -11.21
N LYS C 39 31.59 -31.20 -10.82
CA LYS C 39 30.15 -31.19 -11.13
C LYS C 39 29.34 -31.05 -9.85
N GLU C 40 28.80 -29.88 -9.62
CA GLU C 40 28.14 -29.65 -8.35
C GLU C 40 26.64 -29.65 -8.54
N PRO C 41 25.86 -29.72 -7.45
CA PRO C 41 24.41 -29.63 -7.59
C PRO C 41 24.00 -28.25 -8.13
N ALA C 42 22.84 -28.20 -8.78
CA ALA C 42 22.46 -26.99 -9.51
C ALA C 42 22.33 -25.81 -8.56
N TYR C 43 22.84 -24.66 -9.00
CA TYR C 43 22.79 -23.37 -8.29
C TYR C 43 23.76 -23.29 -7.13
N THR C 44 24.74 -24.19 -7.08
CA THR C 44 25.85 -24.03 -6.16
C THR C 44 26.65 -22.78 -6.52
N LYS C 45 27.09 -22.05 -5.50
CA LYS C 45 27.70 -20.74 -5.62
C LYS C 45 29.21 -20.86 -5.49
N LEU C 46 29.91 -19.86 -6.00
CA LEU C 46 31.38 -19.86 -5.90
C LEU C 46 31.83 -19.98 -4.47
N ALA C 47 31.33 -19.11 -3.59
CA ALA C 47 31.74 -19.18 -2.19
C ALA C 47 31.46 -20.54 -1.57
N GLU C 48 30.48 -21.27 -2.10
CA GLU C 48 30.13 -22.57 -1.53
C GLU C 48 31.27 -23.58 -1.73
N ILE C 49 31.71 -23.77 -2.98
CA ILE C 49 32.80 -24.73 -3.26
C ILE C 49 34.17 -24.15 -2.88
N SER C 50 34.36 -22.85 -2.97
CA SER C 50 35.58 -22.23 -2.49
C SER C 50 35.73 -22.39 -0.98
N HIS C 51 34.64 -22.46 -0.24
CA HIS C 51 34.82 -22.68 1.19
C HIS C 51 35.21 -24.13 1.45
N ARG C 52 34.55 -25.08 0.77
CA ARG C 52 34.78 -26.49 1.03
C ARG C 52 36.23 -26.86 0.87
N LEU C 53 36.80 -26.63 -0.32
CA LEU C 53 38.17 -27.03 -0.57
C LEU C 53 39.17 -26.23 0.27
N GLU C 54 38.91 -24.93 0.54
CA GLU C 54 39.83 -24.13 1.34
C GLU C 54 39.84 -24.64 2.77
N GLY C 55 38.65 -24.84 3.33
CA GLY C 55 38.49 -25.49 4.62
C GLY C 55 39.12 -26.86 4.69
N PHE C 56 38.72 -27.76 3.80
CA PHE C 56 39.23 -29.12 3.84
C PHE C 56 40.76 -29.17 3.85
N TYR C 57 41.42 -28.42 2.98
CA TYR C 57 42.87 -28.56 2.95
C TYR C 57 43.55 -27.63 3.96
N GLY C 58 42.79 -26.81 4.67
CA GLY C 58 43.31 -26.13 5.82
C GLY C 58 43.39 -27.06 7.01
N GLU C 59 42.32 -27.83 7.28
CA GLU C 59 42.36 -28.82 8.36
C GLU C 59 43.56 -29.74 8.20
N ARG C 60 44.00 -29.97 6.96
CA ARG C 60 45.14 -30.83 6.64
C ARG C 60 46.47 -30.09 6.74
N PHE C 61 46.61 -28.92 6.09
CA PHE C 61 47.90 -28.25 6.10
C PHE C 61 47.96 -27.01 6.97
N GLY C 62 46.84 -26.44 7.35
CA GLY C 62 46.85 -25.23 8.15
C GLY C 62 46.29 -24.05 7.38
N GLU C 63 45.51 -23.21 8.07
CA GLU C 63 44.92 -22.00 7.49
C GLU C 63 45.92 -21.25 6.63
N ASP C 64 46.97 -20.77 7.23
CA ASP C 64 47.94 -19.92 6.59
C ASP C 64 48.81 -20.64 5.52
N VAL C 65 48.50 -21.87 5.12
CA VAL C 65 49.29 -22.58 4.13
C VAL C 65 48.55 -22.74 2.80
N VAL C 66 47.22 -22.73 2.84
CA VAL C 66 46.35 -22.98 1.70
C VAL C 66 45.78 -21.64 1.25
N GLU C 67 46.22 -21.20 0.07
CA GLU C 67 45.73 -19.98 -0.54
C GLU C 67 44.77 -20.34 -1.67
N VAL C 68 43.74 -19.51 -1.83
CA VAL C 68 42.81 -19.64 -2.95
C VAL C 68 43.16 -18.61 -4.00
N ILE C 69 43.49 -19.06 -5.21
CA ILE C 69 43.74 -18.12 -6.30
C ILE C 69 42.41 -17.49 -6.70
N LYS C 70 42.33 -16.16 -6.61
CA LYS C 70 41.10 -15.41 -6.91
C LYS C 70 41.22 -14.72 -8.27
N ASP C 71 41.55 -15.53 -9.28
CA ASP C 71 41.97 -15.08 -10.59
C ASP C 71 41.41 -16.08 -11.59
N SER C 72 41.68 -15.85 -12.88
CA SER C 72 41.44 -16.89 -13.87
C SER C 72 42.48 -16.84 -15.01
N ASN C 73 43.53 -16.04 -14.87
CA ASN C 73 44.57 -16.06 -15.87
C ASN C 73 45.46 -17.27 -15.62
N PRO C 74 45.92 -17.94 -16.72
CA PRO C 74 46.68 -19.19 -16.57
C PRO C 74 47.81 -19.03 -15.56
N VAL C 75 47.82 -19.86 -14.52
CA VAL C 75 48.78 -19.72 -13.43
C VAL C 75 50.18 -19.94 -13.96
N ASP C 76 51.02 -18.92 -13.86
CA ASP C 76 52.46 -19.10 -14.02
C ASP C 76 52.99 -19.68 -12.72
N LYS C 77 53.47 -20.92 -12.79
CA LYS C 77 53.84 -21.65 -11.59
C LYS C 77 54.98 -20.97 -10.85
N CYS C 78 56.00 -20.50 -11.57
CA CYS C 78 57.24 -20.08 -10.92
C CYS C 78 57.06 -18.83 -10.06
N LYS C 79 55.94 -18.12 -10.20
CA LYS C 79 55.61 -17.02 -9.32
C LYS C 79 55.11 -17.48 -7.96
N LEU C 80 54.82 -18.77 -7.79
CA LEU C 80 54.18 -19.30 -6.59
C LEU C 80 55.19 -19.62 -5.50
N ASP C 81 54.75 -19.45 -4.25
CA ASP C 81 55.52 -19.82 -3.05
C ASP C 81 55.49 -21.33 -2.88
N PRO C 82 56.59 -22.04 -3.13
CA PRO C 82 56.53 -23.50 -3.14
C PRO C 82 56.31 -24.12 -1.77
N ASN C 83 56.18 -23.33 -0.72
CA ASN C 83 55.72 -23.85 0.55
C ASN C 83 54.20 -23.89 0.65
N LYS C 84 53.48 -23.17 -0.19
CA LYS C 84 52.04 -23.01 -0.05
C LYS C 84 51.25 -23.91 -1.01
N ALA C 85 49.98 -24.09 -0.69
CA ALA C 85 49.06 -24.94 -1.45
C ALA C 85 47.99 -24.07 -2.11
N TYR C 86 48.13 -23.84 -3.41
CA TYR C 86 47.24 -22.95 -4.16
C TYR C 86 46.14 -23.75 -4.83
N ILE C 87 44.92 -23.21 -4.77
CA ILE C 87 43.75 -23.74 -5.47
C ILE C 87 43.15 -22.61 -6.30
N GLN C 88 43.12 -22.76 -7.61
CA GLN C 88 42.42 -21.83 -8.49
C GLN C 88 41.03 -22.38 -8.82
N ILE C 89 39.99 -21.60 -8.47
CA ILE C 89 38.59 -22.02 -8.69
C ILE C 89 37.91 -21.07 -9.67
N THR C 90 37.20 -21.66 -10.62
CA THR C 90 36.62 -20.84 -11.67
C THR C 90 35.32 -21.45 -12.17
N TYR C 91 34.26 -20.65 -12.14
CA TYR C 91 32.97 -21.10 -12.62
C TYR C 91 32.99 -21.25 -14.14
N VAL C 92 32.54 -22.40 -14.64
CA VAL C 92 32.47 -22.60 -16.08
C VAL C 92 31.08 -23.08 -16.52
N GLU C 93 30.82 -22.86 -17.84
CA GLU C 93 29.58 -23.19 -18.47
C GLU C 93 29.87 -24.22 -19.54
N PRO C 94 29.00 -25.22 -19.68
CA PRO C 94 29.21 -26.22 -20.74
C PRO C 94 29.10 -25.56 -22.10
N TYR C 95 30.08 -25.83 -22.96
CA TYR C 95 30.22 -25.17 -24.25
C TYR C 95 29.76 -26.12 -25.34
N PHE C 96 29.03 -25.58 -26.32
CA PHE C 96 28.50 -26.40 -27.41
C PHE C 96 28.83 -25.80 -28.79
N ASP C 97 29.01 -26.66 -29.80
CA ASP C 97 28.96 -26.20 -31.20
C ASP C 97 27.62 -25.56 -31.50
N THR C 98 27.58 -24.85 -32.63
CA THR C 98 26.29 -24.48 -33.20
C THR C 98 25.42 -25.72 -33.40
N TYR C 99 26.01 -26.77 -33.96
CA TYR C 99 25.29 -28.01 -34.23
C TYR C 99 24.89 -28.71 -32.95
N GLU C 100 25.77 -28.70 -31.95
CA GLU C 100 25.43 -29.31 -30.69
C GLU C 100 24.22 -28.64 -30.06
N MET C 101 24.12 -27.31 -30.21
CA MET C 101 23.05 -26.58 -29.54
C MET C 101 21.68 -26.90 -30.12
N LYS C 102 21.54 -26.80 -31.45
CA LYS C 102 20.33 -27.22 -32.16
C LYS C 102 19.76 -28.55 -31.64
N ASP C 103 20.56 -29.62 -31.72
CA ASP C 103 20.15 -30.94 -31.22
C ASP C 103 19.85 -30.96 -29.72
N ARG C 104 20.01 -29.82 -29.04
CA ARG C 104 19.52 -29.69 -27.68
C ARG C 104 18.26 -28.84 -27.59
N ILE C 105 17.83 -28.23 -28.68
CA ILE C 105 16.57 -27.52 -28.67
C ILE C 105 15.42 -28.45 -29.01
N THR C 106 15.64 -29.36 -29.95
CA THR C 106 14.61 -30.21 -30.52
C THR C 106 14.34 -31.50 -29.75
N TYR C 107 15.36 -32.13 -29.17
CA TYR C 107 15.19 -33.34 -28.40
C TYR C 107 15.08 -33.04 -26.90
N PHE C 108 14.27 -33.82 -26.18
CA PHE C 108 13.96 -33.50 -24.79
C PHE C 108 15.10 -33.83 -23.85
N ASP C 109 16.02 -34.71 -24.24
CA ASP C 109 17.10 -35.16 -23.38
C ASP C 109 18.41 -34.52 -23.82
N LYS C 110 19.01 -33.74 -22.91
CA LYS C 110 19.97 -32.73 -23.30
C LYS C 110 21.29 -32.83 -22.56
N ASN C 111 21.36 -33.61 -21.49
CA ASN C 111 22.51 -33.66 -20.58
C ASN C 111 23.32 -34.90 -20.94
N TYR C 112 24.11 -34.78 -22.00
CA TYR C 112 24.61 -36.06 -22.47
C TYR C 112 25.99 -36.06 -23.06
N ASN C 113 26.62 -34.93 -23.28
CA ASN C 113 27.94 -35.06 -23.85
C ASN C 113 28.85 -34.03 -23.26
N LEU C 114 28.77 -33.84 -21.96
CA LEU C 114 29.29 -32.61 -21.39
C LEU C 114 30.80 -32.78 -21.32
N ARG C 115 31.45 -32.35 -22.38
CA ARG C 115 32.86 -32.59 -22.60
C ARG C 115 33.68 -31.31 -22.70
N ARG C 116 33.11 -30.23 -23.25
CA ARG C 116 33.77 -28.93 -23.34
C ARG C 116 33.15 -27.94 -22.37
N PHE C 117 33.99 -27.11 -21.73
CA PHE C 117 33.52 -26.10 -20.79
C PHE C 117 34.29 -24.82 -21.05
N MET C 118 33.69 -23.68 -20.66
CA MET C 118 34.12 -22.36 -21.11
C MET C 118 34.07 -21.36 -19.97
N TYR C 119 35.08 -20.48 -19.89
CA TYR C 119 35.06 -19.32 -19.00
C TYR C 119 35.66 -18.13 -19.75
N CYS C 120 35.32 -16.92 -19.31
CA CYS C 120 35.86 -15.73 -19.94
C CYS C 120 36.71 -14.99 -18.92
N THR C 121 37.83 -14.44 -19.40
CA THR C 121 38.67 -13.60 -18.56
C THR C 121 38.81 -12.24 -19.26
N PRO C 122 38.42 -11.15 -18.58
CA PRO C 122 38.60 -9.81 -19.12
C PRO C 122 40.03 -9.35 -18.96
N PHE C 123 40.44 -8.41 -19.79
CA PHE C 123 41.81 -7.95 -19.70
C PHE C 123 42.07 -6.81 -20.67
N THR C 124 42.94 -5.90 -20.25
CA THR C 124 43.52 -4.92 -21.13
C THR C 124 44.94 -5.33 -21.52
N LEU C 125 45.41 -4.79 -22.65
CA LEU C 125 46.81 -4.99 -23.04
C LEU C 125 47.74 -4.25 -22.08
N ASP C 126 47.19 -3.23 -21.43
CA ASP C 126 47.79 -2.47 -20.34
C ASP C 126 48.08 -3.32 -19.09
N GLY C 127 47.60 -4.56 -19.02
CA GLY C 127 47.81 -5.38 -17.83
C GLY C 127 46.65 -5.41 -16.83
N ARG C 128 45.64 -4.56 -16.99
CA ARG C 128 44.51 -4.55 -16.08
C ARG C 128 43.50 -5.62 -16.46
N ALA C 129 42.70 -6.04 -15.47
CA ALA C 129 41.57 -6.90 -15.80
C ALA C 129 40.49 -6.10 -16.47
N HIS C 130 40.31 -4.85 -16.03
CA HIS C 130 39.21 -3.98 -16.41
C HIS C 130 39.72 -2.67 -16.98
N GLY C 131 39.07 -2.20 -18.05
CA GLY C 131 39.43 -0.95 -18.69
C GLY C 131 38.21 -0.29 -19.30
N GLU C 132 38.41 0.80 -20.03
CA GLU C 132 37.27 1.45 -20.65
C GLU C 132 36.79 0.62 -21.83
N LEU C 133 35.67 1.05 -22.41
CA LEU C 133 35.05 0.25 -23.47
C LEU C 133 36.00 -0.01 -24.61
N HIS C 134 36.83 0.98 -24.98
CA HIS C 134 37.70 0.83 -26.13
C HIS C 134 38.95 0.00 -25.81
N GLU C 135 39.27 -0.19 -24.52
CA GLU C 135 40.42 -0.94 -24.05
C GLU C 135 40.11 -2.39 -23.69
N GLN C 136 38.83 -2.76 -23.62
CA GLN C 136 38.41 -3.99 -22.94
C GLN C 136 38.45 -5.20 -23.87
N PHE C 137 39.38 -6.11 -23.60
CA PHE C 137 39.49 -7.40 -24.27
C PHE C 137 38.95 -8.50 -23.39
N LYS C 138 38.56 -9.59 -24.02
CA LYS C 138 38.09 -10.72 -23.26
C LYS C 138 38.73 -11.96 -23.85
N ARG C 139 39.21 -12.85 -22.98
CA ARG C 139 39.74 -14.14 -23.41
C ARG C 139 38.70 -15.23 -23.12
N LYS C 140 38.27 -15.93 -24.18
CA LYS C 140 37.39 -17.09 -24.07
C LYS C 140 38.24 -18.36 -24.06
N THR C 141 38.24 -19.05 -22.94
CA THR C 141 39.02 -20.25 -22.71
C THR C 141 38.07 -21.45 -22.68
N ILE C 142 38.40 -22.48 -23.46
CA ILE C 142 37.49 -23.60 -23.68
C ILE C 142 38.20 -24.88 -23.23
N LEU C 143 37.71 -25.46 -22.13
CA LEU C 143 38.31 -26.63 -21.51
C LEU C 143 37.70 -27.90 -22.08
N THR C 144 38.55 -28.78 -22.60
CA THR C 144 38.18 -30.13 -22.97
C THR C 144 38.57 -31.05 -21.81
N THR C 145 37.69 -31.98 -21.46
CA THR C 145 37.99 -32.90 -20.37
C THR C 145 38.11 -34.34 -20.86
N SER C 146 38.80 -35.12 -20.01
CA SER C 146 39.20 -36.49 -20.32
C SER C 146 38.02 -37.40 -20.62
N HIS C 147 37.05 -37.48 -19.73
CA HIS C 147 35.79 -38.13 -20.05
C HIS C 147 34.67 -37.12 -19.85
N ALA C 148 33.48 -37.44 -20.34
CA ALA C 148 32.41 -36.47 -20.35
C ALA C 148 31.32 -36.81 -19.33
N PHE C 149 30.64 -35.78 -18.89
CA PHE C 149 29.55 -35.81 -17.95
C PHE C 149 28.24 -36.18 -18.65
N PRO C 150 27.33 -36.88 -17.96
CA PRO C 150 27.46 -37.45 -16.61
C PRO C 150 28.34 -38.70 -16.53
N TYR C 151 29.35 -38.63 -15.67
CA TYR C 151 30.41 -39.62 -15.55
C TYR C 151 30.25 -40.37 -14.24
N ILE C 152 30.99 -41.47 -14.10
CA ILE C 152 30.95 -42.22 -12.84
C ILE C 152 31.50 -41.43 -11.67
N LYS C 153 32.13 -40.29 -11.92
CA LYS C 153 32.73 -39.47 -10.88
C LYS C 153 32.21 -38.04 -11.02
N THR C 154 32.53 -37.22 -10.03
CA THR C 154 32.06 -35.85 -10.11
C THR C 154 33.12 -34.88 -10.59
N ARG C 155 34.39 -35.21 -10.41
CA ARG C 155 35.42 -34.45 -11.09
C ARG C 155 36.04 -35.34 -12.14
N VAL C 156 36.41 -34.73 -13.23
CA VAL C 156 37.21 -35.36 -14.26
C VAL C 156 38.19 -34.29 -14.68
N ASN C 157 39.34 -34.68 -15.19
CA ASN C 157 40.31 -33.61 -15.33
C ASN C 157 40.40 -33.11 -16.78
N VAL C 158 41.09 -31.99 -16.91
CA VAL C 158 41.16 -31.23 -18.14
C VAL C 158 42.28 -31.79 -18.99
N THR C 159 41.96 -32.14 -20.22
CA THR C 159 42.97 -32.54 -21.17
C THR C 159 43.42 -31.39 -22.08
N HIS C 160 42.51 -30.61 -22.67
CA HIS C 160 42.90 -29.59 -23.64
C HIS C 160 42.43 -28.20 -23.19
N LYS C 161 42.85 -27.17 -23.94
CA LYS C 161 42.61 -25.76 -23.59
C LYS C 161 42.67 -24.92 -24.86
N GLU C 162 41.52 -24.49 -25.36
CA GLU C 162 41.42 -23.51 -26.45
C GLU C 162 41.27 -22.10 -25.88
N GLU C 163 41.97 -21.14 -26.48
CA GLU C 163 41.86 -19.75 -26.06
C GLU C 163 41.48 -18.85 -27.24
N ILE C 164 40.49 -17.97 -27.01
CA ILE C 164 39.96 -17.09 -28.04
C ILE C 164 40.06 -15.68 -27.50
N ILE C 165 40.46 -14.75 -28.37
CA ILE C 165 40.55 -13.34 -27.99
C ILE C 165 39.48 -12.55 -28.74
N LEU C 166 38.68 -11.83 -27.96
CA LEU C 166 37.68 -10.90 -28.46
C LEU C 166 38.22 -9.48 -28.34
N THR C 167 38.34 -8.79 -29.48
CA THR C 167 38.72 -7.38 -29.45
C THR C 167 37.60 -6.60 -28.75
N PRO C 168 37.89 -5.40 -28.26
CA PRO C 168 36.86 -4.65 -27.53
C PRO C 168 35.48 -4.55 -28.22
N ILE C 169 35.42 -4.37 -29.54
CA ILE C 169 34.10 -4.28 -30.16
C ILE C 169 33.39 -5.64 -30.08
N GLU C 170 34.11 -6.72 -30.35
CA GLU C 170 33.57 -8.04 -30.07
C GLU C 170 33.03 -8.10 -28.65
N VAL C 171 33.80 -7.60 -27.68
CA VAL C 171 33.36 -7.63 -26.29
C VAL C 171 32.00 -6.97 -26.17
N ALA C 172 31.85 -5.81 -26.83
CA ALA C 172 30.60 -5.08 -26.75
C ALA C 172 29.51 -5.78 -27.54
N ILE C 173 29.83 -6.33 -28.71
CA ILE C 173 28.79 -6.98 -29.50
C ILE C 173 28.10 -8.07 -28.71
N GLU C 174 28.83 -8.75 -27.82
CA GLU C 174 28.20 -9.75 -26.96
C GLU C 174 27.34 -9.11 -25.89
N ASP C 175 27.78 -7.96 -25.37
CA ASP C 175 27.01 -7.29 -24.34
C ASP C 175 25.64 -6.90 -24.86
N MET C 176 25.59 -6.43 -26.12
CA MET C 176 24.31 -6.10 -26.74
C MET C 176 23.47 -7.35 -26.90
N GLN C 177 24.05 -8.38 -27.53
CA GLN C 177 23.31 -9.60 -27.83
C GLN C 177 22.67 -10.21 -26.58
N LYS C 178 23.42 -10.28 -25.48
CA LYS C 178 22.86 -10.85 -24.27
C LYS C 178 21.66 -10.04 -23.81
N LYS C 179 21.85 -8.72 -23.67
CA LYS C 179 20.79 -7.88 -23.12
C LYS C 179 19.57 -7.83 -24.04
N THR C 180 19.78 -7.74 -25.35
CA THR C 180 18.66 -7.85 -26.28
C THR C 180 17.87 -9.11 -26.02
N GLN C 181 18.55 -10.25 -25.85
CA GLN C 181 17.80 -11.48 -25.62
C GLN C 181 17.19 -11.51 -24.23
N GLU C 182 17.91 -11.01 -23.20
CA GLU C 182 17.28 -10.78 -21.90
C GLU C 182 15.96 -10.02 -22.03
N LEU C 183 15.92 -8.99 -22.89
CA LEU C 183 14.68 -8.24 -23.09
C LEU C 183 13.66 -9.08 -23.83
N ALA C 184 14.08 -9.72 -24.91
CA ALA C 184 13.18 -10.54 -25.71
C ALA C 184 12.58 -11.66 -24.88
N PHE C 185 13.34 -12.19 -23.93
CA PHE C 185 12.79 -13.27 -23.13
C PHE C 185 11.74 -12.73 -22.15
N ALA C 186 12.11 -11.73 -21.34
CA ALA C 186 11.19 -11.26 -20.31
C ALA C 186 9.98 -10.56 -20.89
N THR C 187 10.07 -10.04 -22.13
CA THR C 187 8.89 -9.66 -22.89
C THR C 187 8.01 -10.87 -23.18
N HIS C 188 8.41 -11.70 -24.16
CA HIS C 188 7.62 -12.84 -24.64
C HIS C 188 7.36 -14.00 -23.69
N GLN C 189 7.11 -13.78 -22.41
CA GLN C 189 6.96 -14.89 -21.48
C GLN C 189 5.61 -14.83 -20.79
N ASP C 190 5.01 -16.03 -20.58
CA ASP C 190 3.60 -16.27 -20.22
C ASP C 190 3.40 -17.33 -19.13
N PRO C 191 3.08 -16.94 -17.88
CA PRO C 191 2.74 -15.56 -17.44
C PRO C 191 3.87 -14.55 -17.54
N ALA C 192 3.55 -13.26 -17.68
CA ALA C 192 4.60 -12.27 -17.63
C ALA C 192 5.10 -12.15 -16.20
N ASP C 193 6.31 -11.63 -16.05
CA ASP C 193 6.90 -11.39 -14.75
C ASP C 193 7.40 -9.97 -14.75
N PRO C 194 6.52 -9.02 -14.46
CA PRO C 194 6.84 -7.62 -14.74
C PRO C 194 8.00 -7.11 -13.91
N LYS C 195 8.17 -7.64 -12.70
CA LYS C 195 9.34 -7.29 -11.90
C LYS C 195 10.63 -7.60 -12.67
N MET C 196 10.70 -8.81 -13.22
CA MET C 196 11.87 -9.18 -14.00
C MET C 196 11.97 -8.31 -15.24
N LEU C 197 10.87 -8.20 -15.99
CA LEU C 197 10.85 -7.38 -17.18
C LEU C 197 11.35 -5.98 -16.87
N GLN C 198 10.79 -5.36 -15.83
CA GLN C 198 11.19 -3.99 -15.52
C GLN C 198 12.66 -3.91 -15.17
N MET C 199 13.17 -4.90 -14.43
CA MET C 199 14.59 -4.92 -14.13
C MET C 199 15.42 -4.83 -15.41
N VAL C 200 15.17 -5.75 -16.35
CA VAL C 200 15.93 -5.72 -17.62
C VAL C 200 15.70 -4.40 -18.33
N LEU C 201 14.45 -3.97 -18.35
CA LEU C 201 14.05 -2.82 -19.15
C LEU C 201 14.70 -1.56 -18.63
N GLN C 202 14.48 -1.25 -17.33
CA GLN C 202 15.02 0.00 -16.80
C GLN C 202 16.52 0.05 -17.04
N GLY C 203 17.22 -1.04 -16.77
CA GLY C 203 18.64 -1.10 -16.98
C GLY C 203 19.08 -1.20 -18.43
N SER C 204 18.17 -1.27 -19.38
CA SER C 204 18.58 -1.12 -20.77
C SER C 204 18.47 0.36 -21.20
N VAL C 205 17.24 0.90 -21.15
CA VAL C 205 16.97 2.27 -21.61
C VAL C 205 17.29 3.31 -20.52
N GLY C 206 17.13 2.96 -19.24
CA GLY C 206 17.39 3.93 -18.18
C GLY C 206 18.47 3.58 -17.16
N THR C 207 19.71 3.60 -17.61
CA THR C 207 20.80 3.23 -16.73
C THR C 207 21.18 4.40 -15.82
N THR C 208 21.57 4.09 -14.59
CA THR C 208 21.98 5.11 -13.65
C THR C 208 23.37 4.90 -13.09
N VAL C 209 23.96 3.74 -13.30
CA VAL C 209 25.26 3.39 -12.75
C VAL C 209 26.28 3.13 -13.87
N ASN C 210 25.99 2.18 -14.75
CA ASN C 210 26.94 1.87 -15.80
C ASN C 210 26.71 2.76 -17.02
N GLN C 211 27.60 2.61 -17.99
CA GLN C 211 27.75 3.59 -19.06
C GLN C 211 26.52 3.72 -19.95
N GLY C 212 25.73 2.65 -20.10
CA GLY C 212 24.51 2.69 -20.88
C GLY C 212 24.76 2.51 -22.37
N PRO C 213 23.79 1.93 -23.09
CA PRO C 213 24.07 1.44 -24.45
C PRO C 213 24.52 2.52 -25.42
N LEU C 214 24.20 3.80 -25.15
CA LEU C 214 24.53 4.86 -26.10
C LEU C 214 26.04 4.97 -26.33
N GLU C 215 26.79 5.18 -25.25
CA GLU C 215 28.22 5.37 -25.35
C GLU C 215 28.93 4.22 -26.05
N VAL C 216 28.33 3.02 -26.07
CA VAL C 216 28.84 1.93 -26.91
C VAL C 216 28.87 2.38 -28.38
N ALA C 217 27.70 2.73 -28.92
CA ALA C 217 27.60 3.18 -30.32
C ALA C 217 28.50 4.38 -30.60
N GLN C 218 28.65 5.27 -29.63
CA GLN C 218 29.60 6.37 -29.77
C GLN C 218 31.03 5.87 -29.90
N VAL C 219 31.43 4.91 -29.07
CA VAL C 219 32.82 4.43 -29.09
C VAL C 219 33.14 3.69 -30.39
N PHE C 220 32.18 2.94 -30.93
CA PHE C 220 32.50 2.04 -32.04
C PHE C 220 31.92 2.46 -33.39
N LEU C 221 30.70 3.00 -33.42
CA LEU C 221 30.00 3.36 -34.65
C LEU C 221 30.29 4.79 -35.12
N SER C 222 31.10 5.56 -34.38
CA SER C 222 31.32 6.96 -34.75
C SER C 222 32.22 7.12 -35.97
N GLU C 223 32.83 6.05 -36.48
CA GLU C 223 33.63 6.15 -37.70
C GLU C 223 33.55 4.84 -38.45
N ILE C 224 33.00 4.87 -39.66
CA ILE C 224 33.10 3.69 -40.53
C ILE C 224 34.58 3.38 -40.75
N PRO C 225 35.05 2.15 -40.53
CA PRO C 225 36.49 1.89 -40.47
C PRO C 225 37.10 1.65 -41.86
N SER C 226 38.43 1.64 -41.86
CA SER C 226 39.22 1.49 -43.09
C SER C 226 39.36 0.02 -43.48
N ASP C 227 40.08 -0.75 -42.65
CA ASP C 227 40.29 -2.19 -42.86
C ASP C 227 38.97 -2.94 -42.98
N PRO C 228 38.66 -3.58 -44.13
CA PRO C 228 37.44 -4.37 -44.21
C PRO C 228 37.40 -5.52 -43.22
N LYS C 229 38.55 -5.91 -42.64
CA LYS C 229 38.53 -6.89 -41.57
C LYS C 229 37.70 -6.42 -40.38
N LEU C 230 37.67 -5.11 -40.16
CA LEU C 230 36.84 -4.48 -39.14
C LEU C 230 35.40 -4.28 -39.59
N PHE C 231 35.09 -4.50 -40.86
CA PHE C 231 33.75 -4.17 -41.29
C PHE C 231 32.74 -5.20 -40.78
N ARG C 232 33.07 -6.49 -40.79
CA ARG C 232 32.11 -7.46 -40.26
C ARG C 232 31.74 -7.12 -38.83
N HIS C 233 32.68 -6.62 -38.04
CA HIS C 233 32.42 -6.29 -36.65
C HIS C 233 31.67 -4.96 -36.50
N HIS C 234 32.10 -3.93 -37.24
CA HIS C 234 31.38 -2.66 -37.21
C HIS C 234 29.94 -2.84 -37.66
N ASN C 235 29.74 -3.61 -38.73
CA ASN C 235 28.41 -3.83 -39.25
C ASN C 235 27.55 -4.63 -38.26
N LYS C 236 28.07 -5.77 -37.78
CA LYS C 236 27.27 -6.62 -36.91
C LYS C 236 26.82 -5.85 -35.69
N LEU C 237 27.74 -5.15 -35.05
CA LEU C 237 27.42 -4.34 -33.89
C LEU C 237 26.24 -3.43 -34.18
N ARG C 238 26.29 -2.70 -35.29
CA ARG C 238 25.20 -1.78 -35.62
C ARG C 238 23.86 -2.51 -35.64
N LEU C 239 23.60 -3.39 -36.63
CA LEU C 239 22.49 -4.33 -36.59
C LEU C 239 22.15 -4.89 -35.22
N CYS C 240 23.15 -5.11 -34.36
CA CYS C 240 22.84 -5.49 -32.98
C CYS C 240 22.03 -4.41 -32.29
N PHE C 241 22.36 -3.12 -32.53
CA PHE C 241 21.56 -2.05 -31.96
C PHE C 241 20.14 -2.05 -32.54
N LYS C 242 20.05 -2.23 -33.86
CA LYS C 242 18.74 -2.27 -34.51
C LYS C 242 17.87 -3.37 -33.93
N ASP C 243 18.42 -4.53 -33.63
CA ASP C 243 17.62 -5.48 -32.85
C ASP C 243 17.32 -4.90 -31.48
N PHE C 244 18.35 -4.42 -30.77
CA PHE C 244 18.20 -3.96 -29.39
C PHE C 244 17.13 -2.92 -29.28
N THR C 245 17.13 -1.97 -30.23
CA THR C 245 16.16 -0.90 -30.22
C THR C 245 14.73 -1.45 -30.36
N LYS C 246 14.50 -2.33 -31.32
CA LYS C 246 13.16 -2.86 -31.48
C LYS C 246 12.72 -3.68 -30.27
N ARG C 247 13.64 -4.28 -29.52
CA ARG C 247 13.16 -5.06 -28.38
C ARG C 247 12.85 -4.20 -27.16
N CYS C 248 13.49 -3.03 -27.04
CA CYS C 248 13.15 -2.10 -25.98
C CYS C 248 11.75 -1.55 -26.18
N GLU C 249 11.44 -1.18 -27.43
CA GLU C 249 10.08 -0.78 -27.83
C GLU C 249 9.05 -1.86 -27.44
N ASP C 250 9.25 -3.08 -27.97
CA ASP C 250 8.39 -4.22 -27.62
C ASP C 250 8.28 -4.41 -26.11
N ALA C 251 9.40 -4.31 -25.39
CA ALA C 251 9.35 -4.47 -23.94
C ALA C 251 8.76 -3.26 -23.24
N LEU C 252 8.83 -2.07 -23.87
CA LEU C 252 8.13 -0.89 -23.34
C LEU C 252 6.63 -1.08 -23.41
N ARG C 253 6.13 -1.46 -24.58
CA ARG C 253 4.69 -1.65 -24.75
C ARG C 253 4.17 -2.69 -23.79
N LYS C 254 4.84 -3.83 -23.68
CA LYS C 254 4.34 -4.89 -22.83
C LYS C 254 4.27 -4.46 -21.37
N ASN C 255 5.17 -3.59 -20.94
CA ASN C 255 5.10 -3.11 -19.57
C ASN C 255 3.96 -2.11 -19.38
N LYS C 256 3.68 -1.29 -20.40
CA LYS C 256 2.56 -0.35 -20.31
C LYS C 256 1.24 -1.07 -20.07
N SER C 257 1.22 -2.36 -20.36
CA SER C 257 0.05 -3.22 -20.22
C SER C 257 0.01 -3.93 -18.89
N LEU C 258 0.91 -3.59 -17.98
CA LEU C 258 1.05 -4.40 -16.78
C LEU C 258 1.10 -3.58 -15.51
N ILE C 259 1.50 -2.35 -15.59
CA ILE C 259 1.77 -1.61 -14.37
C ILE C 259 0.49 -0.99 -13.80
N GLY C 260 0.53 -0.67 -12.51
CA GLY C 260 -0.55 0.04 -11.86
C GLY C 260 -0.27 1.53 -11.72
N PRO C 261 -1.21 2.28 -11.13
CA PRO C 261 -1.07 3.75 -11.13
C PRO C 261 0.14 4.24 -10.35
N ASP C 262 0.64 3.43 -9.41
CA ASP C 262 1.88 3.71 -8.70
C ASP C 262 3.10 3.66 -9.62
N GLN C 263 3.01 2.97 -10.74
CA GLN C 263 4.13 2.91 -11.67
C GLN C 263 3.84 3.66 -12.94
N LYS C 264 2.80 4.50 -12.96
CA LYS C 264 2.47 5.26 -14.15
C LYS C 264 3.60 6.24 -14.50
N GLU C 265 4.17 6.90 -13.48
CA GLU C 265 5.27 7.82 -13.75
C GLU C 265 6.55 7.06 -14.03
N TYR C 266 6.80 5.99 -13.26
CA TYR C 266 7.90 5.09 -13.56
C TYR C 266 7.89 4.70 -15.03
N GLN C 267 6.72 4.35 -15.57
CA GLN C 267 6.62 4.07 -16.99
C GLN C 267 6.88 5.31 -17.83
N ARG C 268 6.41 6.48 -17.37
CA ARG C 268 6.67 7.68 -18.14
C ARG C 268 8.17 7.91 -18.30
N GLU C 269 8.95 7.69 -17.24
CA GLU C 269 10.39 7.93 -17.31
C GLU C 269 11.07 6.94 -18.26
N LEU C 270 10.84 5.63 -18.05
CA LEU C 270 11.31 4.62 -18.99
C LEU C 270 10.95 4.99 -20.42
N GLU C 271 9.69 5.34 -20.67
CA GLU C 271 9.32 5.83 -21.99
C GLU C 271 10.18 7.03 -22.39
N ARG C 272 10.34 8.00 -21.50
CA ARG C 272 11.09 9.21 -21.85
C ARG C 272 12.55 8.86 -22.12
N ASN C 273 13.14 8.02 -21.26
CA ASN C 273 14.52 7.60 -21.45
C ASN C 273 14.71 6.98 -22.81
N TYR C 274 13.77 6.12 -23.22
CA TYR C 274 13.99 5.36 -24.44
C TYR C 274 14.04 6.26 -25.67
N HIS C 275 13.08 7.18 -25.84
CA HIS C 275 13.13 8.05 -27.01
C HIS C 275 14.33 8.97 -26.92
N ARG C 276 14.64 9.43 -25.71
CA ARG C 276 15.82 10.25 -25.50
C ARG C 276 17.06 9.58 -26.11
N LEU C 277 17.19 8.24 -25.94
CA LEU C 277 18.29 7.43 -26.45
C LEU C 277 18.19 7.15 -27.96
N LYS C 278 17.04 6.66 -28.41
CA LYS C 278 16.87 6.35 -29.83
C LYS C 278 17.09 7.57 -30.72
N GLU C 279 16.63 8.75 -30.28
CA GLU C 279 16.91 9.95 -31.04
C GLU C 279 18.41 10.19 -31.14
N ALA C 280 19.16 9.84 -30.08
CA ALA C 280 20.61 10.04 -30.08
C ALA C 280 21.34 8.93 -30.83
N LEU C 281 20.76 7.73 -30.88
CA LEU C 281 21.39 6.63 -31.58
C LEU C 281 21.25 6.74 -33.08
N GLN C 282 20.14 7.30 -33.54
CA GLN C 282 19.79 7.28 -34.97
C GLN C 282 20.88 7.77 -35.91
N PRO C 283 21.67 8.81 -35.59
CA PRO C 283 22.76 9.20 -36.50
C PRO C 283 23.91 8.21 -36.55
N LEU C 284 23.94 7.23 -35.66
CA LEU C 284 24.99 6.24 -35.68
C LEU C 284 24.53 4.94 -36.35
N ILE C 285 23.22 4.76 -36.50
CA ILE C 285 22.66 3.60 -37.17
C ILE C 285 22.29 3.92 -38.63
N ASN C 286 22.74 5.05 -39.17
CA ASN C 286 22.31 5.41 -40.52
C ASN C 286 23.45 5.94 -41.39
N MET D 8 6.49 -19.02 -6.32
CA MET D 8 6.04 -17.79 -6.97
C MET D 8 6.99 -17.30 -8.11
N GLN D 9 7.37 -16.01 -8.07
CA GLN D 9 8.09 -15.35 -9.18
C GLN D 9 9.11 -14.36 -8.63
N THR D 10 9.70 -13.56 -9.52
CA THR D 10 10.86 -12.73 -9.20
C THR D 10 10.64 -11.86 -7.97
N ILE D 11 11.62 -11.85 -7.08
CA ILE D 11 11.60 -10.95 -5.93
C ILE D 11 12.33 -9.67 -6.29
N LYS D 12 11.66 -8.54 -6.10
CA LYS D 12 12.29 -7.25 -6.38
C LYS D 12 13.08 -6.78 -5.17
N CYS D 13 14.38 -6.67 -5.35
CA CYS D 13 15.30 -6.19 -4.32
C CYS D 13 16.04 -4.98 -4.89
N VAL D 14 15.94 -3.86 -4.17
CA VAL D 14 16.59 -2.61 -4.55
C VAL D 14 17.81 -2.43 -3.65
N VAL D 15 18.94 -2.04 -4.26
CA VAL D 15 20.22 -1.95 -3.54
C VAL D 15 20.67 -0.49 -3.56
N VAL D 16 20.74 0.14 -2.38
CA VAL D 16 21.00 1.58 -2.27
C VAL D 16 22.17 1.84 -1.34
N GLY D 17 22.84 2.96 -1.54
CA GLY D 17 23.99 3.29 -0.74
C GLY D 17 25.01 4.06 -1.55
N ASP D 18 25.98 4.65 -0.83
CA ASP D 18 26.94 5.55 -1.44
C ASP D 18 27.66 4.90 -2.60
N GLY D 19 28.18 5.74 -3.50
CA GLY D 19 29.03 5.23 -4.56
C GLY D 19 30.41 4.85 -4.04
N ALA D 20 31.05 3.92 -4.75
CA ALA D 20 32.40 3.45 -4.43
C ALA D 20 32.49 2.83 -3.03
N VAL D 21 31.47 2.09 -2.63
CA VAL D 21 31.54 1.26 -1.44
C VAL D 21 31.40 -0.19 -1.85
N GLY D 22 31.84 -0.50 -3.07
CA GLY D 22 31.74 -1.85 -3.59
C GLY D 22 30.33 -2.34 -3.73
N LYS D 23 29.36 -1.42 -3.87
CA LYS D 23 27.97 -1.80 -3.95
C LYS D 23 27.68 -2.57 -5.23
N THR D 24 27.88 -1.94 -6.38
CA THR D 24 27.65 -2.62 -7.65
C THR D 24 28.64 -3.74 -7.84
N CYS D 25 29.88 -3.56 -7.38
CA CYS D 25 30.91 -4.60 -7.48
C CYS D 25 30.42 -5.93 -6.93
N LEU D 26 29.92 -5.95 -5.69
CA LEU D 26 29.54 -7.24 -5.14
C LEU D 26 28.35 -7.81 -5.89
N LEU D 27 27.47 -6.95 -6.39
CA LEU D 27 26.30 -7.42 -7.12
C LEU D 27 26.70 -8.23 -8.36
N ILE D 28 27.55 -7.65 -9.20
CA ILE D 28 27.97 -8.32 -10.43
C ILE D 28 28.85 -9.53 -10.13
N SER D 29 29.60 -9.51 -9.01
CA SER D 29 30.40 -10.67 -8.64
C SER D 29 29.54 -11.87 -8.29
N TYR D 30 28.75 -11.77 -7.23
CA TYR D 30 27.94 -12.91 -6.79
C TYR D 30 27.10 -13.48 -7.94
N THR D 31 26.36 -12.62 -8.64
CA THR D 31 25.44 -13.13 -9.64
C THR D 31 26.12 -13.73 -10.87
N THR D 32 27.42 -13.52 -11.06
CA THR D 32 28.13 -14.19 -12.15
C THR D 32 29.11 -15.27 -11.68
N ASN D 33 29.01 -15.69 -10.40
CA ASN D 33 30.00 -16.57 -9.76
C ASN D 33 31.43 -16.17 -10.12
N LYS D 34 31.68 -14.87 -10.14
CA LYS D 34 32.99 -14.31 -10.41
C LYS D 34 33.58 -13.72 -9.12
N PHE D 35 34.92 -13.59 -9.13
CA PHE D 35 35.67 -12.84 -8.14
C PHE D 35 35.82 -11.42 -8.67
N PRO D 36 35.94 -10.41 -7.80
CA PRO D 36 35.96 -9.00 -8.28
C PRO D 36 37.02 -8.72 -9.32
N SER D 37 37.94 -9.64 -9.53
CA SER D 37 39.04 -9.44 -10.45
C SER D 37 38.71 -9.83 -11.88
N GLU D 38 37.75 -10.73 -12.07
CA GLU D 38 37.62 -11.41 -13.35
C GLU D 38 36.20 -11.33 -13.92
N TYR D 39 35.31 -10.55 -13.30
CA TYR D 39 33.98 -10.42 -13.87
C TYR D 39 34.06 -9.63 -15.16
N VAL D 40 33.18 -9.96 -16.10
CA VAL D 40 33.12 -9.30 -17.40
C VAL D 40 32.29 -8.05 -17.24
N PRO D 41 32.80 -6.88 -17.56
CA PRO D 41 32.07 -5.65 -17.27
C PRO D 41 31.00 -5.41 -18.32
N THR D 42 29.96 -4.71 -17.90
CA THR D 42 28.82 -4.42 -18.77
C THR D 42 28.58 -2.92 -18.76
N VAL D 43 27.64 -2.48 -19.62
CA VAL D 43 27.14 -1.11 -19.70
C VAL D 43 25.71 -0.98 -19.23
N PHE D 44 25.07 -2.07 -18.85
CA PHE D 44 23.68 -2.06 -18.40
C PHE D 44 23.59 -2.30 -16.89
N ASP D 45 22.49 -1.82 -16.32
CA ASP D 45 22.29 -1.97 -14.88
C ASP D 45 21.45 -3.18 -14.54
N ASN D 46 21.45 -3.48 -13.25
CA ASN D 46 20.62 -4.51 -12.62
C ASN D 46 21.10 -5.93 -12.91
N TYR D 47 20.92 -6.81 -11.94
CA TYR D 47 21.51 -8.14 -11.92
C TYR D 47 20.46 -9.11 -11.40
N ALA D 48 20.20 -10.20 -12.12
CA ALA D 48 19.34 -11.26 -11.62
C ALA D 48 20.15 -12.51 -11.26
N VAL D 49 19.59 -13.33 -10.36
CA VAL D 49 20.30 -14.51 -9.86
C VAL D 49 19.28 -15.47 -9.28
N THR D 50 19.59 -16.77 -9.31
CA THR D 50 18.74 -17.77 -8.66
C THR D 50 19.49 -18.35 -7.45
N VAL D 51 18.80 -18.38 -6.32
CA VAL D 51 19.33 -18.91 -5.08
C VAL D 51 18.39 -20.02 -4.65
N MET D 52 18.97 -21.13 -4.19
CA MET D 52 18.18 -22.24 -3.69
C MET D 52 18.17 -22.20 -2.18
N ILE D 53 16.96 -22.23 -1.62
CA ILE D 53 16.75 -22.11 -0.19
C ILE D 53 15.76 -23.18 0.25
N GLY D 54 16.23 -24.10 1.11
CA GLY D 54 15.39 -25.19 1.59
C GLY D 54 14.82 -26.06 0.49
N GLY D 55 15.52 -26.16 -0.64
CA GLY D 55 15.16 -27.07 -1.69
C GLY D 55 14.32 -26.49 -2.79
N GLU D 56 13.73 -25.32 -2.59
CA GLU D 56 12.98 -24.66 -3.66
C GLU D 56 13.75 -23.43 -4.11
N PRO D 57 13.93 -23.21 -5.41
CA PRO D 57 14.74 -22.08 -5.87
C PRO D 57 13.94 -20.80 -6.01
N TYR D 58 14.62 -19.68 -5.77
CA TYR D 58 14.03 -18.35 -5.80
C TYR D 58 14.88 -17.46 -6.70
N THR D 59 14.24 -16.52 -7.38
CA THR D 59 14.96 -15.62 -8.28
C THR D 59 14.85 -14.19 -7.78
N LEU D 60 15.98 -13.56 -7.63
CA LEU D 60 16.13 -12.25 -7.02
C LEU D 60 16.42 -11.29 -8.17
N GLY D 61 15.50 -10.35 -8.41
CA GLY D 61 15.82 -9.23 -9.29
C GLY D 61 16.54 -8.20 -8.46
N LEU D 62 17.79 -7.84 -8.80
CA LEU D 62 18.56 -6.89 -8.01
C LEU D 62 18.62 -5.54 -8.71
N PHE D 63 17.96 -4.53 -8.12
CA PHE D 63 17.86 -3.21 -8.74
C PHE D 63 18.99 -2.35 -8.21
N ASP D 64 19.86 -1.89 -9.11
CA ASP D 64 21.09 -1.18 -8.79
C ASP D 64 20.82 0.31 -8.93
N THR D 65 20.82 1.01 -7.80
CA THR D 65 20.50 2.44 -7.78
C THR D 65 21.79 3.27 -7.73
N ALA D 66 21.67 4.50 -8.25
CA ALA D 66 22.77 5.47 -8.17
C ALA D 66 22.75 6.12 -6.80
N GLY D 67 23.85 6.03 -6.06
CA GLY D 67 23.88 6.66 -4.76
C GLY D 67 23.86 8.18 -4.83
N GLN D 68 24.41 8.75 -5.90
CA GLN D 68 24.67 10.18 -5.97
C GLN D 68 23.40 11.01 -5.90
N GLU D 69 23.56 12.26 -5.45
CA GLU D 69 22.44 13.14 -5.25
C GLU D 69 21.90 13.69 -6.57
N ASP D 70 22.73 13.72 -7.62
CA ASP D 70 22.23 14.09 -8.93
C ASP D 70 21.07 13.23 -9.39
N TYR D 71 20.89 12.05 -8.79
CA TYR D 71 19.83 11.11 -9.14
C TYR D 71 18.71 11.06 -8.11
N ASP D 72 18.66 12.03 -7.19
CA ASP D 72 17.76 11.94 -6.05
C ASP D 72 16.29 12.07 -6.46
N ARG D 73 15.99 12.89 -7.47
CA ARG D 73 14.60 13.10 -7.85
C ARG D 73 14.04 11.90 -8.60
N LEU D 74 14.86 11.25 -9.41
CA LEU D 74 14.45 10.14 -10.26
C LEU D 74 14.43 8.78 -9.54
N ARG D 75 15.55 8.43 -8.89
CA ARG D 75 15.75 7.10 -8.31
C ARG D 75 14.51 6.49 -7.65
N PRO D 76 13.76 7.18 -6.78
CA PRO D 76 12.67 6.49 -6.06
C PRO D 76 11.50 6.01 -6.94
N LEU D 77 11.47 6.34 -8.23
CA LEU D 77 10.50 5.70 -9.14
C LEU D 77 10.65 4.19 -9.19
N SER D 78 11.76 3.69 -8.68
CA SER D 78 11.96 2.26 -8.57
C SER D 78 11.33 1.68 -7.32
N TYR D 79 11.12 2.48 -6.31
CA TYR D 79 10.65 1.93 -5.05
C TYR D 79 9.23 1.36 -5.08
N PRO D 80 8.31 1.85 -5.90
CA PRO D 80 6.99 1.19 -5.96
C PRO D 80 7.13 -0.29 -6.27
N GLN D 81 6.52 -1.11 -5.41
CA GLN D 81 6.36 -2.57 -5.52
C GLN D 81 7.57 -3.34 -5.02
N THR D 82 8.63 -2.66 -4.58
CA THR D 82 9.80 -3.32 -4.01
C THR D 82 9.41 -4.26 -2.88
N ASP D 83 10.12 -5.39 -2.81
CA ASP D 83 9.86 -6.44 -1.83
C ASP D 83 10.78 -6.37 -0.62
N VAL D 84 12.03 -5.94 -0.84
CA VAL D 84 13.06 -5.88 0.18
C VAL D 84 14.16 -4.94 -0.31
N PHE D 85 14.69 -4.14 0.61
CA PHE D 85 15.76 -3.17 0.31
C PHE D 85 17.08 -3.64 0.91
N LEU D 86 18.16 -3.31 0.20
CA LEU D 86 19.52 -3.54 0.66
C LEU D 86 20.21 -2.18 0.80
N VAL D 87 20.31 -1.71 2.06
CA VAL D 87 21.08 -0.52 2.41
C VAL D 87 22.51 -0.94 2.68
N CYS D 88 23.45 -0.35 1.92
CA CYS D 88 24.83 -0.82 1.91
C CYS D 88 25.82 0.29 2.25
N PHE D 89 27.00 -0.17 2.65
CA PHE D 89 28.12 0.72 2.96
C PHE D 89 29.37 -0.12 3.16
N SER D 90 30.50 0.53 2.99
CA SER D 90 31.80 -0.08 3.27
C SER D 90 32.20 0.23 4.70
N VAL D 91 32.63 -0.81 5.41
CA VAL D 91 32.99 -0.66 6.81
C VAL D 91 34.38 -0.04 6.92
N VAL D 92 35.04 0.20 5.78
CA VAL D 92 36.29 0.97 5.77
C VAL D 92 36.05 2.39 5.24
N SER D 93 34.81 2.88 5.32
CA SER D 93 34.46 4.23 4.88
C SER D 93 33.34 4.74 5.79
N PRO D 94 33.68 5.53 6.81
CA PRO D 94 32.64 6.01 7.74
C PRO D 94 31.69 7.05 7.15
N SER D 95 32.06 7.74 6.08
CA SER D 95 31.08 8.57 5.38
C SER D 95 29.88 7.74 4.99
N SER D 96 30.13 6.60 4.33
CA SER D 96 29.07 5.73 3.84
C SER D 96 28.24 5.11 4.94
N PHE D 97 28.77 5.03 6.17
CA PHE D 97 27.97 4.55 7.29
C PHE D 97 26.99 5.64 7.74
N GLU D 98 27.43 6.88 7.79
CA GLU D 98 26.54 7.93 8.29
C GLU D 98 25.40 8.17 7.31
N ASN D 99 25.66 8.05 6.01
CA ASN D 99 24.61 8.29 5.03
C ASN D 99 23.51 7.24 5.10
N VAL D 100 23.80 6.07 5.64
CA VAL D 100 22.75 5.11 5.99
C VAL D 100 21.78 5.73 6.99
N LYS D 101 22.34 6.34 8.04
CA LYS D 101 21.53 6.96 9.10
C LYS D 101 20.68 8.10 8.56
N GLU D 102 21.30 9.03 7.84
CA GLU D 102 20.64 10.30 7.56
C GLU D 102 20.19 10.47 6.11
N LYS D 103 20.51 9.54 5.21
CA LYS D 103 19.95 9.59 3.86
C LYS D 103 19.10 8.36 3.59
N TRP D 104 19.71 7.17 3.54
CA TRP D 104 19.08 6.05 2.87
C TRP D 104 17.92 5.49 3.69
N VAL D 105 18.18 5.03 4.92
CA VAL D 105 17.07 4.55 5.76
C VAL D 105 15.96 5.59 5.82
N PRO D 106 16.25 6.90 6.07
CA PRO D 106 15.21 7.93 5.86
C PRO D 106 14.54 7.87 4.50
N GLU D 107 15.32 7.70 3.42
CA GLU D 107 14.72 7.81 2.09
C GLU D 107 13.87 6.60 1.75
N ILE D 108 14.32 5.41 2.09
CA ILE D 108 13.50 4.26 1.73
C ILE D 108 12.30 4.14 2.65
N THR D 109 12.46 4.51 3.93
CA THR D 109 11.32 4.37 4.84
C THR D 109 10.23 5.40 4.52
N HIS D 110 10.61 6.58 4.03
CA HIS D 110 9.60 7.56 3.64
C HIS D 110 8.71 7.04 2.52
N HIS D 111 9.29 6.36 1.52
CA HIS D 111 8.54 5.95 0.33
C HIS D 111 7.84 4.62 0.52
N CYS D 112 8.56 3.62 1.04
CA CYS D 112 8.01 2.29 1.31
C CYS D 112 8.18 2.08 2.81
N PRO D 113 7.23 2.56 3.61
CA PRO D 113 7.39 2.51 5.06
C PRO D 113 7.08 1.16 5.68
N LYS D 114 6.53 0.22 4.90
CA LYS D 114 6.34 -1.15 5.34
C LYS D 114 7.31 -2.14 4.72
N THR D 115 8.00 -1.78 3.64
CA THR D 115 8.88 -2.72 2.95
C THR D 115 10.17 -2.97 3.73
N PRO D 116 10.48 -4.22 4.07
CA PRO D 116 11.63 -4.50 4.95
C PRO D 116 12.96 -4.12 4.32
N PHE D 117 13.98 -3.96 5.18
CA PHE D 117 15.31 -3.71 4.64
C PHE D 117 16.42 -4.31 5.50
N LEU D 118 17.58 -4.47 4.86
CA LEU D 118 18.77 -5.05 5.47
C LEU D 118 19.89 -4.02 5.48
N LEU D 119 20.66 -4.04 6.56
CA LEU D 119 21.87 -3.25 6.66
C LEU D 119 23.01 -4.12 6.18
N VAL D 120 23.71 -3.70 5.13
CA VAL D 120 24.77 -4.54 4.57
C VAL D 120 26.09 -3.78 4.62
N GLY D 121 27.01 -4.27 5.45
CA GLY D 121 28.40 -3.81 5.39
C GLY D 121 29.19 -4.57 4.33
N THR D 122 30.03 -3.84 3.61
CA THR D 122 30.84 -4.41 2.55
C THR D 122 32.31 -4.10 2.78
N GLN D 123 33.13 -4.56 1.84
CA GLN D 123 34.57 -4.33 1.86
C GLN D 123 35.14 -4.66 3.24
N ILE D 124 34.78 -5.84 3.75
CA ILE D 124 35.31 -6.24 5.06
C ILE D 124 36.72 -6.83 4.94
N ASP D 125 37.13 -7.26 3.75
CA ASP D 125 38.52 -7.71 3.62
C ASP D 125 39.50 -6.62 4.03
N LEU D 126 39.09 -5.35 4.00
CA LEU D 126 40.01 -4.27 4.31
C LEU D 126 40.06 -3.97 5.80
N ARG D 127 38.93 -4.13 6.50
CA ARG D 127 38.87 -3.82 7.92
C ARG D 127 39.98 -4.50 8.69
N ASP D 128 40.33 -5.73 8.31
CA ASP D 128 41.45 -6.42 8.93
C ASP D 128 42.70 -6.33 8.08
N ASP D 129 42.71 -5.49 7.06
CA ASP D 129 43.95 -5.20 6.35
C ASP D 129 44.71 -4.11 7.10
N PRO D 130 45.96 -4.37 7.54
CA PRO D 130 46.65 -3.39 8.39
C PRO D 130 47.01 -2.07 7.70
N SER D 131 47.05 -1.98 6.37
CA SER D 131 47.50 -0.73 5.78
C SER D 131 46.39 0.33 5.82
N THR D 132 45.17 -0.05 5.44
CA THR D 132 44.07 0.92 5.45
C THR D 132 43.79 1.41 6.87
N ILE D 133 43.93 0.52 7.88
CA ILE D 133 43.49 0.87 9.24
C ILE D 133 44.19 2.14 9.72
N GLU D 134 45.52 2.16 9.64
CA GLU D 134 46.27 3.36 10.02
C GLU D 134 46.01 4.49 9.04
N LYS D 135 45.73 4.18 7.78
CA LYS D 135 45.44 5.24 6.82
C LYS D 135 44.15 5.98 7.15
N LEU D 136 43.10 5.26 7.59
CA LEU D 136 41.91 5.92 8.10
C LEU D 136 42.18 6.60 9.44
N ALA D 137 42.98 5.95 10.31
CA ALA D 137 43.37 6.57 11.58
C ALA D 137 44.18 7.83 11.34
N LYS D 138 45.05 7.81 10.33
CA LYS D 138 45.80 8.98 9.92
C LYS D 138 44.84 10.02 9.34
N ASN D 139 43.53 9.83 9.55
CA ASN D 139 42.51 10.84 9.36
C ASN D 139 41.62 10.96 10.59
N LYS D 140 42.03 10.36 11.71
CA LYS D 140 41.28 10.35 12.97
C LYS D 140 39.93 9.64 12.83
N GLN D 141 39.92 8.53 12.08
CA GLN D 141 38.77 7.65 11.93
C GLN D 141 39.20 6.19 11.98
N LYS D 142 38.27 5.32 12.38
CA LYS D 142 38.55 3.90 12.44
C LYS D 142 37.46 3.13 11.71
N PRO D 143 37.79 1.98 11.14
CA PRO D 143 36.77 1.15 10.49
C PRO D 143 35.67 0.73 11.45
N ILE D 144 34.53 0.36 10.86
CA ILE D 144 33.30 0.09 11.60
C ILE D 144 33.36 -1.32 12.16
N THR D 145 32.96 -1.45 13.38
CA THR D 145 32.85 -2.76 14.00
C THR D 145 31.47 -3.35 13.79
N PRO D 146 31.36 -4.69 13.76
CA PRO D 146 30.04 -5.32 13.68
C PRO D 146 29.12 -4.97 14.83
N GLU D 147 29.68 -4.48 15.95
CA GLU D 147 28.85 -4.15 17.11
C GLU D 147 28.12 -2.84 16.87
N THR D 148 28.86 -1.81 16.45
CA THR D 148 28.23 -0.51 16.21
C THR D 148 27.29 -0.57 15.02
N ALA D 149 27.55 -1.48 14.09
CA ALA D 149 26.60 -1.73 13.02
C ALA D 149 25.34 -2.41 13.53
N GLU D 150 25.50 -3.51 14.28
CA GLU D 150 24.36 -4.23 14.84
C GLU D 150 23.42 -3.29 15.59
N LYS D 151 23.97 -2.43 16.46
CA LYS D 151 23.12 -1.50 17.20
C LYS D 151 22.41 -0.55 16.25
N LEU D 152 23.16 0.02 15.29
CA LEU D 152 22.56 0.93 14.31
C LEU D 152 21.35 0.32 13.62
N ALA D 153 21.40 -0.99 13.31
CA ALA D 153 20.29 -1.66 12.67
C ALA D 153 19.08 -1.77 13.61
N ARG D 154 19.30 -2.29 14.82
CA ARG D 154 18.17 -2.43 15.75
C ARG D 154 17.55 -1.09 16.05
N ASP D 155 18.38 -0.08 16.29
CA ASP D 155 17.85 1.25 16.54
C ASP D 155 17.00 1.71 15.35
N LEU D 156 17.50 1.49 14.11
CA LEU D 156 16.86 1.88 12.86
C LEU D 156 15.88 0.86 12.30
N LYS D 157 15.41 -0.08 13.12
CA LYS D 157 14.34 -1.04 12.77
C LYS D 157 14.62 -1.79 11.46
N ALA D 158 15.90 -2.14 11.24
CA ALA D 158 16.29 -2.99 10.12
C ALA D 158 16.04 -4.46 10.42
N VAL D 159 15.67 -5.20 9.38
CA VAL D 159 15.33 -6.61 9.56
C VAL D 159 16.44 -7.37 10.27
N LYS D 160 17.70 -7.11 9.87
CA LYS D 160 18.90 -7.56 10.60
C LYS D 160 20.15 -6.99 9.92
N TYR D 161 21.27 -7.05 10.64
CA TYR D 161 22.56 -6.69 10.07
C TYR D 161 23.25 -7.90 9.46
N VAL D 162 23.92 -7.67 8.34
CA VAL D 162 24.70 -8.70 7.66
C VAL D 162 25.86 -8.00 6.97
N GLU D 163 27.03 -8.63 6.99
CA GLU D 163 28.16 -8.10 6.24
C GLU D 163 28.76 -9.21 5.37
N CYS D 164 29.74 -8.81 4.53
CA CYS D 164 30.30 -9.69 3.50
C CYS D 164 31.48 -9.02 2.83
N SER D 165 32.18 -9.82 2.02
CA SER D 165 33.25 -9.37 1.15
C SER D 165 33.12 -10.07 -0.20
N ALA D 166 33.12 -9.31 -1.30
CA ALA D 166 33.15 -9.98 -2.59
C ALA D 166 34.49 -10.64 -2.86
N LEU D 167 35.56 -10.26 -2.15
CA LEU D 167 36.87 -10.79 -2.46
C LEU D 167 37.10 -12.13 -1.75
N THR D 168 37.06 -12.14 -0.42
CA THR D 168 37.17 -13.41 0.28
C THR D 168 35.88 -14.21 0.23
N GLN D 169 34.83 -13.70 -0.40
CA GLN D 169 33.57 -14.41 -0.62
C GLN D 169 32.86 -14.69 0.72
N LYS D 170 33.49 -14.24 1.80
CA LYS D 170 32.93 -14.46 3.13
C LYS D 170 31.56 -13.79 3.27
N GLY D 171 30.63 -14.50 3.90
CA GLY D 171 29.36 -13.93 4.29
C GLY D 171 28.49 -13.45 3.15
N LEU D 172 28.99 -13.69 1.93
CA LEU D 172 28.27 -13.29 0.73
C LEU D 172 26.95 -14.03 0.59
N LYS D 173 27.00 -15.36 0.55
CA LYS D 173 25.77 -16.12 0.37
C LYS D 173 24.77 -15.79 1.48
N ASN D 174 25.25 -15.59 2.71
CA ASN D 174 24.36 -15.29 3.83
C ASN D 174 23.54 -14.02 3.61
N VAL D 175 24.08 -13.02 2.90
CA VAL D 175 23.35 -11.78 2.73
C VAL D 175 22.12 -12.00 1.85
N PHE D 176 22.33 -12.56 0.66
CA PHE D 176 21.22 -12.78 -0.25
C PHE D 176 20.22 -13.79 0.30
N ASP D 177 20.71 -14.89 0.88
CA ASP D 177 19.83 -15.79 1.61
C ASP D 177 18.96 -15.04 2.59
N GLU D 178 19.56 -14.10 3.33
CA GLU D 178 18.79 -13.32 4.31
C GLU D 178 17.80 -12.40 3.61
N ALA D 179 18.22 -11.83 2.49
CA ALA D 179 17.34 -10.93 1.74
C ALA D 179 16.10 -11.65 1.24
N ILE D 180 16.28 -12.85 0.66
CA ILE D 180 15.16 -13.60 0.13
C ILE D 180 14.23 -14.05 1.25
N LEU D 181 14.79 -14.52 2.36
CA LEU D 181 13.98 -14.75 3.55
C LEU D 181 13.15 -13.52 3.87
N ALA D 182 13.85 -12.42 4.20
CA ALA D 182 13.19 -11.17 4.56
C ALA D 182 12.10 -10.80 3.57
N ALA D 183 12.31 -11.07 2.28
CA ALA D 183 11.29 -10.78 1.30
C ALA D 183 10.12 -11.76 1.32
N LEU D 184 10.20 -12.86 2.06
CA LEU D 184 9.09 -13.81 2.18
C LEU D 184 8.26 -13.55 3.45
N GLU D 185 8.43 -12.36 4.05
CA GLU D 185 7.71 -11.93 5.23
C GLU D 185 7.81 -10.40 5.41
N GLU E 12 -12.98 18.11 -22.41
CA GLU E 12 -12.71 16.85 -23.12
C GLU E 12 -11.24 16.58 -23.00
N ARG E 13 -10.74 16.71 -21.77
CA ARG E 13 -9.35 16.42 -21.45
C ARG E 13 -9.34 15.44 -20.26
N MET E 14 -9.98 14.31 -20.57
CA MET E 14 -9.69 12.96 -20.13
C MET E 14 -8.98 12.17 -21.21
N PHE E 15 -8.81 12.77 -22.39
CA PHE E 15 -7.83 12.34 -23.38
C PHE E 15 -6.54 13.19 -23.30
N GLY E 16 -6.56 14.27 -22.50
CA GLY E 16 -5.48 15.22 -22.53
C GLY E 16 -5.47 15.99 -23.85
N THR E 17 -4.38 16.70 -24.04
CA THR E 17 -4.26 17.77 -25.02
C THR E 17 -3.40 17.31 -26.19
N TYR E 18 -3.71 17.83 -27.38
CA TYR E 18 -3.03 17.37 -28.58
C TYR E 18 -2.77 18.56 -29.47
N PHE E 19 -1.59 18.58 -30.09
CA PHE E 19 -1.18 19.65 -30.99
C PHE E 19 -0.62 19.04 -32.26
N ARG E 20 -1.13 19.49 -33.40
CA ARG E 20 -0.45 19.26 -34.66
C ARG E 20 0.87 20.00 -34.60
N VAL E 21 1.97 19.35 -34.99
CA VAL E 21 3.26 20.03 -35.07
C VAL E 21 3.94 19.60 -36.38
N GLY E 22 4.30 20.57 -37.19
CA GLY E 22 4.92 20.31 -38.47
C GLY E 22 6.16 21.15 -38.66
N PHE E 23 7.22 20.54 -39.15
CA PHE E 23 8.51 21.18 -39.32
C PHE E 23 8.70 21.48 -40.80
N TYR E 24 8.79 22.76 -41.14
CA TYR E 24 8.97 23.25 -42.50
C TYR E 24 10.28 24.03 -42.51
N GLY E 25 11.33 23.45 -43.09
CA GLY E 25 12.61 24.10 -43.07
C GLY E 25 13.78 23.22 -43.44
N THR E 26 14.72 23.79 -44.18
CA THR E 26 15.85 23.01 -44.70
C THR E 26 16.73 22.46 -43.58
N LYS E 27 16.94 23.25 -42.52
CA LYS E 27 17.88 22.92 -41.46
C LYS E 27 17.44 21.76 -40.57
N PHE E 28 16.25 21.18 -40.78
CA PHE E 28 15.74 20.16 -39.86
C PHE E 28 16.20 18.74 -40.20
N GLY E 29 16.77 18.52 -41.39
CA GLY E 29 17.16 17.17 -41.74
C GLY E 29 15.93 16.27 -41.81
N ASP E 30 16.01 15.13 -41.09
CA ASP E 30 14.98 14.10 -41.06
C ASP E 30 13.56 14.66 -40.97
N LEU E 31 13.44 15.87 -40.41
CA LEU E 31 12.14 16.41 -40.06
C LEU E 31 11.61 17.44 -41.05
N ASP E 32 12.36 17.80 -42.08
CA ASP E 32 11.81 18.71 -43.08
C ASP E 32 10.54 18.10 -43.67
N GLU E 33 9.44 18.88 -43.62
CA GLU E 33 8.14 18.52 -44.20
C GLU E 33 7.62 17.18 -43.71
N GLN E 34 7.95 16.83 -42.46
CA GLN E 34 7.24 15.79 -41.71
C GLN E 34 6.27 16.47 -40.76
N GLU E 35 5.16 15.80 -40.45
CA GLU E 35 4.09 16.40 -39.66
C GLU E 35 3.65 15.44 -38.56
N PHE E 36 3.79 15.88 -37.32
CA PHE E 36 3.53 15.06 -36.15
C PHE E 36 2.32 15.61 -35.38
N VAL E 37 1.81 14.79 -34.46
CA VAL E 37 0.76 15.18 -33.51
C VAL E 37 1.33 14.93 -32.12
N TYR E 38 1.67 16.00 -31.42
CA TYR E 38 2.22 15.85 -30.08
C TYR E 38 1.07 15.69 -29.06
N LYS E 39 1.16 14.67 -28.20
CA LYS E 39 0.28 14.55 -27.03
C LYS E 39 0.94 15.22 -25.83
N GLU E 40 0.32 16.29 -25.33
CA GLU E 40 0.83 17.00 -24.18
C GLU E 40 0.07 16.64 -22.91
N PRO E 41 0.63 16.94 -21.73
CA PRO E 41 -0.13 16.74 -20.49
C PRO E 41 -1.36 17.61 -20.48
N ALA E 42 -2.44 17.13 -19.86
CA ALA E 42 -3.73 17.79 -20.05
C ALA E 42 -3.68 19.25 -19.61
N TYR E 43 -4.43 20.07 -20.33
CA TYR E 43 -4.50 21.53 -20.16
C TYR E 43 -3.21 22.25 -20.54
N THR E 44 -2.32 21.65 -21.33
CA THR E 44 -1.24 22.41 -21.93
C THR E 44 -1.84 23.43 -22.88
N LYS E 45 -1.43 24.68 -22.73
CA LYS E 45 -1.87 25.75 -23.60
C LYS E 45 -0.93 25.87 -24.79
N LEU E 46 -1.44 26.40 -25.89
CA LEU E 46 -0.62 26.66 -27.07
C LEU E 46 0.62 27.51 -26.75
N ALA E 47 0.50 28.47 -25.82
CA ALA E 47 1.65 29.26 -25.42
C ALA E 47 2.79 28.36 -24.92
N GLU E 48 2.45 27.41 -24.04
CA GLU E 48 3.44 26.54 -23.41
C GLU E 48 4.27 25.80 -24.45
N ILE E 49 3.60 25.10 -25.36
CA ILE E 49 4.29 24.24 -26.30
C ILE E 49 5.04 25.08 -27.33
N SER E 50 4.49 26.23 -27.70
CA SER E 50 5.20 27.07 -28.67
C SER E 50 6.43 27.70 -28.04
N HIS E 51 6.30 28.28 -26.85
CA HIS E 51 7.47 28.83 -26.19
C HIS E 51 8.50 27.74 -25.87
N ARG E 52 8.11 26.47 -25.94
CA ARG E 52 9.03 25.36 -25.71
C ARG E 52 9.76 24.94 -26.97
N LEU E 53 9.03 24.62 -28.04
CA LEU E 53 9.66 24.11 -29.26
C LEU E 53 10.51 25.19 -29.94
N GLU E 54 10.05 26.45 -29.90
CA GLU E 54 10.89 27.54 -30.40
C GLU E 54 12.17 27.65 -29.58
N GLY E 55 12.05 27.56 -28.25
CA GLY E 55 13.20 27.75 -27.41
C GLY E 55 14.13 26.57 -27.41
N PHE E 56 13.60 25.39 -27.68
CA PHE E 56 14.44 24.20 -27.83
C PHE E 56 15.32 24.32 -29.06
N TYR E 57 14.70 24.48 -30.23
CA TYR E 57 15.45 24.62 -31.46
C TYR E 57 16.08 26.01 -31.57
N GLY E 58 15.74 26.93 -30.66
CA GLY E 58 16.47 28.18 -30.57
C GLY E 58 17.76 28.06 -29.78
N GLU E 59 17.80 27.18 -28.78
CA GLU E 59 19.01 26.82 -28.06
C GLU E 59 19.79 25.75 -28.81
N ARG E 60 19.66 25.73 -30.15
CA ARG E 60 20.21 24.65 -30.96
C ARG E 60 20.48 25.11 -32.39
N PHE E 61 19.62 25.93 -32.96
CA PHE E 61 19.92 26.47 -34.28
C PHE E 61 20.33 27.94 -34.24
N GLY E 62 19.90 28.67 -33.23
CA GLY E 62 20.06 30.11 -33.20
C GLY E 62 18.73 30.73 -32.81
N GLU E 63 18.80 31.93 -32.22
CA GLU E 63 17.59 32.52 -31.63
C GLU E 63 16.67 33.13 -32.69
N ASP E 64 17.23 33.87 -33.65
CA ASP E 64 16.45 34.53 -34.71
C ASP E 64 16.33 33.69 -35.98
N VAL E 65 16.73 32.42 -35.91
CA VAL E 65 16.58 31.49 -37.03
C VAL E 65 15.23 30.78 -37.00
N VAL E 66 14.77 30.41 -35.81
CA VAL E 66 13.53 29.64 -35.63
C VAL E 66 12.37 30.62 -35.46
N GLU E 67 11.39 30.56 -36.36
CA GLU E 67 10.13 31.30 -36.24
C GLU E 67 8.97 30.31 -36.29
N VAL E 68 7.87 30.69 -35.65
CA VAL E 68 6.66 29.86 -35.57
C VAL E 68 5.60 30.45 -36.50
N ILE E 69 5.06 29.62 -37.39
CA ILE E 69 3.93 30.08 -38.22
C ILE E 69 2.74 30.28 -37.28
N LYS E 70 2.32 31.53 -37.09
CA LYS E 70 1.25 31.87 -36.15
C LYS E 70 -0.09 31.93 -36.89
N ASP E 71 -0.49 30.75 -37.37
CA ASP E 71 -1.39 30.60 -38.50
C ASP E 71 -1.54 29.10 -38.83
N SER E 72 -2.76 28.66 -39.15
CA SER E 72 -3.03 27.23 -39.26
C SER E 72 -3.38 26.75 -40.66
N ASN E 73 -3.48 27.65 -41.63
CA ASN E 73 -3.76 27.21 -43.00
C ASN E 73 -2.54 26.43 -43.50
N PRO E 74 -2.59 25.79 -44.70
CA PRO E 74 -1.42 25.03 -45.19
C PRO E 74 -0.17 25.88 -45.34
N VAL E 75 0.92 25.28 -45.79
CA VAL E 75 2.20 25.98 -45.89
C VAL E 75 2.58 26.15 -47.35
N ASP E 76 2.86 27.40 -47.74
CA ASP E 76 3.33 27.75 -49.07
C ASP E 76 4.86 27.89 -49.00
N LYS E 77 5.58 26.85 -49.45
CA LYS E 77 7.03 26.79 -49.31
C LYS E 77 7.75 27.96 -49.95
N CYS E 78 7.13 28.62 -50.92
CA CYS E 78 7.78 29.70 -51.65
C CYS E 78 8.04 30.90 -50.76
N LYS E 79 7.03 31.36 -50.03
CA LYS E 79 7.15 32.56 -49.20
C LYS E 79 8.12 32.38 -48.05
N LEU E 80 8.59 31.16 -47.81
CA LEU E 80 9.51 30.85 -46.73
C LEU E 80 10.92 31.28 -47.11
N ASP E 81 11.45 32.24 -46.37
CA ASP E 81 12.88 32.48 -46.28
C ASP E 81 13.57 31.14 -46.06
N PRO E 82 14.15 30.53 -47.11
CA PRO E 82 14.65 29.15 -46.96
C PRO E 82 15.84 29.05 -46.04
N ASN E 83 16.35 30.19 -45.56
CA ASN E 83 17.50 30.22 -44.67
C ASN E 83 17.09 29.96 -43.21
N LYS E 84 15.85 30.30 -42.83
CA LYS E 84 15.36 30.11 -41.47
C LYS E 84 14.77 28.71 -41.29
N ALA E 85 14.27 28.44 -40.07
CA ALA E 85 13.67 27.15 -39.72
C ALA E 85 12.31 27.38 -39.08
N TYR E 86 11.24 27.04 -39.79
CA TYR E 86 9.88 27.35 -39.36
C TYR E 86 9.21 26.16 -38.68
N ILE E 87 8.26 26.48 -37.80
CA ILE E 87 7.47 25.48 -37.07
C ILE E 87 6.01 25.93 -37.07
N GLN E 88 5.10 25.05 -37.50
CA GLN E 88 3.67 25.32 -37.49
C GLN E 88 3.00 24.46 -36.44
N ILE E 89 2.25 25.11 -35.55
CA ILE E 89 1.66 24.47 -34.39
C ILE E 89 0.16 24.78 -34.40
N THR E 90 -0.67 23.76 -34.13
CA THR E 90 -2.12 23.92 -34.21
C THR E 90 -2.79 23.05 -33.16
N TYR E 91 -3.55 23.67 -32.26
CA TYR E 91 -4.36 22.91 -31.32
C TYR E 91 -5.33 22.00 -32.07
N VAL E 92 -5.33 20.71 -31.70
CA VAL E 92 -6.30 19.79 -32.26
C VAL E 92 -7.01 19.04 -31.14
N GLU E 93 -8.20 18.55 -31.47
CA GLU E 93 -8.96 17.66 -30.60
C GLU E 93 -9.05 16.30 -31.25
N PRO E 94 -9.30 15.25 -30.48
CA PRO E 94 -9.54 13.95 -31.11
C PRO E 94 -10.89 13.98 -31.80
N TYR E 95 -10.99 13.29 -32.95
CA TYR E 95 -12.18 13.30 -33.80
C TYR E 95 -12.76 11.89 -33.87
N PHE E 96 -14.08 11.78 -33.79
CA PHE E 96 -14.74 10.48 -33.68
C PHE E 96 -15.96 10.36 -34.60
N ASP E 97 -16.19 9.14 -35.14
CA ASP E 97 -17.48 8.73 -35.70
C ASP E 97 -18.60 9.06 -34.75
N THR E 98 -19.82 9.12 -35.27
CA THR E 98 -20.97 8.99 -34.39
C THR E 98 -20.95 7.65 -33.66
N TYR E 99 -20.53 6.57 -34.36
CA TYR E 99 -20.46 5.24 -33.74
C TYR E 99 -19.30 5.16 -32.78
N GLU E 100 -18.14 5.74 -33.16
CA GLU E 100 -17.05 5.91 -32.22
C GLU E 100 -17.50 6.59 -30.95
N MET E 101 -18.44 7.54 -31.06
CA MET E 101 -18.80 8.28 -29.86
C MET E 101 -19.87 7.61 -29.03
N LYS E 102 -20.89 7.04 -29.66
CA LYS E 102 -21.88 6.27 -28.89
C LYS E 102 -21.17 5.32 -27.91
N ASP E 103 -20.17 4.58 -28.41
CA ASP E 103 -19.47 3.64 -27.55
C ASP E 103 -18.68 4.38 -26.47
N ARG E 104 -18.06 5.51 -26.81
CA ARG E 104 -17.34 6.28 -25.79
C ARG E 104 -18.27 7.07 -24.89
N ILE E 105 -19.57 6.84 -24.95
CA ILE E 105 -20.53 7.41 -24.01
C ILE E 105 -21.05 6.37 -23.05
N THR E 106 -21.39 5.21 -23.57
CA THR E 106 -22.02 4.19 -22.76
C THR E 106 -21.02 3.46 -21.88
N TYR E 107 -19.73 3.37 -22.27
CA TYR E 107 -18.74 2.53 -21.60
C TYR E 107 -17.62 3.36 -20.98
N PHE E 108 -17.00 2.80 -19.92
CA PHE E 108 -16.16 3.56 -18.99
C PHE E 108 -14.79 3.85 -19.58
N ASP E 109 -14.13 2.84 -20.12
CA ASP E 109 -12.82 2.96 -20.76
C ASP E 109 -13.00 3.71 -22.07
N LYS E 110 -12.46 4.93 -22.16
CA LYS E 110 -12.68 5.75 -23.35
C LYS E 110 -11.41 6.07 -24.13
N ASN E 111 -10.23 6.06 -23.49
CA ASN E 111 -9.03 6.66 -24.10
C ASN E 111 -8.28 5.58 -24.89
N TYR E 112 -8.77 5.24 -26.08
CA TYR E 112 -8.10 4.05 -26.57
C TYR E 112 -7.75 4.00 -28.05
N ASN E 113 -8.46 4.66 -28.95
CA ASN E 113 -8.00 4.54 -30.32
C ASN E 113 -7.90 5.91 -30.94
N LEU E 114 -7.20 6.83 -30.29
CA LEU E 114 -7.23 8.20 -30.80
C LEU E 114 -6.28 8.19 -31.99
N ARG E 115 -6.87 7.97 -33.15
CA ARG E 115 -6.22 7.91 -34.45
C ARG E 115 -6.47 9.15 -35.28
N ARG E 116 -7.68 9.72 -35.21
CA ARG E 116 -8.04 10.89 -36.00
C ARG E 116 -8.09 12.12 -35.10
N PHE E 117 -7.70 13.27 -35.65
CA PHE E 117 -7.70 14.54 -34.97
C PHE E 117 -8.19 15.61 -35.94
N MET E 118 -8.59 16.76 -35.39
CA MET E 118 -9.29 17.74 -36.21
C MET E 118 -9.11 19.14 -35.62
N TYR E 119 -8.95 20.10 -36.54
CA TYR E 119 -8.93 21.52 -36.23
C TYR E 119 -9.70 22.25 -37.32
N CYS E 120 -10.27 23.42 -36.96
CA CYS E 120 -10.96 24.30 -37.88
C CYS E 120 -10.16 25.57 -38.11
N THR E 121 -9.96 25.95 -39.36
CA THR E 121 -9.40 27.26 -39.62
C THR E 121 -10.43 28.12 -40.34
N PRO E 122 -10.60 29.42 -39.95
CA PRO E 122 -11.64 30.25 -40.59
C PRO E 122 -11.12 31.16 -41.70
N PHE E 123 -11.87 31.22 -42.79
CA PHE E 123 -11.42 31.96 -43.96
C PHE E 123 -12.63 32.49 -44.71
N THR E 124 -12.40 33.58 -45.45
CA THR E 124 -13.39 34.14 -46.37
C THR E 124 -12.89 33.96 -47.80
N LEU E 125 -13.71 34.38 -48.75
CA LEU E 125 -13.37 34.15 -50.14
C LEU E 125 -12.34 35.17 -50.66
N ASP E 126 -12.28 36.39 -50.09
CA ASP E 126 -11.22 37.35 -50.44
C ASP E 126 -9.92 36.92 -50.04
N GLY E 127 -9.76 35.70 -49.51
CA GLY E 127 -8.56 35.29 -48.83
C GLY E 127 -8.50 35.65 -47.37
N ARG E 128 -9.37 36.54 -46.89
CA ARG E 128 -9.30 37.03 -45.53
C ARG E 128 -9.52 35.92 -44.51
N ALA E 129 -8.99 36.14 -43.31
CA ALA E 129 -9.25 35.25 -42.19
C ALA E 129 -10.67 35.45 -41.67
N HIS E 130 -10.93 36.59 -41.04
CA HIS E 130 -12.21 36.90 -40.43
C HIS E 130 -13.06 37.79 -41.36
N GLY E 131 -14.37 37.68 -41.19
CA GLY E 131 -15.31 38.45 -42.01
C GLY E 131 -16.65 38.68 -41.34
N GLU E 132 -17.62 39.17 -42.12
CA GLU E 132 -18.98 39.40 -41.66
C GLU E 132 -19.78 38.10 -41.67
N LEU E 133 -20.80 38.04 -40.81
CA LEU E 133 -21.61 36.85 -40.61
C LEU E 133 -21.89 36.04 -41.87
N HIS E 134 -21.95 36.69 -43.02
CA HIS E 134 -22.29 36.03 -44.27
C HIS E 134 -21.08 35.72 -45.15
N GLU E 135 -19.86 36.10 -44.74
CA GLU E 135 -18.65 35.81 -45.51
C GLU E 135 -17.78 34.75 -44.88
N GLN E 136 -18.21 34.16 -43.77
CA GLN E 136 -17.30 33.48 -42.84
C GLN E 136 -17.38 31.97 -43.06
N PHE E 137 -16.67 31.51 -44.09
CA PHE E 137 -16.55 30.08 -44.28
C PHE E 137 -15.70 29.44 -43.17
N LYS E 138 -15.55 28.12 -43.23
CA LYS E 138 -14.81 27.44 -42.19
C LYS E 138 -14.33 26.10 -42.71
N ARG E 139 -13.09 25.73 -42.38
CA ARG E 139 -12.42 24.58 -42.96
C ARG E 139 -11.99 23.67 -41.82
N LYS E 140 -12.70 22.56 -41.67
CA LYS E 140 -12.37 21.55 -40.67
C LYS E 140 -11.44 20.53 -41.29
N THR E 141 -10.22 20.43 -40.75
CA THR E 141 -9.19 19.54 -41.30
C THR E 141 -9.01 18.37 -40.33
N ILE E 142 -9.19 17.15 -40.81
CA ILE E 142 -9.05 15.96 -39.97
C ILE E 142 -7.76 15.25 -40.33
N LEU E 143 -6.96 14.95 -39.32
CA LEU E 143 -5.67 14.30 -39.50
C LEU E 143 -5.77 12.88 -38.98
N THR E 144 -5.18 11.95 -39.71
CA THR E 144 -5.00 10.59 -39.23
C THR E 144 -3.52 10.38 -38.93
N THR E 145 -3.19 9.62 -37.88
CA THR E 145 -1.80 9.39 -37.54
C THR E 145 -1.41 7.94 -37.85
N SER E 146 -0.11 7.73 -38.01
CA SER E 146 0.51 6.42 -38.10
C SER E 146 0.04 5.48 -36.98
N HIS E 147 0.50 5.72 -35.74
CA HIS E 147 0.08 4.95 -34.58
C HIS E 147 -0.93 5.74 -33.75
N ALA E 148 -1.64 5.02 -32.88
CA ALA E 148 -2.73 5.59 -32.10
C ALA E 148 -2.36 5.75 -30.63
N PHE E 149 -2.85 6.81 -30.03
CA PHE E 149 -2.71 7.02 -28.61
C PHE E 149 -3.71 6.16 -27.86
N PRO E 150 -3.42 5.83 -26.58
CA PRO E 150 -2.14 6.13 -25.93
C PRO E 150 -1.04 5.22 -26.47
N TYR E 151 0.16 5.75 -26.59
CA TYR E 151 1.23 5.09 -27.31
C TYR E 151 2.49 5.06 -26.46
N ILE E 152 3.51 4.40 -27.00
CA ILE E 152 4.80 4.34 -26.35
C ILE E 152 5.55 5.66 -26.56
N LYS E 153 5.11 6.50 -27.50
CA LYS E 153 5.74 7.76 -27.85
C LYS E 153 4.80 8.93 -27.58
N THR E 154 5.35 10.14 -27.51
CA THR E 154 4.53 11.32 -27.30
C THR E 154 4.31 12.12 -28.56
N ARG E 155 4.90 11.72 -29.67
CA ARG E 155 4.48 12.26 -30.95
C ARG E 155 4.25 11.09 -31.88
N VAL E 156 3.64 11.38 -33.01
CA VAL E 156 3.32 10.39 -34.02
C VAL E 156 3.03 11.17 -35.29
N ASN E 157 3.47 10.67 -36.43
CA ASN E 157 3.39 11.52 -37.59
C ASN E 157 2.02 11.40 -38.24
N VAL E 158 1.53 12.54 -38.72
CA VAL E 158 0.35 12.60 -39.55
C VAL E 158 0.53 11.70 -40.78
N THR E 159 -0.55 11.08 -41.22
CA THR E 159 -0.52 10.33 -42.46
C THR E 159 -1.49 10.87 -43.52
N HIS E 160 -2.78 10.96 -43.25
CA HIS E 160 -3.75 11.42 -44.23
C HIS E 160 -4.28 12.78 -43.80
N LYS E 161 -4.84 13.53 -44.75
CA LYS E 161 -5.38 14.88 -44.46
C LYS E 161 -6.74 15.06 -45.14
N GLU E 162 -7.82 14.76 -44.39
CA GLU E 162 -9.19 14.97 -44.86
C GLU E 162 -9.61 16.42 -44.66
N GLU E 163 -10.24 17.03 -45.68
CA GLU E 163 -10.65 18.43 -45.59
C GLU E 163 -12.13 18.57 -45.88
N ILE E 164 -12.85 19.29 -45.01
CA ILE E 164 -14.27 19.58 -45.19
C ILE E 164 -14.48 21.07 -45.02
N ILE E 165 -15.29 21.68 -45.91
CA ILE E 165 -15.52 23.13 -45.87
C ILE E 165 -16.96 23.40 -45.47
N LEU E 166 -17.17 24.56 -44.86
CA LEU E 166 -18.46 24.92 -44.29
C LEU E 166 -18.89 26.28 -44.83
N THR E 167 -20.12 26.35 -45.31
CA THR E 167 -20.67 27.62 -45.73
C THR E 167 -21.06 28.45 -44.53
N PRO E 168 -21.12 29.78 -44.68
CA PRO E 168 -21.47 30.64 -43.53
C PRO E 168 -22.71 30.21 -42.76
N ILE E 169 -23.79 29.82 -43.41
CA ILE E 169 -24.91 29.35 -42.61
C ILE E 169 -24.51 28.10 -41.85
N GLU E 170 -23.77 27.19 -42.51
CA GLU E 170 -23.22 26.02 -41.81
C GLU E 170 -22.39 26.44 -40.62
N VAL E 171 -21.64 27.55 -40.77
CA VAL E 171 -20.82 28.06 -39.67
C VAL E 171 -21.69 28.60 -38.56
N ALA E 172 -22.77 29.29 -38.92
CA ALA E 172 -23.63 29.86 -37.90
C ALA E 172 -24.44 28.79 -37.18
N ILE E 173 -24.66 27.63 -37.81
CA ILE E 173 -25.42 26.58 -37.14
C ILE E 173 -24.62 26.01 -35.99
N GLU E 174 -23.32 25.79 -36.20
CA GLU E 174 -22.41 25.33 -35.14
C GLU E 174 -22.35 26.31 -33.97
N ASP E 175 -22.22 27.62 -34.26
CA ASP E 175 -22.19 28.58 -33.18
C ASP E 175 -23.46 28.48 -32.35
N MET E 176 -24.61 28.38 -33.02
CA MET E 176 -25.88 28.24 -32.31
C MET E 176 -25.96 26.91 -31.57
N GLN E 177 -25.52 25.83 -32.22
CA GLN E 177 -25.65 24.52 -31.60
C GLN E 177 -24.84 24.43 -30.31
N LYS E 178 -23.62 24.99 -30.34
CA LYS E 178 -22.71 24.90 -29.20
C LYS E 178 -23.24 25.67 -27.99
N LYS E 179 -23.70 26.91 -28.20
CA LYS E 179 -24.19 27.72 -27.09
C LYS E 179 -25.45 27.12 -26.46
N THR E 180 -26.35 26.58 -27.29
CA THR E 180 -27.50 25.87 -26.75
C THR E 180 -27.05 24.77 -25.80
N GLN E 181 -26.11 23.91 -26.26
CA GLN E 181 -25.68 22.83 -25.39
C GLN E 181 -25.02 23.37 -24.14
N GLU E 182 -24.16 24.38 -24.32
CA GLU E 182 -23.56 25.11 -23.21
C GLU E 182 -24.63 25.50 -22.20
N LEU E 183 -25.73 26.11 -22.67
CA LEU E 183 -26.86 26.49 -21.81
C LEU E 183 -27.50 25.27 -21.15
N ALA E 184 -27.90 24.30 -21.98
CA ALA E 184 -28.41 23.03 -21.50
C ALA E 184 -27.55 22.47 -20.36
N PHE E 185 -26.23 22.46 -20.53
CA PHE E 185 -25.39 21.82 -19.52
C PHE E 185 -25.40 22.59 -18.21
N ALA E 186 -25.40 23.92 -18.27
CA ALA E 186 -25.38 24.70 -17.03
C ALA E 186 -26.69 24.55 -16.26
N THR E 187 -27.80 24.55 -17.00
CA THR E 187 -29.09 24.43 -16.34
C THR E 187 -29.20 23.11 -15.58
N HIS E 188 -28.86 21.99 -16.21
CA HIS E 188 -29.21 20.68 -15.66
C HIS E 188 -28.06 20.01 -14.94
N GLN E 189 -27.14 20.79 -14.37
CA GLN E 189 -25.96 20.28 -13.68
C GLN E 189 -26.19 20.23 -12.18
N ASP E 190 -26.03 19.06 -11.59
CA ASP E 190 -26.31 18.88 -10.16
C ASP E 190 -25.10 18.39 -9.39
N PRO E 191 -24.53 19.19 -8.49
CA PRO E 191 -25.08 20.50 -8.08
C PRO E 191 -24.71 21.64 -9.01
N ALA E 192 -25.61 22.61 -9.09
CA ALA E 192 -25.44 23.73 -10.02
C ALA E 192 -24.23 24.59 -9.64
N ASP E 193 -23.65 25.20 -10.67
CA ASP E 193 -22.52 26.12 -10.57
C ASP E 193 -23.02 27.48 -11.04
N PRO E 194 -23.49 28.35 -10.13
CA PRO E 194 -24.22 29.56 -10.56
C PRO E 194 -23.40 30.51 -11.42
N LYS E 195 -22.14 30.73 -11.05
CA LYS E 195 -21.27 31.62 -11.81
C LYS E 195 -21.04 31.11 -13.23
N MET E 196 -20.73 29.83 -13.38
CA MET E 196 -20.66 29.24 -14.71
C MET E 196 -21.99 29.42 -15.47
N LEU E 197 -23.11 29.10 -14.81
CA LEU E 197 -24.42 29.25 -15.44
C LEU E 197 -24.68 30.69 -15.85
N GLN E 198 -24.43 31.65 -14.95
CA GLN E 198 -24.69 33.04 -15.29
C GLN E 198 -23.81 33.52 -16.44
N MET E 199 -22.58 33.02 -16.53
CA MET E 199 -21.64 33.45 -17.58
C MET E 199 -22.17 33.11 -18.97
N VAL E 200 -22.51 31.83 -19.19
CA VAL E 200 -23.08 31.42 -20.48
C VAL E 200 -24.35 32.21 -20.77
N LEU E 201 -25.21 32.36 -19.75
CA LEU E 201 -26.52 32.98 -19.91
C LEU E 201 -26.41 34.42 -20.39
N GLN E 202 -25.73 35.26 -19.60
CA GLN E 202 -25.51 36.63 -20.06
C GLN E 202 -24.75 36.66 -21.38
N GLY E 203 -24.01 35.61 -21.69
CA GLY E 203 -23.33 35.55 -22.97
C GLY E 203 -24.23 35.31 -24.17
N SER E 204 -25.53 35.12 -23.96
CA SER E 204 -26.36 34.71 -25.07
C SER E 204 -27.67 35.51 -25.05
N VAL E 205 -28.11 35.91 -23.87
CA VAL E 205 -29.23 36.85 -23.79
C VAL E 205 -28.79 38.27 -23.43
N GLY E 206 -27.60 38.46 -22.86
CA GLY E 206 -27.13 39.79 -22.52
C GLY E 206 -25.82 40.21 -23.15
N THR E 207 -25.58 39.82 -24.41
CA THR E 207 -24.33 40.15 -25.08
C THR E 207 -24.17 41.64 -25.28
N THR E 208 -22.95 42.12 -25.06
CA THR E 208 -22.57 43.53 -25.16
C THR E 208 -21.43 43.76 -26.14
N VAL E 209 -20.61 42.76 -26.38
CA VAL E 209 -19.39 43.02 -27.15
C VAL E 209 -19.60 42.40 -28.51
N ASN E 210 -19.93 41.12 -28.52
CA ASN E 210 -20.09 40.42 -29.78
C ASN E 210 -21.48 40.68 -30.37
N GLN E 211 -21.71 40.11 -31.55
CA GLN E 211 -22.80 40.50 -32.43
C GLN E 211 -24.18 40.25 -31.81
N GLY E 212 -24.34 39.16 -31.05
CA GLY E 212 -25.61 38.79 -30.48
C GLY E 212 -26.37 37.84 -31.38
N PRO E 213 -27.14 36.93 -30.77
CA PRO E 213 -27.82 35.90 -31.58
C PRO E 213 -28.82 36.47 -32.56
N LEU E 214 -29.37 37.66 -32.27
CA LEU E 214 -30.48 38.22 -33.05
C LEU E 214 -30.08 38.50 -34.49
N GLU E 215 -28.83 38.93 -34.71
CA GLU E 215 -28.43 39.23 -36.08
C GLU E 215 -28.28 37.98 -36.91
N VAL E 216 -27.93 36.87 -36.28
CA VAL E 216 -27.81 35.61 -37.01
C VAL E 216 -29.14 35.25 -37.68
N ALA E 217 -30.25 35.43 -36.97
CA ALA E 217 -31.54 35.17 -37.58
C ALA E 217 -31.87 36.21 -38.65
N GLN E 218 -31.51 37.47 -38.39
CA GLN E 218 -31.73 38.51 -39.39
C GLN E 218 -30.86 38.30 -40.63
N VAL E 219 -29.68 37.69 -40.49
CA VAL E 219 -28.86 37.47 -41.66
C VAL E 219 -29.41 36.33 -42.49
N PHE E 220 -29.58 35.17 -41.88
CA PHE E 220 -29.87 33.97 -42.65
C PHE E 220 -31.34 33.63 -42.75
N LEU E 221 -32.19 34.12 -41.84
CA LEU E 221 -33.59 33.73 -41.80
C LEU E 221 -34.55 34.76 -42.38
N SER E 222 -34.04 35.86 -42.94
CA SER E 222 -34.92 36.91 -43.45
C SER E 222 -35.50 36.58 -44.81
N GLU E 223 -34.92 35.61 -45.52
CA GLU E 223 -35.41 35.23 -46.83
C GLU E 223 -35.47 33.72 -46.93
N ILE E 224 -36.65 33.19 -47.24
CA ILE E 224 -36.87 31.76 -47.44
C ILE E 224 -36.37 31.38 -48.84
N PRO E 225 -35.29 30.59 -48.94
CA PRO E 225 -34.58 30.46 -50.22
C PRO E 225 -35.21 29.41 -51.13
N SER E 226 -34.87 29.55 -52.42
CA SER E 226 -35.54 28.80 -53.48
C SER E 226 -34.95 27.40 -53.65
N ASP E 227 -33.63 27.32 -53.83
CA ASP E 227 -32.92 26.04 -53.94
C ASP E 227 -33.18 25.23 -52.67
N PRO E 228 -33.76 24.03 -52.75
CA PRO E 228 -34.02 23.26 -51.53
C PRO E 228 -32.75 22.84 -50.80
N LYS E 229 -31.60 22.83 -51.49
CA LYS E 229 -30.32 22.63 -50.80
C LYS E 229 -30.13 23.68 -49.70
N LEU E 230 -30.46 24.93 -50.00
CA LEU E 230 -30.36 26.03 -49.05
C LEU E 230 -31.52 26.06 -48.04
N PHE E 231 -32.53 25.21 -48.19
CA PHE E 231 -33.56 25.14 -47.17
C PHE E 231 -33.17 24.16 -46.05
N ARG E 232 -32.51 23.05 -46.42
CA ARG E 232 -31.89 22.16 -45.43
C ARG E 232 -31.23 22.96 -44.32
N HIS E 233 -30.30 23.84 -44.68
CA HIS E 233 -29.55 24.63 -43.71
C HIS E 233 -30.39 25.78 -43.13
N HIS E 234 -31.28 26.35 -43.95
CA HIS E 234 -32.24 27.34 -43.46
C HIS E 234 -33.12 26.76 -42.37
N ASN E 235 -33.77 25.62 -42.67
CA ASN E 235 -34.60 24.98 -41.67
C ASN E 235 -33.80 24.56 -40.46
N LYS E 236 -32.54 24.16 -40.67
CA LYS E 236 -31.70 23.77 -39.53
C LYS E 236 -31.46 24.95 -38.61
N LEU E 237 -31.06 26.10 -39.17
CA LEU E 237 -30.79 27.29 -38.36
C LEU E 237 -32.06 27.80 -37.66
N ARG E 238 -33.21 27.72 -38.34
CA ARG E 238 -34.50 28.02 -37.70
C ARG E 238 -34.70 27.17 -36.44
N LEU E 239 -34.79 25.85 -36.60
CA LEU E 239 -35.02 24.97 -35.46
C LEU E 239 -34.00 25.13 -34.34
N CYS E 240 -32.81 25.63 -34.66
CA CYS E 240 -31.81 25.86 -33.63
C CYS E 240 -32.24 26.99 -32.71
N PHE E 241 -32.74 28.09 -33.29
CA PHE E 241 -33.21 29.21 -32.50
C PHE E 241 -34.38 28.82 -31.62
N LYS E 242 -35.37 28.12 -32.20
CA LYS E 242 -36.45 27.54 -31.40
C LYS E 242 -35.90 26.72 -30.24
N ASP E 243 -34.89 25.87 -30.51
CA ASP E 243 -34.25 25.11 -29.43
C ASP E 243 -33.38 26.03 -28.57
N PHE E 244 -32.68 26.99 -29.19
CA PHE E 244 -31.85 27.92 -28.41
C PHE E 244 -32.69 28.71 -27.43
N THR E 245 -33.76 29.34 -27.92
CA THR E 245 -34.56 30.19 -27.06
C THR E 245 -35.10 29.42 -25.86
N LYS E 246 -35.34 28.12 -26.03
CA LYS E 246 -35.93 27.36 -24.93
C LYS E 246 -34.92 27.09 -23.82
N ARG E 247 -33.63 26.86 -24.17
CA ARG E 247 -32.63 26.68 -23.11
C ARG E 247 -32.39 27.98 -22.37
N CYS E 248 -32.49 29.10 -23.08
CA CYS E 248 -32.42 30.39 -22.41
C CYS E 248 -33.47 30.47 -21.31
N GLU E 249 -34.72 30.13 -21.67
CA GLU E 249 -35.83 30.15 -20.73
C GLU E 249 -35.55 29.26 -19.52
N ASP E 250 -35.15 27.99 -19.78
CA ASP E 250 -34.81 27.07 -18.68
C ASP E 250 -33.83 27.70 -17.72
N ALA E 251 -32.81 28.38 -18.25
CA ALA E 251 -31.71 28.92 -17.45
C ALA E 251 -32.09 30.25 -16.81
N LEU E 252 -32.84 31.09 -17.52
CA LEU E 252 -33.43 32.24 -16.87
C LEU E 252 -34.26 31.81 -15.67
N ARG E 253 -34.94 30.66 -15.81
CA ARG E 253 -35.83 30.21 -14.75
C ARG E 253 -35.02 29.50 -13.66
N LYS E 254 -33.99 28.74 -14.07
CA LYS E 254 -33.13 28.06 -13.12
C LYS E 254 -32.28 29.04 -12.33
N ASN E 255 -31.78 30.10 -12.98
CA ASN E 255 -30.88 30.99 -12.28
C ASN E 255 -31.61 31.89 -11.28
N LYS E 256 -32.86 32.26 -11.58
CA LYS E 256 -33.69 32.96 -10.60
C LYS E 256 -33.68 32.20 -9.28
N SER E 257 -33.72 30.88 -9.35
CA SER E 257 -33.71 29.99 -8.18
C SER E 257 -32.38 29.96 -7.44
N LEU E 258 -31.31 30.51 -8.00
CA LEU E 258 -30.01 30.46 -7.36
C LEU E 258 -29.54 31.77 -6.78
N ILE E 259 -30.02 32.89 -7.35
CA ILE E 259 -29.42 34.17 -7.00
C ILE E 259 -29.82 34.58 -5.59
N GLY E 260 -29.12 35.60 -5.07
CA GLY E 260 -29.44 36.21 -3.80
C GLY E 260 -29.99 37.59 -4.03
N PRO E 261 -30.33 38.28 -2.94
CA PRO E 261 -30.90 39.62 -3.08
C PRO E 261 -30.06 40.57 -3.93
N ASP E 262 -28.73 40.54 -3.80
CA ASP E 262 -27.88 41.46 -4.55
C ASP E 262 -28.13 41.37 -6.06
N GLN E 263 -28.04 40.16 -6.61
CA GLN E 263 -28.11 39.97 -8.06
C GLN E 263 -29.54 40.05 -8.62
N LYS E 264 -30.46 40.68 -7.91
CA LYS E 264 -31.84 40.71 -8.37
C LYS E 264 -31.98 41.51 -9.65
N GLU E 265 -31.41 42.71 -9.71
CA GLU E 265 -31.59 43.43 -10.96
C GLU E 265 -30.67 42.90 -12.05
N TYR E 266 -29.59 42.24 -11.66
CA TYR E 266 -28.82 41.43 -12.59
C TYR E 266 -29.73 40.40 -13.25
N GLN E 267 -30.42 39.59 -12.44
CA GLN E 267 -31.37 38.64 -12.99
C GLN E 267 -32.40 39.34 -13.86
N ARG E 268 -33.00 40.42 -13.32
CA ARG E 268 -34.02 41.15 -14.04
C ARG E 268 -33.56 41.54 -15.43
N GLU E 269 -32.38 42.19 -15.53
CA GLU E 269 -31.95 42.67 -16.84
C GLU E 269 -31.90 41.51 -17.83
N LEU E 270 -31.43 40.35 -17.40
CA LEU E 270 -31.34 39.23 -18.33
C LEU E 270 -32.71 38.83 -18.82
N GLU E 271 -33.65 38.59 -17.90
CA GLU E 271 -35.04 38.39 -18.30
C GLU E 271 -35.50 39.51 -19.22
N ARG E 272 -35.08 40.75 -18.91
CA ARG E 272 -35.54 41.90 -19.67
C ARG E 272 -35.00 41.87 -21.09
N ASN E 273 -33.76 41.40 -21.29
CA ASN E 273 -33.18 41.36 -22.63
C ASN E 273 -33.67 40.17 -23.43
N TYR E 274 -34.00 39.07 -22.75
CA TYR E 274 -34.47 37.88 -23.45
C TYR E 274 -35.87 38.09 -24.01
N HIS E 275 -36.78 38.66 -23.23
CA HIS E 275 -38.06 39.10 -23.77
C HIS E 275 -37.85 39.89 -25.05
N ARG E 276 -37.12 40.99 -24.96
CA ARG E 276 -36.90 41.88 -26.08
C ARG E 276 -36.31 41.17 -27.29
N LEU E 277 -35.68 40.01 -27.07
CA LEU E 277 -35.11 39.16 -28.12
C LEU E 277 -36.11 38.15 -28.64
N LYS E 278 -36.72 37.37 -27.74
CA LYS E 278 -37.66 36.35 -28.18
C LYS E 278 -38.87 36.94 -28.88
N GLU E 279 -39.11 38.24 -28.67
CA GLU E 279 -40.09 38.99 -29.42
C GLU E 279 -39.56 39.39 -30.80
N ALA E 280 -38.39 40.04 -30.83
CA ALA E 280 -37.76 40.38 -32.10
C ALA E 280 -37.43 39.15 -32.93
N LEU E 281 -37.33 37.97 -32.30
CA LEU E 281 -37.02 36.75 -33.05
C LEU E 281 -38.26 36.14 -33.69
N GLN E 282 -39.39 36.16 -32.96
CA GLN E 282 -40.65 35.50 -33.33
C GLN E 282 -41.00 35.64 -34.81
N PRO E 283 -40.77 36.81 -35.46
CA PRO E 283 -41.04 36.91 -36.91
C PRO E 283 -40.09 36.13 -37.80
N LEU E 284 -38.99 35.61 -37.28
CA LEU E 284 -38.05 34.85 -38.10
C LEU E 284 -38.05 33.37 -37.81
N ILE E 285 -38.63 32.95 -36.69
CA ILE E 285 -38.66 31.54 -36.31
C ILE E 285 -39.93 30.83 -36.78
N ASN E 286 -40.93 31.58 -37.25
CA ASN E 286 -42.27 31.03 -37.53
C ASN E 286 -42.84 31.61 -38.83
N MET F 8 -12.28 27.05 -5.65
CA MET F 8 -12.67 25.65 -5.93
C MET F 8 -14.09 25.34 -6.52
N GLN F 9 -14.80 26.36 -7.02
CA GLN F 9 -15.85 26.12 -8.02
C GLN F 9 -15.43 26.85 -9.28
N THR F 10 -16.35 27.55 -9.94
CA THR F 10 -15.91 28.48 -10.98
C THR F 10 -15.49 29.81 -10.35
N ILE F 11 -14.47 30.44 -10.96
CA ILE F 11 -14.02 31.77 -10.54
C ILE F 11 -14.59 32.81 -11.49
N LYS F 12 -15.21 33.85 -10.94
CA LYS F 12 -15.81 34.91 -11.76
C LYS F 12 -14.75 35.94 -12.07
N CYS F 13 -14.36 36.02 -13.33
CA CYS F 13 -13.39 37.01 -13.76
C CYS F 13 -14.09 37.99 -14.69
N VAL F 14 -14.15 39.24 -14.28
CA VAL F 14 -14.77 40.28 -15.09
C VAL F 14 -13.65 41.10 -15.71
N VAL F 15 -13.61 41.12 -17.05
CA VAL F 15 -12.53 41.75 -17.81
C VAL F 15 -13.00 43.13 -18.28
N VAL F 16 -12.55 44.18 -17.62
CA VAL F 16 -12.97 45.54 -17.96
C VAL F 16 -11.81 46.24 -18.65
N GLY F 17 -12.09 47.42 -19.18
CA GLY F 17 -11.11 48.10 -19.99
C GLY F 17 -11.69 48.61 -21.30
N ASP F 18 -11.08 49.70 -21.81
CA ASP F 18 -11.49 50.49 -22.98
C ASP F 18 -11.67 49.61 -24.22
N GLY F 19 -12.31 50.16 -25.26
CA GLY F 19 -12.51 49.41 -26.49
C GLY F 19 -11.33 49.53 -27.44
N ALA F 20 -11.35 48.69 -28.47
CA ALA F 20 -10.25 48.59 -29.45
C ALA F 20 -8.87 48.45 -28.78
N VAL F 21 -8.83 47.91 -27.57
CA VAL F 21 -7.57 47.51 -26.97
C VAL F 21 -7.30 46.04 -27.16
N GLY F 22 -8.23 45.30 -27.75
CA GLY F 22 -7.98 43.90 -27.98
C GLY F 22 -8.12 43.00 -26.77
N LYS F 23 -8.89 43.42 -25.75
CA LYS F 23 -9.15 42.54 -24.61
C LYS F 23 -10.00 41.33 -25.00
N THR F 24 -10.90 41.49 -25.98
CA THR F 24 -11.67 40.34 -26.44
C THR F 24 -10.80 39.39 -27.24
N CYS F 25 -9.93 39.94 -28.12
CA CYS F 25 -9.05 39.08 -28.93
C CYS F 25 -8.17 38.19 -28.06
N LEU F 26 -7.65 38.72 -26.95
CA LEU F 26 -6.75 37.87 -26.18
C LEU F 26 -7.51 36.90 -25.29
N LEU F 27 -8.73 37.27 -24.86
CA LEU F 27 -9.62 36.29 -24.22
C LEU F 27 -9.99 35.17 -25.17
N ILE F 28 -10.47 35.51 -26.37
CA ILE F 28 -10.91 34.45 -27.29
C ILE F 28 -9.74 33.59 -27.74
N SER F 29 -8.56 34.19 -27.96
CA SER F 29 -7.44 33.43 -28.49
C SER F 29 -6.92 32.45 -27.47
N TYR F 30 -6.62 32.94 -26.28
CA TYR F 30 -6.11 32.10 -25.22
C TYR F 30 -7.02 30.89 -24.99
N THR F 31 -8.28 31.15 -24.68
CA THR F 31 -9.17 30.10 -24.23
C THR F 31 -9.44 29.03 -25.29
N THR F 32 -9.26 29.35 -26.56
CA THR F 32 -9.52 28.42 -27.63
C THR F 32 -8.24 27.76 -28.15
N ASN F 33 -7.07 28.13 -27.60
CA ASN F 33 -5.76 27.62 -28.02
C ASN F 33 -5.47 27.98 -29.47
N LYS F 34 -5.73 29.24 -29.81
CA LYS F 34 -5.71 29.73 -31.17
C LYS F 34 -4.94 31.05 -31.24
N PHE F 35 -4.26 31.27 -32.37
CA PHE F 35 -3.62 32.54 -32.65
C PHE F 35 -4.68 33.57 -33.03
N PRO F 36 -4.32 34.85 -33.17
CA PRO F 36 -5.32 35.80 -33.68
C PRO F 36 -5.76 35.52 -35.11
N SER F 37 -4.85 35.06 -35.98
CA SER F 37 -5.10 34.83 -37.42
C SER F 37 -6.02 33.64 -37.68
N GLU F 38 -6.55 32.98 -36.65
CA GLU F 38 -7.17 31.69 -36.85
C GLU F 38 -8.26 31.36 -35.82
N TYR F 39 -8.74 32.31 -35.02
CA TYR F 39 -9.72 31.95 -34.01
C TYR F 39 -11.11 31.91 -34.62
N VAL F 40 -11.83 30.85 -34.30
CA VAL F 40 -13.19 30.68 -34.79
C VAL F 40 -14.09 31.68 -34.09
N PRO F 41 -14.71 32.58 -34.84
CA PRO F 41 -15.43 33.68 -34.21
C PRO F 41 -16.81 33.22 -33.77
N THR F 42 -17.31 33.87 -32.73
CA THR F 42 -18.62 33.61 -32.19
C THR F 42 -19.42 34.90 -32.23
N VAL F 43 -20.74 34.75 -32.15
CA VAL F 43 -21.65 35.87 -31.95
C VAL F 43 -21.98 36.06 -30.47
N PHE F 44 -21.35 35.30 -29.59
CA PHE F 44 -21.69 35.31 -28.18
C PHE F 44 -20.54 35.87 -27.36
N ASP F 45 -20.88 36.22 -26.12
CA ASP F 45 -19.96 36.87 -25.19
C ASP F 45 -19.46 35.86 -24.16
N ASN F 46 -18.37 36.22 -23.48
CA ASN F 46 -17.90 35.50 -22.30
C ASN F 46 -17.32 34.13 -22.59
N TYR F 47 -16.13 33.87 -22.04
CA TYR F 47 -15.28 32.75 -22.37
C TYR F 47 -14.91 32.04 -21.06
N ALA F 48 -14.68 30.73 -21.14
CA ALA F 48 -14.25 29.93 -20.00
C ALA F 48 -13.08 29.06 -20.39
N VAL F 49 -12.24 28.74 -19.40
CA VAL F 49 -11.04 27.96 -19.64
C VAL F 49 -10.54 27.39 -18.32
N THR F 50 -9.99 26.17 -18.39
CA THR F 50 -9.47 25.43 -17.24
C THR F 50 -7.95 25.45 -17.25
N VAL F 51 -7.38 26.06 -16.22
CA VAL F 51 -5.94 26.26 -16.07
C VAL F 51 -5.44 25.34 -14.97
N MET F 52 -4.28 24.71 -15.18
CA MET F 52 -3.64 23.98 -14.10
C MET F 52 -2.60 24.83 -13.39
N ILE F 53 -2.62 24.74 -12.06
CA ILE F 53 -1.76 25.54 -11.21
C ILE F 53 -1.40 24.72 -9.98
N GLY F 54 -0.12 24.35 -9.87
CA GLY F 54 0.28 23.59 -8.69
C GLY F 54 -0.26 22.18 -8.63
N GLY F 55 -0.32 21.50 -9.77
CA GLY F 55 -0.88 20.16 -9.83
C GLY F 55 -2.34 20.08 -9.52
N GLU F 56 -3.02 21.22 -9.36
CA GLU F 56 -4.45 21.35 -9.10
C GLU F 56 -5.09 22.17 -10.22
N PRO F 57 -6.20 21.68 -10.83
CA PRO F 57 -6.87 22.48 -11.87
C PRO F 57 -7.90 23.45 -11.29
N TYR F 58 -7.74 24.70 -11.68
CA TYR F 58 -8.67 25.76 -11.34
C TYR F 58 -9.35 26.22 -12.62
N THR F 59 -10.61 26.68 -12.52
CA THR F 59 -11.39 27.01 -13.70
C THR F 59 -11.92 28.43 -13.60
N LEU F 60 -11.97 29.10 -14.74
CA LEU F 60 -12.15 30.53 -14.80
C LEU F 60 -13.32 30.85 -15.71
N GLY F 61 -14.25 31.69 -15.24
CA GLY F 61 -15.29 32.20 -16.10
C GLY F 61 -15.02 33.66 -16.41
N LEU F 62 -14.68 33.94 -17.67
CA LEU F 62 -14.22 35.26 -18.12
C LEU F 62 -15.39 36.10 -18.60
N PHE F 63 -15.80 37.07 -17.81
CA PHE F 63 -16.93 37.92 -18.12
C PHE F 63 -16.41 39.11 -18.89
N ASP F 64 -16.69 39.14 -20.18
CA ASP F 64 -16.29 40.25 -21.02
C ASP F 64 -17.32 41.37 -20.94
N THR F 65 -16.84 42.61 -20.73
CA THR F 65 -17.68 43.80 -20.62
C THR F 65 -17.32 44.81 -21.70
N ALA F 66 -18.34 45.48 -22.26
CA ALA F 66 -18.09 46.46 -23.30
C ALA F 66 -17.54 47.76 -22.73
N GLY F 67 -16.79 48.50 -23.55
CA GLY F 67 -16.08 49.67 -23.08
C GLY F 67 -16.84 50.96 -23.25
N GLN F 68 -17.80 50.97 -24.18
CA GLN F 68 -18.56 52.17 -24.54
C GLN F 68 -19.12 52.89 -23.32
N GLU F 69 -19.42 54.19 -23.50
CA GLU F 69 -20.12 54.94 -22.47
C GLU F 69 -21.61 54.64 -22.50
N ASP F 70 -22.12 54.16 -23.64
CA ASP F 70 -23.51 53.78 -23.72
C ASP F 70 -23.84 52.65 -22.76
N TYR F 71 -22.88 51.75 -22.52
CA TYR F 71 -23.07 50.60 -21.65
C TYR F 71 -22.68 50.86 -20.20
N ASP F 72 -22.48 52.12 -19.81
CA ASP F 72 -22.01 52.37 -18.45
C ASP F 72 -23.09 52.03 -17.43
N ARG F 73 -24.36 52.18 -17.82
CA ARG F 73 -25.47 52.04 -16.87
C ARG F 73 -25.66 50.59 -16.47
N LEU F 74 -25.59 49.67 -17.44
CA LEU F 74 -25.89 48.26 -17.23
C LEU F 74 -24.70 47.42 -16.79
N ARG F 75 -23.47 47.85 -17.07
CA ARG F 75 -22.31 47.00 -16.82
C ARG F 75 -22.20 46.59 -15.34
N PRO F 76 -22.16 47.51 -14.37
CA PRO F 76 -21.93 47.09 -12.97
C PRO F 76 -23.02 46.23 -12.36
N LEU F 77 -23.97 45.77 -13.17
CA LEU F 77 -24.84 44.68 -12.73
C LEU F 77 -24.10 43.36 -12.68
N SER F 78 -23.04 43.21 -13.47
CA SER F 78 -22.32 41.96 -13.40
C SER F 78 -21.37 41.91 -12.20
N TYR F 79 -20.97 43.06 -11.67
CA TYR F 79 -19.91 43.07 -10.67
C TYR F 79 -20.21 42.25 -9.41
N PRO F 80 -21.45 42.13 -8.92
CA PRO F 80 -21.70 41.24 -7.78
C PRO F 80 -21.07 39.86 -7.93
N GLN F 81 -20.60 39.31 -6.81
CA GLN F 81 -20.02 37.97 -6.68
C GLN F 81 -18.72 37.78 -7.49
N THR F 82 -18.17 38.82 -8.12
CA THR F 82 -16.91 38.72 -8.84
C THR F 82 -15.78 38.36 -7.88
N ASP F 83 -14.89 37.49 -8.35
CA ASP F 83 -13.75 37.03 -7.57
C ASP F 83 -12.46 37.78 -7.88
N VAL F 84 -12.34 38.33 -9.09
CA VAL F 84 -11.20 39.14 -9.49
C VAL F 84 -11.55 39.89 -10.76
N PHE F 85 -11.02 41.09 -10.90
CA PHE F 85 -11.13 41.87 -12.12
C PHE F 85 -9.81 41.90 -12.87
N LEU F 86 -9.91 42.11 -14.18
CA LEU F 86 -8.76 42.36 -15.05
C LEU F 86 -8.98 43.68 -15.77
N VAL F 87 -8.27 44.72 -15.37
CA VAL F 87 -8.36 46.04 -15.99
C VAL F 87 -7.31 46.15 -17.10
N CYS F 88 -7.77 46.35 -18.33
CA CYS F 88 -6.92 46.21 -19.51
C CYS F 88 -6.66 47.52 -20.22
N PHE F 89 -5.47 47.62 -20.79
CA PHE F 89 -5.08 48.75 -21.60
C PHE F 89 -4.04 48.27 -22.60
N SER F 90 -3.93 48.99 -23.71
CA SER F 90 -2.96 48.63 -24.73
C SER F 90 -1.68 49.40 -24.45
N VAL F 91 -0.56 48.69 -24.42
CA VAL F 91 0.69 49.35 -24.12
C VAL F 91 1.03 50.40 -25.19
N VAL F 92 0.40 50.33 -26.37
CA VAL F 92 0.59 51.35 -27.41
C VAL F 92 -0.68 52.19 -27.56
N SER F 93 -1.45 52.31 -26.48
CA SER F 93 -2.62 53.20 -26.43
C SER F 93 -2.66 53.99 -25.12
N PRO F 94 -2.03 55.16 -25.07
CA PRO F 94 -2.01 55.92 -23.81
C PRO F 94 -3.40 56.26 -23.35
N SER F 95 -4.31 56.45 -24.31
CA SER F 95 -5.70 56.76 -24.02
C SER F 95 -6.38 55.64 -23.21
N SER F 96 -6.17 54.37 -23.60
CA SER F 96 -6.63 53.28 -22.75
C SER F 96 -5.98 53.37 -21.37
N PHE F 97 -4.68 53.70 -21.33
CA PHE F 97 -3.92 53.71 -20.08
C PHE F 97 -4.43 54.79 -19.13
N GLU F 98 -4.63 56.01 -19.63
CA GLU F 98 -5.23 57.06 -18.81
C GLU F 98 -6.58 56.63 -18.24
N ASN F 99 -7.36 55.89 -19.03
CA ASN F 99 -8.70 55.52 -18.59
C ASN F 99 -8.69 54.44 -17.52
N VAL F 100 -7.56 53.74 -17.32
CA VAL F 100 -7.39 52.96 -16.10
C VAL F 100 -7.38 53.88 -14.88
N LYS F 101 -6.55 54.94 -14.92
CA LYS F 101 -6.44 55.88 -13.80
C LYS F 101 -7.81 56.33 -13.31
N GLU F 102 -8.63 56.88 -14.20
CA GLU F 102 -9.80 57.63 -13.76
C GLU F 102 -11.09 57.18 -14.40
N LYS F 103 -11.18 55.93 -14.84
CA LYS F 103 -12.46 55.37 -15.25
C LYS F 103 -12.62 53.97 -14.68
N TRP F 104 -11.74 53.06 -15.10
CA TRP F 104 -11.98 51.67 -14.80
C TRP F 104 -11.75 51.35 -13.33
N VAL F 105 -10.56 51.66 -12.83
CA VAL F 105 -10.20 51.27 -11.45
C VAL F 105 -11.01 52.02 -10.41
N PRO F 106 -11.46 53.27 -10.65
CA PRO F 106 -12.48 53.84 -9.73
C PRO F 106 -13.81 53.10 -9.74
N GLU F 107 -14.24 52.58 -10.90
CA GLU F 107 -15.56 51.97 -11.02
C GLU F 107 -15.64 50.63 -10.29
N ILE F 108 -14.71 49.71 -10.57
CA ILE F 108 -14.73 48.43 -9.89
C ILE F 108 -14.33 48.58 -8.42
N THR F 109 -13.61 49.64 -8.06
CA THR F 109 -13.38 49.80 -6.62
C THR F 109 -14.64 50.33 -5.95
N HIS F 110 -15.37 51.22 -6.62
CA HIS F 110 -16.59 51.68 -5.97
C HIS F 110 -17.58 50.54 -5.76
N HIS F 111 -17.60 49.56 -6.66
CA HIS F 111 -18.61 48.50 -6.61
C HIS F 111 -18.17 47.30 -5.81
N CYS F 112 -16.87 46.99 -5.80
CA CYS F 112 -16.37 45.74 -5.21
C CYS F 112 -15.12 46.01 -4.39
N PRO F 113 -15.21 46.93 -3.41
CA PRO F 113 -14.02 47.44 -2.72
C PRO F 113 -13.09 46.36 -2.19
N LYS F 114 -13.63 45.26 -1.73
CA LYS F 114 -12.77 44.20 -1.23
C LYS F 114 -12.37 43.19 -2.31
N THR F 115 -12.81 43.37 -3.57
CA THR F 115 -12.41 42.41 -4.61
C THR F 115 -11.07 42.81 -5.24
N PRO F 116 -10.19 41.86 -5.47
CA PRO F 116 -8.89 42.18 -6.08
C PRO F 116 -9.00 42.37 -7.58
N PHE F 117 -8.00 43.02 -8.14
CA PHE F 117 -7.93 43.21 -9.59
C PHE F 117 -6.48 43.27 -10.07
N LEU F 118 -6.32 42.96 -11.34
CA LEU F 118 -5.02 42.99 -11.99
C LEU F 118 -5.02 44.07 -13.06
N LEU F 119 -4.04 44.96 -13.00
CA LEU F 119 -3.73 45.76 -14.18
C LEU F 119 -3.11 44.88 -15.26
N VAL F 120 -3.62 44.99 -16.48
CA VAL F 120 -3.25 44.06 -17.56
C VAL F 120 -2.88 44.85 -18.81
N GLY F 121 -1.61 44.80 -19.19
CA GLY F 121 -1.15 45.46 -20.40
C GLY F 121 -1.23 44.52 -21.59
N THR F 122 -1.66 45.05 -22.73
CA THR F 122 -1.89 44.22 -23.91
C THR F 122 -1.18 44.80 -25.13
N GLN F 123 -1.00 43.90 -26.10
CA GLN F 123 -0.43 44.20 -27.42
C GLN F 123 1.03 44.60 -27.31
N ILE F 124 1.74 43.97 -26.37
CA ILE F 124 3.16 44.31 -26.20
C ILE F 124 3.89 44.20 -27.53
N ASP F 125 3.47 43.29 -28.41
CA ASP F 125 4.14 42.99 -29.68
C ASP F 125 4.34 44.22 -30.55
N LEU F 126 3.66 45.32 -30.26
CA LEU F 126 3.81 46.53 -31.05
C LEU F 126 4.76 47.54 -30.42
N ARG F 127 4.98 47.46 -29.11
CA ARG F 127 5.85 48.42 -28.45
C ARG F 127 7.26 48.39 -29.05
N ASP F 128 7.90 47.22 -29.05
CA ASP F 128 9.22 47.05 -29.64
C ASP F 128 9.17 46.93 -31.17
N ASP F 129 8.04 47.29 -31.78
CA ASP F 129 7.92 47.36 -33.23
C ASP F 129 8.35 48.74 -33.69
N PRO F 130 9.49 48.89 -34.38
CA PRO F 130 9.92 50.23 -34.81
C PRO F 130 9.05 50.92 -35.87
N SER F 131 7.81 50.47 -36.11
CA SER F 131 6.99 51.09 -37.16
C SER F 131 5.68 51.70 -36.65
N THR F 132 4.97 51.04 -35.73
CA THR F 132 3.88 51.72 -35.02
C THR F 132 4.38 52.97 -34.29
N ILE F 133 5.63 52.92 -33.79
CA ILE F 133 6.16 53.99 -32.96
C ILE F 133 6.30 55.26 -33.77
N GLU F 134 6.95 55.18 -34.93
CA GLU F 134 7.18 56.37 -35.75
C GLU F 134 5.89 56.95 -36.32
N LYS F 135 4.74 56.37 -35.97
CA LYS F 135 3.41 56.96 -36.09
C LYS F 135 2.91 57.52 -34.76
N LEU F 136 2.90 56.70 -33.71
CA LEU F 136 2.56 57.19 -32.38
C LEU F 136 3.41 58.40 -32.02
N ALA F 137 4.68 58.37 -32.43
CA ALA F 137 5.61 59.46 -32.15
C ALA F 137 5.24 60.73 -32.91
N LYS F 138 4.64 60.60 -34.09
CA LYS F 138 4.26 61.79 -34.84
C LYS F 138 3.02 62.42 -34.23
N ASN F 139 2.80 62.19 -32.92
CA ASN F 139 1.69 62.76 -32.15
C ASN F 139 2.16 63.26 -30.80
N LYS F 140 3.48 63.39 -30.61
CA LYS F 140 4.08 63.64 -29.30
C LYS F 140 3.70 62.54 -28.31
N GLN F 141 3.94 61.28 -28.68
CA GLN F 141 3.48 60.16 -27.86
C GLN F 141 4.42 58.97 -27.96
N LYS F 142 4.62 58.29 -26.84
CA LYS F 142 5.42 57.08 -26.78
C LYS F 142 4.60 55.96 -26.15
N PRO F 143 4.91 54.69 -26.45
CA PRO F 143 4.26 53.58 -25.74
C PRO F 143 4.50 53.62 -24.23
N ILE F 144 3.68 52.87 -23.52
CA ILE F 144 3.71 52.83 -22.06
C ILE F 144 4.80 51.85 -21.64
N THR F 145 5.83 52.36 -20.91
CA THR F 145 6.93 51.54 -20.43
C THR F 145 6.50 50.72 -19.22
N PRO F 146 7.09 49.53 -19.03
CA PRO F 146 6.74 48.71 -17.86
C PRO F 146 6.90 49.45 -16.53
N GLU F 147 7.86 50.38 -16.44
CA GLU F 147 8.03 51.18 -15.22
C GLU F 147 6.82 52.08 -14.99
N THR F 148 6.52 52.95 -15.96
CA THR F 148 5.36 53.82 -15.85
C THR F 148 4.06 53.04 -15.64
N ALA F 149 4.08 51.71 -15.78
CA ALA F 149 2.89 50.87 -15.67
C ALA F 149 2.83 50.06 -14.39
N GLU F 150 3.87 49.30 -14.08
CA GLU F 150 3.93 48.63 -12.80
C GLU F 150 3.78 49.61 -11.64
N LYS F 151 4.16 50.89 -11.83
CA LYS F 151 3.94 51.89 -10.77
C LYS F 151 2.46 52.23 -10.64
N LEU F 152 1.82 52.63 -11.75
CA LEU F 152 0.38 52.84 -11.78
C LEU F 152 -0.29 51.72 -11.01
N ALA F 153 0.12 50.48 -11.28
CA ALA F 153 -0.44 49.35 -10.54
C ALA F 153 -0.08 49.45 -9.07
N ARG F 154 1.20 49.59 -8.76
CA ARG F 154 1.60 49.77 -7.37
C ARG F 154 0.90 50.97 -6.75
N ASP F 155 0.51 51.95 -7.55
CA ASP F 155 -0.12 53.15 -7.01
C ASP F 155 -1.61 52.97 -6.75
N LEU F 156 -2.30 52.19 -7.59
CA LEU F 156 -3.74 51.99 -7.48
C LEU F 156 -4.09 50.75 -6.67
N LYS F 157 -3.09 50.14 -6.01
CA LYS F 157 -3.26 48.97 -5.13
C LYS F 157 -3.77 47.76 -5.90
N ALA F 158 -3.26 47.54 -7.12
CA ALA F 158 -3.60 46.32 -7.86
C ALA F 158 -2.77 45.13 -7.37
N VAL F 159 -3.29 43.93 -7.63
CA VAL F 159 -2.63 42.73 -7.13
C VAL F 159 -1.26 42.58 -7.75
N LYS F 160 -1.16 42.75 -9.08
CA LYS F 160 0.13 43.00 -9.75
C LYS F 160 -0.15 43.42 -11.19
N TYR F 161 0.94 43.73 -11.92
CA TYR F 161 0.88 44.07 -13.33
C TYR F 161 1.41 42.90 -14.16
N VAL F 162 0.67 42.54 -15.21
CA VAL F 162 1.10 41.56 -16.19
C VAL F 162 0.99 42.24 -17.55
N GLU F 163 1.57 41.59 -18.56
CA GLU F 163 1.34 41.99 -19.94
C GLU F 163 1.56 40.78 -20.85
N CYS F 164 1.13 40.95 -22.10
CA CYS F 164 1.12 39.84 -23.06
C CYS F 164 0.91 40.38 -24.47
N SER F 165 1.06 39.48 -25.44
CA SER F 165 0.54 39.68 -26.78
C SER F 165 -0.12 38.37 -27.20
N ALA F 166 -1.43 38.42 -27.52
CA ALA F 166 -2.13 37.25 -28.04
C ALA F 166 -1.46 36.73 -29.29
N LEU F 167 -0.82 37.62 -30.05
CA LEU F 167 -0.05 37.25 -31.23
C LEU F 167 1.20 36.47 -30.86
N THR F 168 2.10 37.09 -30.09
CA THR F 168 3.30 36.36 -29.70
C THR F 168 3.00 35.24 -28.70
N GLN F 169 1.89 35.33 -27.96
CA GLN F 169 1.53 34.47 -26.82
C GLN F 169 2.44 34.72 -25.61
N LYS F 170 3.39 35.63 -25.71
CA LYS F 170 4.36 35.86 -24.64
C LYS F 170 3.64 36.45 -23.44
N GLY F 171 3.83 35.86 -22.27
CA GLY F 171 3.16 36.27 -21.06
C GLY F 171 1.68 36.02 -21.02
N LEU F 172 1.11 35.38 -22.04
CA LEU F 172 -0.33 35.15 -22.07
C LEU F 172 -0.74 34.23 -20.94
N LYS F 173 -0.13 33.03 -20.88
CA LYS F 173 -0.46 32.09 -19.80
C LYS F 173 -0.22 32.68 -18.42
N ASN F 174 0.79 33.55 -18.29
CA ASN F 174 1.04 34.15 -16.98
C ASN F 174 -0.12 35.01 -16.51
N VAL F 175 -0.83 35.65 -17.46
CA VAL F 175 -1.88 36.60 -17.10
C VAL F 175 -2.99 35.92 -16.33
N PHE F 176 -3.50 34.82 -16.86
CA PHE F 176 -4.64 34.16 -16.25
C PHE F 176 -4.24 33.30 -15.06
N ASP F 177 -3.02 32.77 -15.04
CA ASP F 177 -2.53 32.13 -13.82
C ASP F 177 -2.50 33.10 -12.65
N GLU F 178 -2.19 34.38 -12.90
CA GLU F 178 -2.12 35.36 -11.82
C GLU F 178 -3.50 35.84 -11.38
N ALA F 179 -4.44 35.92 -12.31
CA ALA F 179 -5.83 36.17 -11.95
C ALA F 179 -6.34 35.09 -10.99
N ILE F 180 -6.17 33.81 -11.37
CA ILE F 180 -6.57 32.68 -10.53
C ILE F 180 -5.96 32.81 -9.14
N LEU F 181 -4.67 33.11 -9.07
CA LEU F 181 -4.00 33.21 -7.78
C LEU F 181 -4.55 34.36 -6.98
N ALA F 182 -4.70 35.52 -7.61
CA ALA F 182 -5.20 36.68 -6.89
C ALA F 182 -6.59 36.41 -6.34
N ALA F 183 -7.34 35.51 -6.97
CA ALA F 183 -8.67 35.23 -6.50
C ALA F 183 -8.69 34.18 -5.40
N LEU F 184 -7.67 33.34 -5.28
CA LEU F 184 -7.69 32.31 -4.24
C LEU F 184 -7.30 32.85 -2.86
N GLU F 185 -6.73 34.06 -2.82
CA GLU F 185 -6.37 34.78 -1.59
C GLU F 185 -5.68 36.09 -1.99
N GLU G 12 10.38 -23.23 18.08
CA GLU G 12 9.28 -23.93 17.40
C GLU G 12 8.06 -23.07 17.69
N ARG G 13 8.25 -21.75 17.61
CA ARG G 13 7.14 -20.82 17.75
C ARG G 13 7.10 -19.94 16.50
N MET G 14 7.41 -20.58 15.38
CA MET G 14 6.69 -20.33 14.16
C MET G 14 5.31 -20.97 14.18
N PHE G 15 4.97 -21.66 15.26
CA PHE G 15 3.61 -22.17 15.47
C PHE G 15 2.87 -21.41 16.56
N GLY G 16 3.55 -20.69 17.44
CA GLY G 16 2.94 -20.07 18.58
C GLY G 16 3.25 -20.82 19.86
N THR G 17 2.68 -20.32 20.95
CA THR G 17 2.87 -20.89 22.28
C THR G 17 1.55 -21.47 22.78
N TYR G 18 1.59 -22.67 23.34
CA TYR G 18 0.35 -23.36 23.69
C TYR G 18 0.38 -23.89 25.12
N PHE G 19 -0.79 -23.87 25.77
CA PHE G 19 -0.99 -24.30 27.16
C PHE G 19 -2.28 -25.11 27.30
N ARG G 20 -2.17 -26.28 27.90
CA ARG G 20 -3.35 -26.96 28.39
C ARG G 20 -3.88 -26.21 29.61
N VAL G 21 -5.18 -25.95 29.64
CA VAL G 21 -5.81 -25.28 30.77
C VAL G 21 -6.97 -26.13 31.26
N GLY G 22 -6.98 -26.42 32.57
CA GLY G 22 -8.03 -27.24 33.16
C GLY G 22 -8.83 -26.43 34.18
N PHE G 23 -10.16 -26.61 34.15
CA PHE G 23 -11.06 -25.89 35.05
C PHE G 23 -11.75 -26.88 35.97
N TYR G 24 -11.56 -26.72 37.29
CA TYR G 24 -11.97 -27.68 38.33
C TYR G 24 -12.51 -26.90 39.53
N GLY G 25 -13.81 -27.02 39.77
CA GLY G 25 -14.46 -26.29 40.83
C GLY G 25 -15.88 -25.95 40.42
N THR G 26 -16.74 -25.79 41.42
CA THR G 26 -18.14 -25.56 41.07
C THR G 26 -18.38 -24.14 40.59
N LYS G 27 -17.53 -23.19 40.97
CA LYS G 27 -17.77 -21.81 40.59
C LYS G 27 -17.62 -21.57 39.10
N PHE G 28 -17.30 -22.57 38.30
CA PHE G 28 -17.10 -22.38 36.87
C PHE G 28 -18.33 -22.75 36.05
N GLY G 29 -19.45 -23.02 36.70
CA GLY G 29 -20.67 -23.35 36.02
C GLY G 29 -20.51 -24.53 35.10
N ASP G 30 -20.59 -24.27 33.80
CA ASP G 30 -20.48 -25.29 32.77
C ASP G 30 -19.05 -25.46 32.28
N LEU G 31 -18.08 -24.79 32.89
CA LEU G 31 -16.69 -25.06 32.59
C LEU G 31 -16.08 -26.15 33.47
N ASP G 32 -16.75 -26.53 34.56
CA ASP G 32 -16.20 -27.48 35.50
C ASP G 32 -15.82 -28.78 34.80
N GLU G 33 -14.65 -29.32 35.16
CA GLU G 33 -14.14 -30.59 34.61
C GLU G 33 -13.83 -30.49 33.13
N GLN G 34 -13.55 -29.29 32.64
CA GLN G 34 -13.21 -29.14 31.25
C GLN G 34 -11.73 -28.79 31.12
N GLU G 35 -11.18 -29.14 29.96
CA GLU G 35 -9.82 -28.82 29.59
C GLU G 35 -9.84 -28.25 28.19
N PHE G 36 -8.88 -27.36 27.90
CA PHE G 36 -8.72 -26.70 26.62
C PHE G 36 -7.25 -26.56 26.31
N VAL G 37 -6.94 -26.35 25.05
CA VAL G 37 -5.61 -25.92 24.64
C VAL G 37 -5.71 -24.44 24.27
N TYR G 38 -5.31 -23.57 25.18
CA TYR G 38 -5.26 -22.16 24.82
C TYR G 38 -4.09 -21.94 23.87
N LYS G 39 -4.22 -20.96 22.96
CA LYS G 39 -3.16 -20.60 22.02
C LYS G 39 -2.74 -19.16 22.29
N GLU G 40 -1.60 -18.96 22.96
CA GLU G 40 -1.08 -17.63 23.22
C GLU G 40 -0.17 -17.18 22.09
N PRO G 41 0.26 -15.92 22.07
CA PRO G 41 1.28 -15.50 21.10
C PRO G 41 2.65 -16.08 21.45
N ALA G 42 3.59 -15.94 20.52
CA ALA G 42 4.89 -16.60 20.65
C ALA G 42 5.68 -16.06 21.84
N TYR G 43 6.44 -16.96 22.47
CA TYR G 43 7.29 -16.65 23.62
C TYR G 43 6.48 -16.16 24.81
N THR G 44 5.21 -16.57 24.90
CA THR G 44 4.50 -16.39 26.16
C THR G 44 5.12 -17.30 27.20
N LYS G 45 5.29 -16.77 28.40
CA LYS G 45 5.89 -17.54 29.47
C LYS G 45 4.78 -18.18 30.28
N LEU G 46 5.11 -19.29 30.95
CA LEU G 46 4.13 -19.91 31.83
C LEU G 46 3.66 -18.92 32.90
N ALA G 47 4.53 -18.00 33.32
CA ALA G 47 4.08 -17.06 34.35
C ALA G 47 3.03 -16.10 33.81
N GLU G 48 3.11 -15.73 32.52
CA GLU G 48 2.21 -14.70 31.98
C GLU G 48 0.74 -15.14 31.99
N ILE G 49 0.46 -16.35 31.48
CA ILE G 49 -0.92 -16.85 31.46
C ILE G 49 -1.33 -17.29 32.84
N SER G 50 -0.40 -17.76 33.67
CA SER G 50 -0.77 -18.19 35.01
C SER G 50 -1.29 -17.02 35.84
N HIS G 51 -0.61 -15.87 35.77
CA HIS G 51 -1.14 -14.67 36.42
C HIS G 51 -2.33 -14.10 35.65
N ARG G 52 -2.38 -14.25 34.33
CA ARG G 52 -3.52 -13.74 33.59
C ARG G 52 -4.81 -14.45 33.94
N LEU G 53 -4.76 -15.69 34.42
CA LEU G 53 -5.98 -16.40 34.78
C LEU G 53 -6.25 -16.38 36.27
N GLU G 54 -5.21 -16.40 37.10
CA GLU G 54 -5.43 -16.27 38.54
C GLU G 54 -6.11 -14.94 38.84
N GLY G 55 -5.55 -13.84 38.37
CA GLY G 55 -6.10 -12.52 38.58
C GLY G 55 -7.25 -12.12 37.69
N PHE G 56 -7.71 -13.00 36.79
CA PHE G 56 -8.95 -12.72 36.08
C PHE G 56 -10.14 -13.26 36.84
N TYR G 57 -10.09 -14.53 37.24
CA TYR G 57 -11.12 -15.08 38.10
C TYR G 57 -10.96 -14.65 39.54
N GLY G 58 -9.83 -14.03 39.89
CA GLY G 58 -9.72 -13.39 41.19
C GLY G 58 -10.48 -12.09 41.26
N GLU G 59 -10.53 -11.35 40.14
CA GLU G 59 -11.37 -10.17 39.99
C GLU G 59 -12.76 -10.61 39.53
N ARG G 60 -13.19 -11.79 39.97
CA ARG G 60 -14.52 -12.34 39.69
C ARG G 60 -15.00 -13.27 40.79
N PHE G 61 -14.09 -13.98 41.47
CA PHE G 61 -14.48 -14.88 42.55
C PHE G 61 -13.86 -14.49 43.88
N GLY G 62 -13.17 -13.35 43.96
CA GLY G 62 -12.50 -12.98 45.18
C GLY G 62 -11.10 -13.56 45.25
N GLU G 63 -10.38 -13.16 46.29
CA GLU G 63 -8.92 -13.41 46.33
C GLU G 63 -8.61 -14.87 46.64
N ASP G 64 -8.84 -15.30 47.88
CA ASP G 64 -8.31 -16.57 48.33
C ASP G 64 -9.20 -17.75 47.91
N VAL G 65 -9.89 -17.60 46.79
CA VAL G 65 -10.79 -18.63 46.29
C VAL G 65 -10.28 -19.32 45.03
N VAL G 66 -9.41 -18.66 44.24
CA VAL G 66 -8.80 -19.23 43.05
C VAL G 66 -7.40 -19.74 43.41
N GLU G 67 -7.10 -20.98 42.99
CA GLU G 67 -5.79 -21.61 43.18
C GLU G 67 -5.37 -22.23 41.86
N VAL G 68 -4.08 -22.13 41.55
CA VAL G 68 -3.52 -22.68 40.32
C VAL G 68 -2.87 -24.01 40.64
N ILE G 69 -3.31 -25.09 40.00
CA ILE G 69 -2.65 -26.36 40.23
C ILE G 69 -1.27 -26.33 39.57
N LYS G 70 -0.23 -26.21 40.40
CA LYS G 70 1.17 -26.10 39.97
C LYS G 70 1.78 -27.50 39.90
N ASP G 71 1.29 -28.23 38.92
CA ASP G 71 1.39 -29.67 38.83
C ASP G 71 0.93 -30.03 37.44
N SER G 72 1.02 -31.30 37.08
CA SER G 72 0.55 -31.61 35.73
C SER G 72 0.18 -33.05 35.55
N ASN G 73 0.41 -33.85 36.56
CA ASN G 73 -0.19 -35.17 36.49
C ASN G 73 -1.66 -35.01 36.83
N PRO G 74 -2.49 -35.97 36.45
CA PRO G 74 -3.93 -35.69 36.36
C PRO G 74 -4.57 -35.45 37.72
N VAL G 75 -5.73 -34.81 37.65
CA VAL G 75 -6.42 -34.26 38.81
C VAL G 75 -7.28 -35.35 39.45
N ASP G 76 -7.30 -35.37 40.78
CA ASP G 76 -8.17 -36.24 41.55
C ASP G 76 -9.30 -35.41 42.14
N LYS G 77 -10.55 -35.74 41.79
CA LYS G 77 -11.67 -34.90 42.21
C LYS G 77 -11.90 -34.94 43.70
N CYS G 78 -11.85 -36.13 44.32
CA CYS G 78 -12.14 -36.20 45.74
C CYS G 78 -11.11 -35.45 46.59
N LYS G 79 -9.85 -35.37 46.11
CA LYS G 79 -8.80 -34.63 46.81
C LYS G 79 -8.99 -33.11 46.79
N LEU G 80 -9.85 -32.57 45.94
CA LEU G 80 -9.95 -31.13 45.76
C LEU G 80 -10.86 -30.49 46.79
N ASP G 81 -10.66 -29.20 47.01
CA ASP G 81 -11.59 -28.43 47.83
C ASP G 81 -12.79 -28.07 46.98
N PRO G 82 -13.99 -28.58 47.29
CA PRO G 82 -15.17 -28.20 46.49
C PRO G 82 -15.38 -26.70 46.51
N ASN G 83 -14.86 -26.05 47.56
CA ASN G 83 -15.05 -24.63 47.82
C ASN G 83 -14.26 -23.77 46.84
N LYS G 84 -12.97 -24.06 46.65
CA LYS G 84 -12.10 -23.25 45.81
C LYS G 84 -12.22 -23.63 44.34
N ALA G 85 -11.78 -22.71 43.48
CA ALA G 85 -11.81 -22.86 42.04
C ALA G 85 -10.38 -23.05 41.53
N TYR G 86 -10.13 -24.17 40.86
CA TYR G 86 -8.80 -24.60 40.48
C TYR G 86 -8.55 -24.49 38.97
N ILE G 87 -7.36 -24.01 38.60
CA ILE G 87 -6.90 -23.95 37.21
C ILE G 87 -5.57 -24.70 37.10
N GLN G 88 -5.55 -25.78 36.32
CA GLN G 88 -4.32 -26.48 36.03
C GLN G 88 -3.78 -25.93 34.73
N ILE G 89 -2.55 -25.45 34.74
CA ILE G 89 -1.93 -24.88 33.55
C ILE G 89 -0.67 -25.65 33.23
N THR G 90 -0.51 -25.98 31.96
CA THR G 90 0.61 -26.80 31.51
C THR G 90 1.04 -26.32 30.14
N TYR G 91 2.31 -26.01 30.00
CA TYR G 91 2.86 -25.80 28.67
C TYR G 91 2.70 -27.09 27.86
N VAL G 92 2.38 -26.95 26.56
CA VAL G 92 2.37 -28.09 25.63
C VAL G 92 2.98 -27.68 24.29
N GLU G 93 3.10 -28.68 23.42
CA GLU G 93 3.73 -28.61 22.12
C GLU G 93 2.84 -29.27 21.08
N PRO G 94 2.86 -28.76 19.85
CA PRO G 94 2.18 -29.44 18.75
C PRO G 94 2.89 -30.75 18.43
N TYR G 95 2.14 -31.84 18.38
CA TYR G 95 2.68 -33.17 18.18
C TYR G 95 2.42 -33.67 16.76
N PHE G 96 3.45 -34.24 16.15
CA PHE G 96 3.41 -34.62 14.75
C PHE G 96 3.94 -36.05 14.51
N ASP G 97 3.23 -36.83 13.66
CA ASP G 97 3.79 -38.01 12.99
C ASP G 97 5.16 -37.72 12.45
N THR G 98 5.98 -38.76 12.42
CA THR G 98 7.22 -38.64 11.66
C THR G 98 6.93 -38.48 10.17
N TYR G 99 5.69 -38.71 9.77
CA TYR G 99 5.26 -38.29 8.44
C TYR G 99 4.83 -36.85 8.48
N GLU G 100 3.96 -36.51 9.43
CA GLU G 100 3.52 -35.13 9.62
C GLU G 100 4.69 -34.17 9.73
N MET G 101 5.77 -34.59 10.38
CA MET G 101 6.94 -33.71 10.45
C MET G 101 7.65 -33.67 9.12
N LYS G 102 7.87 -34.85 8.54
CA LYS G 102 8.59 -34.93 7.27
C LYS G 102 8.09 -33.89 6.26
N ASP G 103 6.78 -33.87 6.01
CA ASP G 103 6.25 -32.89 5.07
C ASP G 103 6.45 -31.47 5.58
N ARG G 104 6.33 -31.29 6.90
CA ARG G 104 6.50 -29.95 7.47
C ARG G 104 7.93 -29.46 7.38
N ILE G 105 8.90 -30.35 7.14
CA ILE G 105 10.24 -29.92 6.80
C ILE G 105 10.29 -29.44 5.35
N THR G 106 9.79 -30.27 4.45
CA THR G 106 10.07 -30.14 3.04
C THR G 106 9.31 -28.99 2.39
N TYR G 107 8.16 -28.60 2.95
CA TYR G 107 7.29 -27.62 2.32
C TYR G 107 6.98 -26.46 3.26
N PHE G 108 6.70 -25.31 2.63
CA PHE G 108 6.70 -24.01 3.31
C PHE G 108 5.52 -23.87 4.25
N ASP G 109 4.30 -24.07 3.75
CA ASP G 109 3.08 -24.01 4.54
C ASP G 109 3.13 -25.04 5.66
N LYS G 110 3.42 -24.61 6.90
CA LYS G 110 3.57 -25.54 8.02
C LYS G 110 2.44 -25.47 9.03
N ASN G 111 1.98 -24.28 9.40
CA ASN G 111 0.93 -24.11 10.42
C ASN G 111 -0.44 -24.46 9.89
N TYR G 112 -0.87 -25.73 9.95
CA TYR G 112 -2.11 -25.99 9.27
C TYR G 112 -2.98 -27.11 9.81
N ASN G 113 -2.53 -27.91 10.76
CA ASN G 113 -3.46 -28.94 11.21
C ASN G 113 -3.10 -29.33 12.63
N LEU G 114 -2.85 -28.33 13.48
CA LEU G 114 -2.38 -28.62 14.82
C LEU G 114 -3.58 -29.09 15.62
N ARG G 115 -3.86 -30.38 15.45
CA ARG G 115 -4.96 -31.06 16.13
C ARG G 115 -4.50 -31.69 17.44
N ARG G 116 -3.21 -32.06 17.54
CA ARG G 116 -2.65 -32.76 18.69
C ARG G 116 -1.50 -31.98 19.35
N PHE G 117 -1.32 -32.21 20.65
CA PHE G 117 -0.44 -31.45 21.53
C PHE G 117 0.02 -32.34 22.65
N MET G 118 1.29 -32.21 23.05
CA MET G 118 1.90 -33.19 23.92
C MET G 118 2.66 -32.50 25.05
N TYR G 119 2.81 -33.20 26.17
CA TYR G 119 3.53 -32.64 27.28
C TYR G 119 4.00 -33.80 28.14
N CYS G 120 5.19 -33.63 28.76
CA CYS G 120 5.82 -34.67 29.56
C CYS G 120 5.70 -34.38 31.05
N THR G 121 5.40 -35.42 31.83
CA THR G 121 5.37 -35.36 33.29
C THR G 121 6.31 -36.40 33.90
N PRO G 122 7.20 -36.03 34.81
CA PRO G 122 8.18 -36.97 35.35
C PRO G 122 7.68 -37.64 36.62
N PHE G 123 8.13 -38.87 36.84
CA PHE G 123 7.64 -39.60 38.02
C PHE G 123 8.54 -40.80 38.30
N THR G 124 8.53 -41.23 39.57
CA THR G 124 9.14 -42.49 40.01
C THR G 124 8.05 -43.41 40.55
N LEU G 125 8.29 -44.72 40.42
CA LEU G 125 7.31 -45.70 40.89
C LEU G 125 7.00 -45.49 42.36
N ASP G 126 8.02 -45.06 43.10
CA ASP G 126 7.90 -44.68 44.51
C ASP G 126 6.73 -43.72 44.75
N GLY G 127 6.50 -42.77 43.84
CA GLY G 127 5.53 -41.72 44.05
C GLY G 127 6.10 -40.32 44.05
N ARG G 128 7.42 -40.18 43.92
CA ARG G 128 8.04 -38.89 43.76
C ARG G 128 7.85 -38.39 42.34
N ALA G 129 8.08 -37.10 42.14
CA ALA G 129 8.14 -36.56 40.79
C ALA G 129 9.54 -36.68 40.21
N HIS G 130 10.54 -36.67 41.07
CA HIS G 130 11.93 -36.69 40.66
C HIS G 130 12.65 -37.80 41.39
N GLY G 131 13.55 -38.49 40.67
CA GLY G 131 14.41 -39.49 41.29
C GLY G 131 15.81 -39.58 40.71
N GLU G 132 16.57 -40.58 41.15
CA GLU G 132 17.89 -40.81 40.58
C GLU G 132 17.77 -41.30 39.14
N LEU G 133 18.90 -41.21 38.42
CA LEU G 133 18.93 -41.58 36.99
C LEU G 133 18.19 -42.87 36.71
N HIS G 134 18.38 -43.88 37.56
CA HIS G 134 17.81 -45.19 37.30
C HIS G 134 16.35 -45.32 37.77
N GLU G 135 15.86 -44.40 38.64
CA GLU G 135 14.46 -44.39 39.07
C GLU G 135 13.56 -43.48 38.22
N GLN G 136 14.13 -42.72 37.27
CA GLN G 136 13.47 -41.56 36.65
C GLN G 136 12.62 -41.95 35.45
N PHE G 137 11.34 -42.24 35.68
CA PHE G 137 10.41 -42.45 34.58
C PHE G 137 9.89 -41.10 34.04
N LYS G 138 9.27 -41.16 32.86
CA LYS G 138 8.66 -39.99 32.25
C LYS G 138 7.34 -40.43 31.61
N ARG G 139 6.32 -39.57 31.65
CA ARG G 139 5.02 -39.91 31.05
C ARG G 139 4.67 -38.88 29.98
N LYS G 140 4.78 -39.28 28.70
CA LYS G 140 4.26 -38.48 27.59
C LYS G 140 2.74 -38.59 27.55
N THR G 141 2.09 -37.44 27.41
CA THR G 141 0.65 -37.33 27.25
C THR G 141 0.42 -36.57 25.95
N ILE G 142 -0.44 -37.11 25.08
CA ILE G 142 -0.83 -36.39 23.88
C ILE G 142 -2.32 -36.07 23.94
N LEU G 143 -2.65 -34.79 23.79
CA LEU G 143 -4.02 -34.29 23.76
C LEU G 143 -4.46 -34.08 22.31
N THR G 144 -5.61 -34.64 21.95
CA THR G 144 -6.26 -34.32 20.69
C THR G 144 -7.34 -33.27 20.97
N THR G 145 -7.52 -32.32 20.06
CA THR G 145 -8.54 -31.29 20.24
C THR G 145 -9.73 -31.55 19.32
N SER G 146 -10.85 -30.88 19.63
CA SER G 146 -12.06 -31.10 18.86
C SER G 146 -12.04 -30.35 17.55
N HIS G 147 -11.24 -29.28 17.49
CA HIS G 147 -10.94 -28.57 16.25
C HIS G 147 -9.44 -28.35 16.22
N ALA G 148 -8.93 -28.14 15.02
CA ALA G 148 -7.51 -27.90 14.83
C ALA G 148 -7.24 -26.42 14.66
N PHE G 149 -6.26 -25.92 15.41
CA PHE G 149 -5.64 -24.63 15.10
C PHE G 149 -5.00 -24.66 13.72
N PRO G 150 -4.89 -23.50 13.06
CA PRO G 150 -5.41 -22.23 13.56
C PRO G 150 -6.91 -22.20 13.36
N TYR G 151 -7.63 -21.66 14.32
CA TYR G 151 -9.08 -21.73 14.38
C TYR G 151 -9.66 -20.32 14.45
N ILE G 152 -10.95 -20.27 14.72
CA ILE G 152 -11.66 -19.01 14.85
C ILE G 152 -11.71 -18.59 16.30
N LYS G 153 -11.39 -19.49 17.24
CA LYS G 153 -11.23 -19.23 18.66
C LYS G 153 -9.75 -19.37 19.02
N THR G 154 -9.35 -18.79 20.15
CA THR G 154 -8.00 -19.01 20.67
C THR G 154 -7.96 -20.08 21.73
N ARG G 155 -9.08 -20.69 22.06
CA ARG G 155 -9.05 -21.91 22.83
C ARG G 155 -10.02 -22.91 22.20
N VAL G 156 -9.55 -24.15 22.02
CA VAL G 156 -10.34 -25.29 21.60
C VAL G 156 -10.22 -26.40 22.67
N ASN G 157 -11.29 -27.18 22.85
CA ASN G 157 -11.29 -28.09 23.98
C ASN G 157 -10.80 -29.49 23.60
N VAL G 158 -10.22 -30.15 24.61
CA VAL G 158 -9.44 -31.38 24.46
C VAL G 158 -10.41 -32.55 24.40
N THR G 159 -10.16 -33.47 23.47
CA THR G 159 -11.13 -34.53 23.27
C THR G 159 -10.58 -35.93 23.54
N HIS G 160 -9.36 -36.26 23.09
CA HIS G 160 -8.76 -37.57 23.33
C HIS G 160 -7.49 -37.40 24.15
N LYS G 161 -7.03 -38.49 24.75
CA LYS G 161 -5.86 -38.41 25.62
C LYS G 161 -5.12 -39.73 25.56
N GLU G 162 -3.90 -39.70 24.98
CA GLU G 162 -2.94 -40.81 25.01
C GLU G 162 -1.92 -40.63 26.13
N GLU G 163 -1.70 -41.67 26.91
CA GLU G 163 -0.56 -41.69 27.81
C GLU G 163 0.47 -42.71 27.31
N ILE G 164 1.75 -42.32 27.34
CA ILE G 164 2.85 -43.19 26.90
C ILE G 164 3.94 -43.08 27.95
N ILE G 165 4.32 -44.20 28.58
CA ILE G 165 5.29 -44.16 29.68
C ILE G 165 6.66 -44.54 29.17
N LEU G 166 7.67 -43.79 29.62
CA LEU G 166 9.05 -44.02 29.28
C LEU G 166 9.80 -44.56 30.48
N THR G 167 10.58 -45.66 30.26
CA THR G 167 11.46 -46.21 31.28
C THR G 167 12.75 -45.39 31.39
N PRO G 168 13.39 -45.40 32.55
CA PRO G 168 14.52 -44.47 32.80
C PRO G 168 15.58 -44.46 31.72
N ILE G 169 15.84 -45.59 31.04
CA ILE G 169 16.86 -45.59 30.00
C ILE G 169 16.38 -44.88 28.73
N GLU G 170 15.13 -45.13 28.31
CA GLU G 170 14.49 -44.33 27.28
C GLU G 170 14.60 -42.85 27.63
N VAL G 171 14.35 -42.51 28.90
CA VAL G 171 14.42 -41.13 29.37
C VAL G 171 15.81 -40.53 29.13
N ALA G 172 16.86 -41.34 29.36
CA ALA G 172 18.23 -40.89 29.13
C ALA G 172 18.58 -40.81 27.64
N ILE G 173 18.00 -41.70 26.82
CA ILE G 173 18.19 -41.59 25.39
C ILE G 173 17.70 -40.24 24.90
N GLU G 174 16.45 -39.89 25.22
CA GLU G 174 15.92 -38.55 24.90
C GLU G 174 16.86 -37.45 25.38
N ASP G 175 17.25 -37.48 26.66
CA ASP G 175 18.20 -36.50 27.16
C ASP G 175 19.44 -36.47 26.29
N MET G 176 20.03 -37.65 26.02
CA MET G 176 21.20 -37.71 25.16
C MET G 176 20.91 -37.17 23.77
N GLN G 177 19.85 -37.70 23.12
CA GLN G 177 19.50 -37.35 21.75
C GLN G 177 19.35 -35.84 21.56
N LYS G 178 18.70 -35.17 22.53
CA LYS G 178 18.39 -33.75 22.39
C LYS G 178 19.63 -32.91 22.60
N LYS G 179 20.47 -33.25 23.59
CA LYS G 179 21.74 -32.54 23.73
C LYS G 179 22.68 -32.80 22.54
N THR G 180 22.64 -33.99 21.95
CA THR G 180 23.49 -34.23 20.80
C THR G 180 23.14 -33.24 19.69
N GLN G 181 21.89 -33.26 19.24
CA GLN G 181 21.45 -32.40 18.14
C GLN G 181 21.67 -30.94 18.47
N GLU G 182 21.53 -30.58 19.75
CA GLU G 182 21.73 -29.20 20.18
C GLU G 182 23.14 -28.73 19.85
N LEU G 183 24.14 -29.57 20.21
CA LEU G 183 25.52 -29.41 19.78
C LEU G 183 25.63 -29.33 18.25
N ALA G 184 24.95 -30.23 17.53
CA ALA G 184 24.97 -30.18 16.06
C ALA G 184 24.46 -28.83 15.54
N PHE G 185 23.32 -28.35 16.06
CA PHE G 185 22.77 -27.12 15.53
C PHE G 185 23.73 -25.93 15.73
N ALA G 186 24.15 -25.70 16.98
CA ALA G 186 25.05 -24.57 17.26
C ALA G 186 26.37 -24.67 16.50
N THR G 187 26.78 -25.89 16.15
CA THR G 187 28.02 -26.04 15.41
C THR G 187 27.86 -25.65 13.96
N HIS G 188 26.85 -26.21 13.29
CA HIS G 188 26.79 -26.13 11.83
C HIS G 188 25.86 -25.02 11.35
N GLN G 189 25.90 -23.83 11.99
CA GLN G 189 25.05 -22.69 11.63
C GLN G 189 25.87 -21.47 11.22
N ASP G 190 25.31 -20.70 10.29
CA ASP G 190 25.99 -19.63 9.55
C ASP G 190 25.19 -18.34 9.59
N PRO G 191 25.76 -17.23 10.07
CA PRO G 191 27.03 -17.18 10.82
C PRO G 191 26.99 -17.93 12.15
N ALA G 192 28.06 -17.89 12.92
CA ALA G 192 28.03 -18.62 14.17
C ALA G 192 27.65 -17.68 15.31
N ASP G 193 27.13 -18.28 16.38
CA ASP G 193 26.75 -17.57 17.60
C ASP G 193 27.62 -18.14 18.72
N PRO G 194 28.85 -17.65 18.81
CA PRO G 194 29.84 -18.33 19.67
C PRO G 194 29.38 -18.49 21.10
N LYS G 195 28.62 -17.53 21.61
CA LYS G 195 28.11 -17.67 22.96
C LYS G 195 27.16 -18.85 23.04
N MET G 196 26.24 -18.98 22.08
CA MET G 196 25.33 -20.11 22.08
C MET G 196 26.07 -21.44 21.97
N LEU G 197 27.14 -21.48 21.14
CA LEU G 197 27.89 -22.73 21.01
C LEU G 197 28.54 -23.13 22.33
N GLN G 198 29.26 -22.19 22.96
CA GLN G 198 29.97 -22.48 24.20
C GLN G 198 29.01 -22.82 25.32
N MET G 199 27.79 -22.27 25.28
CA MET G 199 26.81 -22.58 26.32
C MET G 199 26.42 -24.04 26.29
N VAL G 200 26.35 -24.64 25.09
CA VAL G 200 25.91 -26.02 24.99
C VAL G 200 27.06 -26.98 25.22
N LEU G 201 28.22 -26.67 24.62
CA LEU G 201 29.41 -27.51 24.78
C LEU G 201 29.85 -27.53 26.23
N GLN G 202 30.01 -26.36 26.85
CA GLN G 202 30.49 -26.33 28.23
C GLN G 202 29.51 -27.02 29.16
N GLY G 203 28.24 -27.01 28.81
CA GLY G 203 27.32 -27.83 29.54
C GLY G 203 27.35 -29.30 29.16
N SER G 204 28.05 -29.67 28.09
CA SER G 204 28.04 -31.04 27.62
C SER G 204 29.25 -31.81 28.10
N VAL G 205 30.42 -31.19 28.00
CA VAL G 205 31.67 -31.85 28.35
C VAL G 205 32.12 -31.34 29.71
N GLY G 206 31.80 -30.08 30.02
CA GLY G 206 32.21 -29.45 31.25
C GLY G 206 31.11 -29.21 32.27
N THR G 207 30.33 -30.25 32.55
CA THR G 207 29.26 -30.10 33.51
C THR G 207 29.84 -29.99 34.92
N THR G 208 29.44 -28.95 35.64
CA THR G 208 29.82 -28.76 37.03
C THR G 208 28.68 -29.03 38.02
N VAL G 209 27.43 -28.81 37.61
CA VAL G 209 26.27 -28.90 38.52
C VAL G 209 25.54 -30.22 38.38
N ASN G 210 25.22 -30.62 37.16
CA ASN G 210 24.44 -31.83 37.03
C ASN G 210 25.38 -33.00 36.77
N GLN G 211 24.80 -34.19 36.71
CA GLN G 211 25.53 -35.44 36.80
C GLN G 211 26.43 -35.73 35.61
N GLY G 212 26.35 -34.95 34.53
CA GLY G 212 27.20 -35.16 33.38
C GLY G 212 26.84 -36.42 32.61
N PRO G 213 27.36 -36.55 31.37
CA PRO G 213 26.96 -37.72 30.55
C PRO G 213 27.60 -39.02 31.02
N LEU G 214 28.85 -38.97 31.52
CA LEU G 214 29.53 -40.17 31.96
C LEU G 214 28.61 -41.05 32.80
N GLU G 215 27.90 -40.43 33.76
CA GLU G 215 27.13 -41.20 34.71
C GLU G 215 26.07 -42.00 33.97
N VAL G 216 25.45 -41.41 32.94
CA VAL G 216 24.40 -42.10 32.20
C VAL G 216 24.92 -43.46 31.75
N ALA G 217 26.15 -43.49 31.24
CA ALA G 217 26.71 -44.76 30.75
C ALA G 217 26.95 -45.74 31.90
N GLN G 218 27.65 -45.28 32.95
CA GLN G 218 27.87 -46.14 34.13
C GLN G 218 26.56 -46.73 34.64
N VAL G 219 25.46 -46.00 34.51
CA VAL G 219 24.22 -46.43 35.12
C VAL G 219 23.49 -47.44 34.24
N PHE G 220 23.59 -47.31 32.91
CA PHE G 220 22.82 -48.14 31.98
C PHE G 220 23.67 -49.08 31.13
N LEU G 221 24.99 -48.89 31.08
CA LEU G 221 25.85 -49.65 30.18
C LEU G 221 26.91 -50.49 30.90
N SER G 222 26.84 -50.60 32.23
CA SER G 222 27.80 -51.43 32.93
C SER G 222 27.56 -52.91 32.64
N GLU G 223 26.29 -53.30 32.50
CA GLU G 223 25.90 -54.68 32.22
C GLU G 223 25.15 -54.75 30.90
N ILE G 224 25.51 -55.73 30.11
CA ILE G 224 24.73 -56.06 28.92
C ILE G 224 23.51 -56.86 29.36
N PRO G 225 22.31 -56.50 28.94
CA PRO G 225 21.12 -57.01 29.61
C PRO G 225 20.78 -58.43 29.20
N SER G 226 19.97 -59.05 30.05
CA SER G 226 19.53 -60.42 29.83
C SER G 226 18.41 -60.49 28.81
N ASP G 227 17.29 -59.80 29.09
CA ASP G 227 16.15 -59.85 28.19
C ASP G 227 16.55 -59.27 26.83
N PRO G 228 16.25 -59.96 25.73
CA PRO G 228 16.31 -59.32 24.41
C PRO G 228 15.63 -57.95 24.39
N LYS G 229 14.32 -57.87 24.64
CA LYS G 229 13.59 -56.60 24.54
C LYS G 229 14.27 -55.45 25.30
N LEU G 230 15.22 -55.74 26.19
CA LEU G 230 16.03 -54.74 26.86
C LEU G 230 17.32 -54.46 26.12
N PHE G 231 17.68 -55.30 25.13
CA PHE G 231 18.88 -55.07 24.35
C PHE G 231 18.70 -53.84 23.45
N ARG G 232 17.48 -53.63 22.92
CA ARG G 232 17.17 -52.46 22.09
C ARG G 232 17.64 -51.16 22.76
N HIS G 233 17.11 -50.90 23.95
CA HIS G 233 17.46 -49.67 24.66
C HIS G 233 18.94 -49.61 24.98
N HIS G 234 19.52 -50.74 25.44
CA HIS G 234 20.95 -50.76 25.69
C HIS G 234 21.72 -50.38 24.42
N ASN G 235 21.46 -51.07 23.31
CA ASN G 235 22.22 -50.80 22.10
C ASN G 235 22.06 -49.35 21.66
N LYS G 236 20.82 -48.86 21.61
CA LYS G 236 20.58 -47.49 21.17
C LYS G 236 21.39 -46.49 22.00
N LEU G 237 21.10 -46.43 23.30
CA LEU G 237 21.85 -45.51 24.16
C LEU G 237 23.34 -45.60 23.87
N ARG G 238 23.87 -46.83 23.80
CA ARG G 238 25.26 -47.05 23.44
C ARG G 238 25.63 -46.32 22.15
N LEU G 239 24.74 -46.36 21.15
CA LEU G 239 25.06 -45.71 19.88
C LEU G 239 24.83 -44.21 19.93
N CYS G 240 23.90 -43.75 20.75
CA CYS G 240 23.75 -42.31 20.88
C CYS G 240 24.95 -41.68 21.53
N PHE G 241 25.73 -42.47 22.27
CA PHE G 241 26.97 -41.97 22.84
C PHE G 241 28.09 -41.90 21.82
N LYS G 242 28.15 -42.86 20.89
CA LYS G 242 29.05 -42.70 19.76
C LYS G 242 28.69 -41.44 18.96
N ASP G 243 27.39 -41.19 18.72
CA ASP G 243 27.02 -40.01 17.95
C ASP G 243 27.27 -38.74 18.75
N PHE G 244 26.81 -38.72 20.00
CA PHE G 244 27.10 -37.62 20.90
C PHE G 244 28.57 -37.25 20.85
N THR G 245 29.42 -38.25 21.00
CA THR G 245 30.83 -38.02 21.30
C THR G 245 31.53 -37.34 20.13
N LYS G 246 30.99 -37.48 18.93
CA LYS G 246 31.53 -36.80 17.77
C LYS G 246 30.96 -35.41 17.59
N ARG G 247 29.78 -35.13 18.14
CA ARG G 247 29.27 -33.76 18.07
C ARG G 247 30.03 -32.84 19.00
N CYS G 248 30.37 -33.34 20.19
CA CYS G 248 31.32 -32.62 21.04
C CYS G 248 32.58 -32.33 20.25
N GLU G 249 33.08 -33.35 19.55
CA GLU G 249 34.27 -33.24 18.73
C GLU G 249 34.16 -32.11 17.71
N ASP G 250 33.21 -32.23 16.76
CA ASP G 250 32.97 -31.14 15.80
C ASP G 250 32.83 -29.79 16.49
N ALA G 251 31.96 -29.71 17.50
CA ALA G 251 31.66 -28.41 18.12
C ALA G 251 32.89 -27.82 18.77
N LEU G 252 33.72 -28.68 19.38
CA LEU G 252 35.02 -28.27 19.91
C LEU G 252 35.86 -27.68 18.79
N ARG G 253 36.26 -28.54 17.85
CA ARG G 253 36.95 -28.19 16.61
C ARG G 253 36.52 -26.81 16.11
N LYS G 254 35.19 -26.59 16.07
CA LYS G 254 34.62 -25.34 15.56
C LYS G 254 34.80 -24.18 16.55
N ASN G 255 34.62 -24.44 17.85
CA ASN G 255 34.79 -23.36 18.82
C ASN G 255 36.20 -22.79 18.77
N LYS G 256 37.21 -23.65 18.60
CA LYS G 256 38.59 -23.25 18.41
C LYS G 256 38.67 -22.08 17.43
N SER G 257 37.86 -22.13 16.36
CA SER G 257 37.96 -21.10 15.31
C SER G 257 37.45 -19.75 15.77
N LEU G 258 36.44 -19.73 16.63
CA LEU G 258 35.70 -18.51 16.85
C LEU G 258 36.21 -17.67 18.02
N ILE G 259 36.98 -18.27 18.95
CA ILE G 259 37.33 -17.55 20.18
C ILE G 259 38.49 -16.63 19.87
N GLY G 260 38.86 -15.80 20.85
CA GLY G 260 40.03 -14.98 20.78
C GLY G 260 41.15 -15.48 21.68
N PRO G 261 42.10 -14.60 22.00
CA PRO G 261 43.20 -15.00 22.89
C PRO G 261 42.75 -15.29 24.31
N ASP G 262 41.74 -14.59 24.82
CA ASP G 262 41.27 -14.80 26.20
C ASP G 262 40.85 -16.24 26.46
N GLN G 263 40.04 -16.79 25.57
CA GLN G 263 39.40 -18.07 25.83
C GLN G 263 40.23 -19.25 25.33
N LYS G 264 41.48 -19.02 24.94
CA LYS G 264 42.38 -20.12 24.61
C LYS G 264 42.47 -21.11 25.77
N GLU G 265 42.50 -20.61 27.00
CA GLU G 265 42.49 -21.54 28.11
C GLU G 265 41.10 -22.12 28.38
N TYR G 266 40.05 -21.30 28.18
CA TYR G 266 38.66 -21.79 28.12
C TYR G 266 38.54 -22.96 27.15
N GLN G 267 38.97 -22.75 25.90
CA GLN G 267 38.94 -23.81 24.91
C GLN G 267 39.75 -25.01 25.37
N ARG G 268 40.94 -24.77 25.92
CA ARG G 268 41.81 -25.86 26.32
C ARG G 268 41.16 -26.74 27.39
N GLU G 269 40.54 -26.13 28.42
CA GLU G 269 39.93 -26.96 29.46
C GLU G 269 38.70 -27.70 28.97
N LEU G 270 37.99 -27.14 27.98
CA LEU G 270 36.89 -27.87 27.35
C LEU G 270 37.39 -29.14 26.65
N GLU G 271 38.47 -29.01 25.86
CA GLU G 271 39.07 -30.16 25.19
C GLU G 271 39.65 -31.14 26.19
N ARG G 272 40.21 -30.59 27.28
CA ARG G 272 40.77 -31.42 28.33
C ARG G 272 39.69 -32.28 28.96
N ASN G 273 38.60 -31.64 29.40
CA ASN G 273 37.48 -32.38 29.99
C ASN G 273 36.92 -33.40 29.01
N TYR G 274 36.88 -33.06 27.72
CA TYR G 274 36.33 -34.00 26.74
C TYR G 274 37.19 -35.26 26.65
N HIS G 275 38.49 -35.08 26.39
CA HIS G 275 39.39 -36.22 26.26
C HIS G 275 39.25 -37.17 27.42
N ARG G 276 39.29 -36.64 28.64
CA ARG G 276 39.05 -37.45 29.83
C ARG G 276 37.75 -38.22 29.73
N LEU G 277 36.75 -37.68 29.01
CA LEU G 277 35.44 -38.33 28.93
C LEU G 277 35.44 -39.47 27.93
N LYS G 278 36.03 -39.28 26.73
CA LYS G 278 36.01 -40.35 25.74
C LYS G 278 36.91 -41.50 26.16
N GLU G 279 37.95 -41.21 26.95
CA GLU G 279 38.64 -42.27 27.67
C GLU G 279 37.67 -43.03 28.54
N ALA G 280 36.99 -42.30 29.42
CA ALA G 280 36.09 -42.93 30.38
C ALA G 280 35.03 -43.75 29.68
N LEU G 281 34.58 -43.31 28.51
CA LEU G 281 33.44 -43.94 27.87
C LEU G 281 33.85 -45.17 27.06
N GLN G 282 35.08 -45.22 26.57
CA GLN G 282 35.43 -46.29 25.64
C GLN G 282 35.20 -47.68 26.24
N PRO G 283 35.41 -47.94 27.53
CA PRO G 283 35.03 -49.26 28.09
C PRO G 283 33.58 -49.64 27.87
N LEU G 284 32.70 -48.66 27.67
CA LEU G 284 31.26 -48.87 27.69
C LEU G 284 30.59 -48.77 26.34
N ILE G 285 31.12 -47.94 25.43
CA ILE G 285 30.53 -47.77 24.11
C ILE G 285 30.80 -48.96 23.19
N ASN G 286 31.78 -49.82 23.51
CA ASN G 286 32.11 -50.95 22.62
C ASN G 286 31.97 -52.29 23.32
N MET H 8 22.49 -7.34 20.41
CA MET H 8 21.41 -8.25 19.95
C MET H 8 21.81 -9.57 19.17
N GLN H 9 22.44 -10.50 19.88
CA GLN H 9 22.57 -11.92 19.50
C GLN H 9 22.32 -12.75 20.74
N THR H 10 23.16 -13.72 21.06
CA THR H 10 22.97 -14.39 22.35
C THR H 10 23.59 -13.56 23.46
N ILE H 11 22.78 -13.14 24.43
CA ILE H 11 23.30 -12.46 25.60
C ILE H 11 23.92 -13.50 26.54
N LYS H 12 25.18 -13.31 26.91
CA LYS H 12 25.84 -14.26 27.81
C LYS H 12 25.59 -13.82 29.25
N CYS H 13 24.68 -14.51 29.91
CA CYS H 13 24.40 -14.29 31.32
C CYS H 13 24.94 -15.47 32.11
N VAL H 14 25.60 -15.17 33.22
CA VAL H 14 26.22 -16.18 34.06
C VAL H 14 25.56 -16.12 35.44
N VAL H 15 25.09 -17.28 35.92
CA VAL H 15 24.39 -17.38 37.20
C VAL H 15 25.35 -17.93 38.25
N VAL H 16 25.60 -17.15 39.31
CA VAL H 16 26.51 -17.55 40.37
C VAL H 16 25.74 -17.54 41.68
N GLY H 17 26.18 -18.38 42.61
CA GLY H 17 25.55 -18.45 43.91
C GLY H 17 25.65 -19.86 44.47
N ASP H 18 25.18 -20.01 45.71
CA ASP H 18 25.58 -21.17 46.49
C ASP H 18 24.79 -22.41 46.09
N GLY H 19 25.28 -23.55 46.56
CA GLY H 19 24.49 -24.75 46.49
C GLY H 19 23.29 -24.70 47.42
N ALA H 20 22.28 -25.48 47.06
CA ALA H 20 21.07 -25.75 47.83
C ALA H 20 20.09 -24.56 47.92
N VAL H 21 20.34 -23.46 47.20
CA VAL H 21 19.43 -22.32 47.27
C VAL H 21 18.44 -22.36 46.13
N GLY H 22 18.47 -23.43 45.33
CA GLY H 22 17.61 -23.49 44.17
C GLY H 22 17.95 -22.49 43.07
N LYS H 23 19.25 -22.16 42.89
CA LYS H 23 19.71 -21.48 41.67
C LYS H 23 19.16 -22.13 40.43
N THR H 24 19.55 -23.38 40.25
CA THR H 24 19.17 -24.13 39.06
C THR H 24 17.66 -24.29 39.00
N CYS H 25 17.07 -24.73 40.12
CA CYS H 25 15.64 -25.03 40.12
C CYS H 25 14.82 -23.96 39.42
N LEU H 26 15.20 -22.67 39.57
CA LEU H 26 14.44 -21.64 38.90
C LEU H 26 14.87 -21.45 37.45
N LEU H 27 16.14 -21.67 37.14
CA LEU H 27 16.60 -21.45 35.76
C LEU H 27 16.00 -22.48 34.82
N ILE H 28 15.75 -23.69 35.29
CA ILE H 28 15.20 -24.72 34.42
C ILE H 28 13.69 -24.62 34.36
N SER H 29 13.03 -24.28 35.49
CA SER H 29 11.59 -24.07 35.47
C SER H 29 11.19 -22.89 34.59
N TYR H 30 11.96 -21.80 34.64
CA TYR H 30 11.61 -20.66 33.81
C TYR H 30 11.81 -20.98 32.34
N THR H 31 12.99 -21.46 31.96
CA THR H 31 13.31 -21.61 30.55
C THR H 31 12.59 -22.75 29.86
N THR H 32 11.90 -23.62 30.60
CA THR H 32 11.15 -24.71 29.99
C THR H 32 9.64 -24.56 30.18
N ASN H 33 9.21 -23.48 30.85
CA ASN H 33 7.80 -23.23 31.13
C ASN H 33 7.16 -24.36 31.94
N LYS H 34 7.83 -24.74 33.03
CA LYS H 34 7.32 -25.74 33.95
C LYS H 34 7.42 -25.22 35.39
N PHE H 35 6.66 -25.87 36.26
CA PHE H 35 6.78 -25.63 37.70
C PHE H 35 7.85 -26.53 38.28
N PRO H 36 8.39 -26.20 39.45
CA PRO H 36 9.41 -27.10 40.03
C PRO H 36 8.91 -28.52 40.22
N SER H 37 7.60 -28.70 40.37
CA SER H 37 6.98 -30.01 40.60
C SER H 37 7.08 -30.95 39.41
N GLU H 38 7.68 -30.54 38.30
CA GLU H 38 7.40 -31.26 37.08
C GLU H 38 8.38 -30.98 35.94
N TYR H 39 9.52 -30.34 36.17
CA TYR H 39 10.44 -30.15 35.05
C TYR H 39 11.07 -31.50 34.66
N VAL H 40 11.54 -31.60 33.42
CA VAL H 40 12.22 -32.82 33.00
C VAL H 40 13.68 -32.72 33.42
N PRO H 41 14.17 -33.60 34.28
CA PRO H 41 15.54 -33.47 34.78
C PRO H 41 16.54 -33.94 33.73
N THR H 42 17.78 -33.55 33.97
CA THR H 42 18.80 -33.60 32.93
C THR H 42 20.12 -33.90 33.59
N VAL H 43 21.10 -34.29 32.77
CA VAL H 43 22.46 -34.46 33.22
C VAL H 43 23.40 -33.44 32.59
N PHE H 44 22.88 -32.37 32.01
CA PHE H 44 23.74 -31.31 31.51
C PHE H 44 23.49 -30.00 32.27
N ASP H 45 24.35 -29.02 32.06
CA ASP H 45 24.25 -27.70 32.67
C ASP H 45 23.90 -26.69 31.61
N ASN H 46 23.39 -25.53 32.06
CA ASN H 46 23.07 -24.36 31.22
C ASN H 46 21.75 -24.50 30.46
N TYR H 47 21.13 -23.36 30.18
CA TYR H 47 19.73 -23.24 29.79
C TYR H 47 19.57 -21.98 28.93
N ALA H 48 18.76 -22.06 27.86
CA ALA H 48 18.48 -20.87 27.05
C ALA H 48 16.99 -20.61 26.88
N VAL H 49 16.68 -19.39 26.48
CA VAL H 49 15.31 -18.92 26.50
C VAL H 49 15.23 -17.72 25.59
N THR H 50 14.06 -17.53 25.00
CA THR H 50 13.80 -16.31 24.28
C THR H 50 12.68 -15.55 24.98
N VAL H 51 12.81 -14.24 24.95
CA VAL H 51 12.12 -13.33 25.84
C VAL H 51 11.72 -12.12 25.03
N MET H 52 10.55 -11.57 25.28
CA MET H 52 10.12 -10.46 24.46
C MET H 52 10.01 -9.16 25.28
N ILE H 53 10.50 -8.07 24.67
CA ILE H 53 10.51 -6.73 25.25
C ILE H 53 10.35 -5.71 24.13
N GLY H 54 9.47 -4.73 24.33
CA GLY H 54 9.22 -3.72 23.31
C GLY H 54 8.59 -4.22 22.03
N GLY H 55 8.50 -5.54 21.83
CA GLY H 55 8.10 -6.13 20.57
C GLY H 55 9.24 -6.71 19.75
N GLU H 56 10.47 -6.65 20.28
CA GLU H 56 11.64 -7.33 19.78
C GLU H 56 11.90 -8.53 20.67
N PRO H 57 12.19 -9.71 20.12
CA PRO H 57 12.61 -10.83 20.98
C PRO H 57 14.11 -10.78 21.24
N TYR H 58 14.49 -11.05 22.49
CA TYR H 58 15.89 -11.05 22.91
C TYR H 58 16.21 -12.43 23.49
N THR H 59 17.23 -13.07 22.93
CA THR H 59 17.61 -14.42 23.31
C THR H 59 18.78 -14.40 24.30
N LEU H 60 18.64 -15.16 25.36
CA LEU H 60 19.45 -15.03 26.56
C LEU H 60 19.98 -16.40 26.96
N GLY H 61 21.30 -16.58 26.88
CA GLY H 61 21.93 -17.83 27.27
C GLY H 61 22.42 -17.79 28.70
N LEU H 62 21.94 -18.74 29.51
CA LEU H 62 22.17 -18.74 30.96
C LEU H 62 23.16 -19.84 31.34
N PHE H 63 24.30 -19.43 31.91
CA PHE H 63 25.36 -20.35 32.28
C PHE H 63 25.22 -20.67 33.76
N ASP H 64 25.09 -21.95 34.09
CA ASP H 64 24.89 -22.35 35.48
C ASP H 64 26.21 -22.83 36.08
N THR H 65 26.51 -22.34 37.27
CA THR H 65 27.77 -22.60 37.97
C THR H 65 27.51 -23.35 39.28
N ALA H 66 28.52 -24.08 39.74
CA ALA H 66 28.43 -24.73 41.04
C ALA H 66 28.79 -23.74 42.14
N GLY H 67 28.29 -24.00 43.34
CA GLY H 67 28.57 -23.17 44.49
C GLY H 67 29.77 -23.63 45.27
N GLN H 68 30.05 -24.93 45.24
CA GLN H 68 31.03 -25.55 46.14
C GLN H 68 32.43 -24.98 45.91
N GLU H 69 33.28 -25.15 46.93
CA GLU H 69 34.70 -24.77 46.78
C GLU H 69 35.34 -25.62 45.70
N ASP H 70 34.96 -26.89 45.61
CA ASP H 70 35.58 -27.81 44.68
C ASP H 70 35.47 -27.36 43.24
N TYR H 71 34.58 -26.42 42.95
CA TYR H 71 34.41 -25.89 41.60
C TYR H 71 34.97 -24.47 41.45
N ASP H 72 35.75 -24.01 42.44
CA ASP H 72 36.50 -22.77 42.34
C ASP H 72 37.53 -22.84 41.23
N ARG H 73 38.28 -23.95 41.17
CA ARG H 73 39.42 -24.02 40.25
C ARG H 73 38.99 -23.71 38.83
N LEU H 74 37.86 -24.26 38.42
CA LEU H 74 37.43 -24.18 37.03
C LEU H 74 36.35 -23.13 36.77
N ARG H 75 35.75 -22.53 37.81
CA ARG H 75 34.63 -21.63 37.57
C ARG H 75 35.00 -20.42 36.69
N PRO H 76 35.99 -19.58 37.02
CA PRO H 76 36.11 -18.29 36.30
C PRO H 76 36.57 -18.44 34.87
N LEU H 77 36.92 -19.64 34.44
CA LEU H 77 37.14 -19.88 33.03
C LEU H 77 35.92 -19.50 32.19
N SER H 78 34.71 -19.52 32.76
CA SER H 78 33.52 -19.16 32.00
C SER H 78 33.24 -17.66 32.00
N TYR H 79 34.03 -16.85 32.72
CA TYR H 79 33.66 -15.45 32.92
C TYR H 79 33.96 -14.53 31.74
N PRO H 80 35.01 -14.73 30.94
CA PRO H 80 35.26 -13.82 29.82
C PRO H 80 34.05 -13.66 28.92
N GLN H 81 33.96 -12.47 28.32
CA GLN H 81 32.98 -12.15 27.29
C GLN H 81 31.52 -12.32 27.79
N THR H 82 31.34 -12.38 29.11
CA THR H 82 30.02 -12.29 29.74
C THR H 82 29.38 -10.92 29.46
N ASP H 83 28.06 -10.90 29.51
CA ASP H 83 27.29 -9.69 29.30
C ASP H 83 26.58 -9.18 30.56
N VAL H 84 26.22 -10.09 31.46
CA VAL H 84 25.56 -9.74 32.72
C VAL H 84 25.67 -10.94 33.65
N PHE H 85 25.77 -10.68 34.95
CA PHE H 85 25.78 -11.72 35.97
C PHE H 85 24.48 -11.70 36.77
N LEU H 86 24.14 -12.87 37.30
CA LEU H 86 23.02 -13.03 38.21
C LEU H 86 23.58 -13.62 39.49
N VAL H 87 23.52 -12.85 40.56
CA VAL H 87 24.04 -13.30 41.85
C VAL H 87 22.85 -13.77 42.68
N CYS H 88 22.88 -15.02 43.14
CA CYS H 88 21.69 -15.69 43.66
C CYS H 88 21.86 -16.10 45.12
N PHE H 89 20.96 -15.61 45.96
CA PHE H 89 20.81 -16.10 47.31
C PHE H 89 19.36 -16.51 47.54
N SER H 90 19.15 -17.37 48.52
CA SER H 90 17.80 -17.75 48.95
C SER H 90 17.35 -16.85 50.09
N VAL H 91 16.28 -16.08 49.85
CA VAL H 91 15.87 -15.02 50.77
C VAL H 91 15.59 -15.59 52.17
N VAL H 92 15.68 -16.91 52.30
CA VAL H 92 15.49 -17.61 53.56
C VAL H 92 16.71 -18.43 53.97
N SER H 93 17.86 -18.17 53.35
CA SER H 93 19.12 -18.78 53.76
C SER H 93 20.13 -17.67 53.98
N PRO H 94 20.24 -17.15 55.20
CA PRO H 94 21.25 -16.12 55.45
C PRO H 94 22.66 -16.53 55.04
N SER H 95 23.04 -17.80 55.22
CA SER H 95 24.37 -18.24 54.82
C SER H 95 24.64 -17.89 53.36
N SER H 96 23.71 -18.21 52.45
CA SER H 96 23.88 -17.85 51.05
C SER H 96 23.87 -16.33 50.85
N PHE H 97 23.15 -15.59 51.70
CA PHE H 97 23.13 -14.14 51.59
C PHE H 97 24.49 -13.56 51.90
N GLU H 98 25.17 -14.11 52.91
CA GLU H 98 26.49 -13.64 53.29
C GLU H 98 27.50 -13.83 52.17
N ASN H 99 27.44 -14.97 51.46
CA ASN H 99 28.45 -15.26 50.45
C ASN H 99 28.33 -14.33 49.26
N VAL H 100 27.21 -13.66 49.10
CA VAL H 100 27.13 -12.60 48.11
C VAL H 100 28.13 -11.50 48.42
N LYS H 101 28.46 -11.29 49.69
CA LYS H 101 29.40 -10.26 50.08
C LYS H 101 30.82 -10.78 50.22
N GLU H 102 31.01 -11.96 50.80
CA GLU H 102 32.35 -12.47 51.03
C GLU H 102 32.86 -13.42 49.95
N LYS H 103 32.04 -13.78 48.96
CA LYS H 103 32.55 -14.64 47.89
C LYS H 103 32.14 -14.15 46.52
N TRP H 104 30.84 -14.12 46.25
CA TRP H 104 30.35 -14.06 44.88
C TRP H 104 30.63 -12.70 44.23
N VAL H 105 30.02 -11.63 44.75
CA VAL H 105 30.24 -10.31 44.17
C VAL H 105 31.73 -9.99 44.16
N PRO H 106 32.52 -10.32 45.19
CA PRO H 106 33.99 -10.27 45.06
C PRO H 106 34.55 -10.99 43.83
N GLU H 107 34.26 -12.29 43.71
CA GLU H 107 34.87 -13.09 42.64
C GLU H 107 34.55 -12.51 41.26
N ILE H 108 33.29 -12.13 40.99
CA ILE H 108 32.97 -11.71 39.63
C ILE H 108 33.61 -10.36 39.33
N THR H 109 33.48 -9.38 40.23
CA THR H 109 33.98 -8.05 39.94
C THR H 109 35.49 -7.99 39.80
N HIS H 110 36.22 -8.92 40.43
CA HIS H 110 37.63 -9.12 40.12
C HIS H 110 37.81 -9.37 38.63
N HIS H 111 37.16 -10.43 38.13
CA HIS H 111 37.39 -10.83 36.75
C HIS H 111 36.72 -9.88 35.77
N CYS H 112 35.53 -9.37 36.08
CA CYS H 112 34.76 -8.59 35.10
C CYS H 112 34.33 -7.25 35.70
N PRO H 113 35.29 -6.35 35.92
CA PRO H 113 34.98 -5.07 36.60
C PRO H 113 33.96 -4.21 35.89
N LYS H 114 34.04 -4.08 34.57
CA LYS H 114 33.08 -3.24 33.86
C LYS H 114 31.74 -3.94 33.66
N THR H 115 31.67 -5.28 33.81
CA THR H 115 30.44 -5.99 33.47
C THR H 115 29.40 -5.86 34.60
N PRO H 116 28.13 -5.60 34.25
CA PRO H 116 27.11 -5.32 35.26
C PRO H 116 26.45 -6.58 35.79
N PHE H 117 25.85 -6.45 36.97
CA PHE H 117 25.28 -7.62 37.62
C PHE H 117 24.07 -7.24 38.45
N LEU H 118 23.12 -8.17 38.51
CA LEU H 118 21.90 -8.08 39.30
C LEU H 118 22.03 -8.95 40.54
N LEU H 119 21.28 -8.59 41.57
CA LEU H 119 21.15 -9.38 42.79
C LEU H 119 19.80 -10.08 42.79
N VAL H 120 19.81 -11.40 42.96
CA VAL H 120 18.59 -12.18 42.82
C VAL H 120 18.39 -13.03 44.06
N GLY H 121 17.31 -12.75 44.79
CA GLY H 121 16.93 -13.53 45.95
C GLY H 121 15.81 -14.47 45.57
N THR H 122 15.97 -15.73 45.93
CA THR H 122 15.09 -16.78 45.46
C THR H 122 14.36 -17.40 46.62
N GLN H 123 13.29 -18.11 46.26
CA GLN H 123 12.47 -18.88 47.19
C GLN H 123 11.61 -17.98 48.06
N ILE H 124 11.22 -16.80 47.55
CA ILE H 124 10.52 -15.84 48.38
C ILE H 124 9.16 -16.35 48.84
N ASP H 125 8.66 -17.46 48.27
CA ASP H 125 7.41 -18.03 48.75
C ASP H 125 7.54 -18.57 50.17
N LEU H 126 8.71 -19.08 50.54
CA LEU H 126 8.96 -19.57 51.89
C LEU H 126 9.19 -18.46 52.90
N ARG H 127 9.19 -17.19 52.48
CA ARG H 127 9.28 -16.10 53.45
C ARG H 127 7.96 -15.94 54.19
N ASP H 128 6.86 -15.78 53.46
CA ASP H 128 5.53 -15.71 54.06
C ASP H 128 4.99 -17.07 54.50
N ASP H 129 5.87 -18.05 54.74
CA ASP H 129 5.47 -19.40 55.16
C ASP H 129 5.77 -19.60 56.63
N PRO H 130 4.75 -19.63 57.52
CA PRO H 130 5.01 -19.56 58.98
C PRO H 130 5.49 -20.86 59.60
N SER H 131 6.10 -21.73 58.80
CA SER H 131 6.65 -22.99 59.29
C SER H 131 8.17 -23.04 59.19
N THR H 132 8.72 -22.87 57.97
CA THR H 132 10.15 -22.56 57.83
C THR H 132 10.55 -21.45 58.79
N ILE H 133 9.67 -20.45 58.95
CA ILE H 133 9.90 -19.34 59.87
C ILE H 133 10.22 -19.88 61.25
N GLU H 134 9.25 -20.57 61.86
CA GLU H 134 9.45 -21.09 63.21
C GLU H 134 10.38 -22.27 63.24
N LYS H 135 11.10 -22.44 62.14
CA LYS H 135 12.32 -23.22 62.10
C LYS H 135 13.56 -22.34 62.00
N LEU H 136 13.51 -21.29 61.19
CA LEU H 136 14.60 -20.31 61.13
C LEU H 136 14.72 -19.53 62.43
N ALA H 137 13.59 -19.07 62.95
CA ALA H 137 13.60 -18.30 64.18
C ALA H 137 14.23 -19.08 65.33
N LYS H 138 14.15 -20.42 65.30
CA LYS H 138 14.72 -21.30 66.33
C LYS H 138 16.23 -21.48 66.19
N ASN H 139 16.89 -20.58 65.45
CA ASN H 139 18.34 -20.55 65.31
C ASN H 139 18.88 -19.12 65.42
N LYS H 140 18.09 -18.23 66.03
CA LYS H 140 18.40 -16.80 66.15
C LYS H 140 18.52 -16.15 64.78
N GLN H 141 17.83 -16.67 63.78
CA GLN H 141 17.99 -16.20 62.42
C GLN H 141 16.63 -15.87 61.81
N LYS H 142 16.53 -14.67 61.25
CA LYS H 142 15.36 -14.18 60.51
C LYS H 142 15.52 -14.50 59.04
N PRO H 143 14.48 -14.25 58.21
CA PRO H 143 14.70 -14.28 56.74
C PRO H 143 15.48 -13.04 56.27
N ILE H 144 15.41 -12.71 54.99
CA ILE H 144 16.03 -11.49 54.48
C ILE H 144 14.93 -10.56 53.99
N THR H 145 14.89 -9.37 54.54
CA THR H 145 13.85 -8.50 54.05
C THR H 145 14.30 -7.83 52.75
N PRO H 146 13.42 -7.69 51.77
CA PRO H 146 13.80 -7.03 50.50
C PRO H 146 14.49 -5.69 50.64
N GLU H 147 14.25 -4.97 51.73
CA GLU H 147 14.96 -3.71 51.95
C GLU H 147 16.39 -3.94 52.40
N THR H 148 16.62 -4.84 53.35
CA THR H 148 17.99 -5.12 53.71
C THR H 148 18.79 -5.76 52.57
N ALA H 149 18.12 -6.24 51.53
CA ALA H 149 18.77 -6.65 50.29
C ALA H 149 18.72 -5.59 49.21
N GLU H 150 17.69 -4.72 49.24
CA GLU H 150 17.71 -3.53 48.39
C GLU H 150 18.92 -2.65 48.70
N LYS H 151 19.27 -2.50 49.99
CA LYS H 151 20.46 -1.75 50.34
C LYS H 151 21.72 -2.55 50.04
N LEU H 152 21.76 -3.83 50.39
CA LEU H 152 22.88 -4.68 50.03
C LEU H 152 23.18 -4.59 48.52
N ALA H 153 22.15 -4.43 47.69
CA ALA H 153 22.33 -4.29 46.25
C ALA H 153 22.97 -2.96 45.89
N ARG H 154 22.31 -1.86 46.22
CA ARG H 154 22.91 -0.54 46.02
C ARG H 154 24.17 -0.35 46.85
N ASP H 155 24.42 -1.22 47.85
CA ASP H 155 25.69 -1.17 48.58
C ASP H 155 26.82 -1.73 47.72
N LEU H 156 26.71 -3.01 47.28
CA LEU H 156 27.78 -3.65 46.50
C LEU H 156 27.77 -3.21 45.02
N LYS H 157 27.08 -2.12 44.70
CA LYS H 157 26.99 -1.55 43.34
C LYS H 157 26.45 -2.56 42.33
N ALA H 158 25.30 -3.14 42.64
CA ALA H 158 24.60 -4.00 41.71
C ALA H 158 23.53 -3.18 40.99
N VAL H 159 23.32 -3.50 39.71
CA VAL H 159 22.35 -2.79 38.89
C VAL H 159 21.04 -2.57 39.66
N LYS H 160 20.48 -3.65 40.17
CA LYS H 160 19.30 -3.56 41.01
C LYS H 160 19.13 -4.90 41.71
N TYR H 161 18.13 -4.96 42.58
CA TYR H 161 17.80 -6.17 43.32
C TYR H 161 16.38 -6.58 42.98
N VAL H 162 16.24 -7.80 42.46
CA VAL H 162 14.96 -8.42 42.21
C VAL H 162 14.90 -9.72 43.03
N GLU H 163 13.69 -10.27 43.13
CA GLU H 163 13.48 -11.50 43.86
C GLU H 163 12.26 -12.17 43.26
N CYS H 164 12.18 -13.49 43.42
CA CYS H 164 11.14 -14.25 42.71
C CYS H 164 10.84 -15.54 43.46
N SER H 165 9.82 -16.23 42.99
CA SER H 165 9.58 -17.63 43.35
C SER H 165 9.47 -18.46 42.09
N ALA H 166 10.25 -19.52 42.01
CA ALA H 166 10.03 -20.47 40.92
C ALA H 166 8.73 -21.21 41.11
N LEU H 167 8.32 -21.43 42.37
CA LEU H 167 7.09 -22.13 42.64
C LEU H 167 5.90 -21.34 42.18
N THR H 168 5.77 -20.12 42.68
CA THR H 168 4.59 -19.35 42.38
C THR H 168 4.77 -18.43 41.17
N GLN H 169 5.89 -18.52 40.46
CA GLN H 169 6.18 -17.74 39.26
C GLN H 169 6.20 -16.23 39.54
N LYS H 170 6.13 -15.83 40.81
CA LYS H 170 6.06 -14.41 41.15
C LYS H 170 7.36 -13.72 40.77
N GLY H 171 7.24 -12.60 40.05
CA GLY H 171 8.38 -11.79 39.68
C GLY H 171 9.45 -12.57 38.94
N LEU H 172 9.04 -13.71 38.36
CA LEU H 172 10.00 -14.52 37.62
C LEU H 172 10.32 -13.86 36.29
N LYS H 173 9.30 -13.46 35.53
CA LYS H 173 9.54 -12.79 34.25
C LYS H 173 10.35 -11.51 34.42
N ASN H 174 10.14 -10.78 35.53
CA ASN H 174 10.87 -9.53 35.77
C ASN H 174 12.37 -9.78 35.91
N VAL H 175 12.76 -10.88 36.58
CA VAL H 175 14.18 -11.15 36.83
C VAL H 175 14.95 -11.23 35.51
N PHE H 176 14.46 -12.03 34.58
CA PHE H 176 15.21 -12.25 33.34
C PHE H 176 15.02 -11.13 32.33
N ASP H 177 13.86 -10.47 32.36
CA ASP H 177 13.72 -9.25 31.56
C ASP H 177 14.70 -8.20 32.05
N GLU H 178 14.88 -8.10 33.38
CA GLU H 178 15.82 -7.14 33.93
C GLU H 178 17.26 -7.47 33.55
N ALA H 179 17.63 -8.75 33.65
CA ALA H 179 18.96 -9.19 33.24
C ALA H 179 19.26 -8.76 31.80
N ILE H 180 18.31 -8.96 30.89
CA ILE H 180 18.50 -8.57 29.50
C ILE H 180 18.67 -7.06 29.38
N LEU H 181 17.75 -6.30 29.99
CA LEU H 181 17.83 -4.85 29.90
C LEU H 181 19.12 -4.33 30.49
N ALA H 182 19.68 -5.06 31.47
CA ALA H 182 20.94 -4.65 32.08
C ALA H 182 22.09 -4.76 31.08
N ALA H 183 22.22 -5.92 30.42
CA ALA H 183 23.29 -6.12 29.46
C ALA H 183 23.18 -5.16 28.27
N LEU H 184 21.97 -4.76 27.90
CA LEU H 184 21.80 -3.77 26.86
C LEU H 184 22.34 -2.38 27.24
N GLU H 185 22.48 -2.10 28.54
CA GLU H 185 23.02 -0.84 29.02
C GLU H 185 23.35 -0.86 30.51
#